data_5YFZ
#
_entry.id   5YFZ
#
_cell.length_a   101.875
_cell.length_b   58.796
_cell.length_c   235.728
_cell.angle_alpha   90.000
_cell.angle_beta   89.990
_cell.angle_gamma   90.000
#
_symmetry.space_group_name_H-M   'C 1 2 1'
#
loop_
_entity.id
_entity.type
_entity.pdbx_description
1 polymer 'Serine hydroxymethyltransferase'
2 non-polymer N-GLYCINE-[3-HYDROXY-2-METHYL-5-PHOSPHONOOXYMETHYL-PYRIDIN-4-YL-METHANE]
3 non-polymer '2-[1-[3-[(4~{S})-6-azanyl-5-cyano-3-methyl-4-propan-2-yl-2~{H}-pyrano[2,3-c]pyrazol-4-yl]-5-fluoranyl-phenyl]piperidin-4-yl]ethanoic acid'
4 non-polymer 'CHLORIDE ION'
5 water water
#
_entity_poly.entity_id   1
_entity_poly.type   'polypeptide(L)'
_entity_poly.pdbx_seq_one_letter_code
;MFNNEPLEQIDKELHDILADEEKRQRETINLIASENLTNGAVRECLGNRVSNKYSEGYPKKRYYGGNDFIDKIEELCQKR
ALEAFNVSDEEWGVNVQPLSGSAANVQALYALVGVKGKIMGMHLCSGGHLTHGFFDEKKKVSITSDMFESKLYKCNSQGY
VDLDAVREMALSFKPKVIICGYTSYPRDIDYQQFRQICDEVNAYLFADISHISSFVACNILNNPFLHADVVTTTTHKILR
GPRSALIFFNKKRNPGIEQKINSAVFPSFQGGPHNNKIAAVACQLKEVHSPAFKEYTQQVLLNSKALAKALISKQIDLVT
NGTDNHLIVVDLRKFSITGSKLQETCNAINVSLNKNTIPSDVDCVSPSGVRIGTPAMTTRGAKEKDMEFIADVLARAIKI
TVDLQEQYGKKLVDFKKGLPGNAQLQQLKQEVVTWAGALPFP
;
_entity_poly.pdbx_strand_id   A,B,C
#
# COMPACT_ATOMS: atom_id res chain seq x y z
N MET A 1 12.20 9.57 16.88
CA MET A 1 13.69 9.39 16.69
C MET A 1 14.22 10.24 15.52
N PHE A 2 13.99 11.54 15.64
CA PHE A 2 14.35 12.51 14.59
C PHE A 2 14.79 13.80 15.26
N ASN A 3 15.54 14.61 14.50
CA ASN A 3 15.98 15.92 14.95
C ASN A 3 15.13 17.06 14.36
N ASN A 4 14.37 17.74 15.21
CA ASN A 4 13.51 18.83 14.79
C ASN A 4 14.03 20.21 15.17
N GLU A 5 15.33 20.32 15.45
CA GLU A 5 15.98 21.62 15.62
C GLU A 5 15.80 22.43 14.32
N PRO A 6 15.54 23.76 14.42
CA PRO A 6 15.43 24.57 13.21
C PRO A 6 16.66 24.55 12.30
N LEU A 7 16.44 24.90 11.03
CA LEU A 7 17.45 24.89 9.97
C LEU A 7 18.72 25.65 10.33
N GLU A 8 18.53 26.79 10.97
CA GLU A 8 19.64 27.64 11.40
C GLU A 8 20.53 26.92 12.43
N GLN A 9 19.89 26.22 13.36
CA GLN A 9 20.58 25.50 14.41
C GLN A 9 21.17 24.19 13.85
N ILE A 10 20.33 23.37 13.22
CA ILE A 10 20.76 22.08 12.62
C ILE A 10 21.95 22.21 11.66
N ASP A 11 21.92 23.22 10.80
CA ASP A 11 22.94 23.37 9.75
C ASP A 11 23.16 24.87 9.50
N LYS A 12 23.98 25.46 10.37
CA LYS A 12 24.39 26.85 10.25
C LYS A 12 25.20 27.11 8.97
N GLU A 13 25.99 26.13 8.52
CA GLU A 13 26.73 26.27 7.26
C GLU A 13 25.82 26.54 6.05
N LEU A 14 24.83 25.67 5.85
CA LEU A 14 23.86 25.82 4.74
C LEU A 14 23.01 27.08 4.89
N HIS A 15 22.66 27.41 6.12
CA HIS A 15 21.76 28.54 6.38
C HIS A 15 22.37 29.90 6.06
N ASP A 16 23.70 30.02 6.14
CA ASP A 16 24.35 31.30 5.83
C ASP A 16 24.32 31.54 4.33
N ILE A 17 24.71 30.51 3.58
CA ILE A 17 24.66 30.56 2.12
C ILE A 17 23.26 30.97 1.64
N LEU A 18 22.22 30.37 2.24
CA LEU A 18 20.82 30.65 1.87
C LEU A 18 20.39 32.06 2.23
N ALA A 19 20.80 32.53 3.40
CA ALA A 19 20.53 33.94 3.77
C ALA A 19 21.33 34.93 2.90
N ASP A 20 22.49 34.48 2.39
CA ASP A 20 23.30 35.26 1.43
C ASP A 20 22.66 35.29 0.05
N GLU A 21 22.28 34.10 -0.46
CA GLU A 21 21.56 33.90 -1.73
C GLU A 21 20.32 34.78 -1.79
N GLU A 22 19.58 34.83 -0.69
CA GLU A 22 18.40 35.70 -0.54
C GLU A 22 18.72 37.20 -0.63
N LYS A 23 19.77 37.62 0.07
CA LYS A 23 20.25 38.99 -0.03
C LYS A 23 20.58 39.36 -1.50
N ARG A 24 21.32 38.51 -2.19
CA ARG A 24 21.70 38.73 -3.59
C ARG A 24 20.47 38.88 -4.54
N GLN A 25 19.42 38.10 -4.29
CA GLN A 25 18.16 38.26 -5.02
C GLN A 25 17.52 39.62 -4.75
N ARG A 26 17.58 40.02 -3.48
CA ARG A 26 16.97 41.25 -3.02
C ARG A 26 17.69 42.50 -3.55
N GLU A 27 18.94 42.34 -3.97
CA GLU A 27 19.79 43.47 -4.35
C GLU A 27 20.23 43.39 -5.79
N THR A 28 19.50 42.61 -6.61
CA THR A 28 19.86 42.34 -8.02
C THR A 28 18.74 42.91 -8.89
N ILE A 29 19.11 43.48 -10.04
CA ILE A 29 18.13 43.80 -11.08
C ILE A 29 18.08 42.53 -11.88
N ASN A 30 17.00 41.77 -11.69
CA ASN A 30 16.87 40.46 -12.33
C ASN A 30 16.08 40.61 -13.63
N LEU A 31 16.80 40.50 -14.75
CA LEU A 31 16.21 40.53 -16.07
C LEU A 31 16.33 39.16 -16.75
N ILE A 32 16.31 38.04 -16.01
CA ILE A 32 16.30 36.73 -16.67
C ILE A 32 14.90 36.47 -17.19
N ALA A 33 14.77 36.18 -18.48
CA ALA A 33 13.45 36.19 -19.11
C ALA A 33 12.63 35.04 -18.52
N SER A 34 13.32 33.95 -18.14
CA SER A 34 12.69 32.77 -17.51
C SER A 34 12.53 32.75 -16.00
N GLU A 35 12.90 33.82 -15.28
CA GLU A 35 12.85 33.77 -13.80
C GLU A 35 11.71 34.60 -13.27
N ASN A 36 11.39 34.42 -11.98
CA ASN A 36 10.35 35.17 -11.27
C ASN A 36 10.60 35.04 -9.77
N LEU A 37 9.66 35.48 -8.95
CA LEU A 37 9.75 35.31 -7.51
C LEU A 37 8.43 34.79 -6.98
N THR A 38 8.47 33.61 -6.33
CA THR A 38 7.27 32.98 -5.78
C THR A 38 6.83 33.70 -4.54
N ASN A 39 5.52 33.76 -4.30
CA ASN A 39 5.01 34.29 -3.02
C ASN A 39 5.18 33.27 -1.89
N GLY A 40 4.93 33.72 -0.67
CA GLY A 40 4.97 32.89 0.51
C GLY A 40 4.04 31.69 0.42
N ALA A 41 2.87 31.87 -0.19
CA ALA A 41 1.85 30.80 -0.22
C ALA A 41 2.30 29.60 -1.03
N VAL A 42 2.90 29.88 -2.18
CA VAL A 42 3.53 28.86 -3.01
C VAL A 42 4.70 28.18 -2.28
N ARG A 43 5.50 28.96 -1.56
CA ARG A 43 6.59 28.38 -0.76
C ARG A 43 6.14 27.58 0.46
N GLU A 44 5.00 27.94 1.05
CA GLU A 44 4.37 27.14 2.12
C GLU A 44 3.94 25.77 1.61
N CYS A 45 3.47 25.72 0.37
CA CYS A 45 3.10 24.45 -0.25
C CYS A 45 4.29 23.54 -0.46
N LEU A 46 5.40 24.12 -0.92
CA LEU A 46 6.59 23.34 -1.25
C LEU A 46 7.22 22.77 0.01
N GLY A 47 7.06 23.47 1.14
CA GLY A 47 7.47 22.95 2.44
C GLY A 47 6.44 22.10 3.20
N ASN A 48 5.41 21.61 2.50
CA ASN A 48 4.30 20.92 3.16
C ASN A 48 4.55 19.42 3.20
N ARG A 49 4.16 18.80 4.32
CA ARG A 49 4.29 17.34 4.50
C ARG A 49 3.60 16.45 3.48
N VAL A 50 2.84 17.02 2.55
CA VAL A 50 2.26 16.24 1.46
C VAL A 50 3.31 15.51 0.61
N SER A 51 4.53 16.04 0.55
CA SER A 51 5.63 15.39 -0.19
C SER A 51 6.08 14.03 0.40
N ASN A 52 5.67 13.74 1.64
CA ASN A 52 5.92 12.42 2.23
C ASN A 52 5.16 11.26 1.56
N LYS A 53 4.04 11.55 0.92
CA LYS A 53 3.16 10.51 0.40
C LYS A 53 3.60 9.99 -0.95
N TYR A 54 3.64 8.67 -1.11
CA TYR A 54 3.91 8.01 -2.40
C TYR A 54 2.55 7.75 -3.07
N SER A 55 2.34 8.28 -4.26
CA SER A 55 1.02 8.22 -4.87
C SER A 55 1.12 7.97 -6.35
N GLU A 56 1.87 6.94 -6.70
CA GLU A 56 2.01 6.52 -8.09
C GLU A 56 0.69 6.24 -8.77
N GLY A 57 0.60 6.58 -10.05
CA GLY A 57 -0.61 6.42 -10.83
C GLY A 57 -1.36 7.74 -10.98
N TYR A 58 -2.69 7.66 -11.07
CA TYR A 58 -3.60 8.83 -11.23
C TYR A 58 -4.76 8.73 -10.25
N PRO A 59 -5.48 9.85 -9.96
CA PRO A 59 -6.51 9.79 -8.91
C PRO A 59 -7.62 8.76 -9.24
N LYS A 60 -8.16 8.10 -8.20
CA LYS A 60 -9.17 7.02 -8.39
C LYS A 60 -8.65 5.82 -9.23
N LYS A 61 -7.35 5.79 -9.54
CA LYS A 61 -6.69 4.70 -10.27
C LYS A 61 -5.25 4.56 -9.73
N ARG A 62 -5.13 4.59 -8.41
CA ARG A 62 -3.84 4.62 -7.73
C ARG A 62 -3.39 3.21 -7.45
N TYR A 63 -2.11 3.04 -7.12
CA TYR A 63 -1.60 1.74 -6.74
C TYR A 63 -1.87 1.52 -5.27
N TYR A 64 -1.78 2.59 -4.46
CA TYR A 64 -2.04 2.48 -3.01
C TYR A 64 -3.26 3.26 -2.55
N GLY A 65 -3.77 2.88 -1.39
CA GLY A 65 -4.74 3.69 -0.65
C GLY A 65 -4.05 4.81 0.11
N GLY A 66 -4.76 5.44 1.02
CA GLY A 66 -4.23 6.55 1.81
C GLY A 66 -4.14 7.84 1.02
N ASN A 67 -4.75 7.85 -0.16
CA ASN A 67 -4.56 8.87 -1.16
C ASN A 67 -5.81 9.73 -1.33
N ASP A 68 -6.71 9.73 -0.35
CA ASP A 68 -7.94 10.49 -0.48
C ASP A 68 -7.64 11.99 -0.56
N PHE A 69 -6.83 12.50 0.34
CA PHE A 69 -6.48 13.91 0.32
C PHE A 69 -5.51 14.29 -0.83
N ILE A 70 -4.67 13.33 -1.28
CA ILE A 70 -3.83 13.53 -2.49
C ILE A 70 -4.68 13.62 -3.75
N ASP A 71 -5.72 12.78 -3.83
CA ASP A 71 -6.66 12.82 -4.98
C ASP A 71 -7.35 14.16 -5.06
N LYS A 72 -7.80 14.71 -3.94
CA LYS A 72 -8.49 16.00 -4.02
C LYS A 72 -7.53 17.10 -4.55
N ILE A 73 -6.32 17.17 -3.99
CA ILE A 73 -5.27 18.09 -4.47
C ILE A 73 -4.99 17.92 -5.97
N GLU A 74 -4.73 16.70 -6.45
CA GLU A 74 -4.46 16.51 -7.90
C GLU A 74 -5.63 16.90 -8.82
N GLU A 75 -6.88 16.61 -8.42
CA GLU A 75 -8.09 16.97 -9.23
C GLU A 75 -8.31 18.47 -9.27
N LEU A 76 -8.15 19.11 -8.11
CA LEU A 76 -8.13 20.57 -7.98
C LEU A 76 -7.12 21.26 -8.88
N CYS A 77 -5.94 20.66 -9.02
CA CYS A 77 -4.88 21.23 -9.84
C CYS A 77 -5.22 21.15 -11.32
N GLN A 78 -5.71 19.99 -11.76
CA GLN A 78 -6.06 19.78 -13.18
C GLN A 78 -7.25 20.68 -13.56
N LYS A 79 -8.22 20.76 -12.64
CA LYS A 79 -9.40 21.59 -12.83
C LYS A 79 -8.97 23.05 -13.03
N ARG A 80 -8.31 23.60 -12.00
CA ARG A 80 -7.80 24.97 -12.00
C ARG A 80 -6.89 25.28 -13.18
N ALA A 81 -6.23 24.29 -13.75
CA ALA A 81 -5.37 24.48 -14.93
C ALA A 81 -6.17 24.65 -16.23
N LEU A 82 -7.26 23.88 -16.33
CA LEU A 82 -8.12 23.92 -17.49
C LEU A 82 -8.91 25.24 -17.50
N GLU A 83 -9.43 25.62 -16.35
CA GLU A 83 -10.05 26.93 -16.17
C GLU A 83 -9.10 28.10 -16.49
N ALA A 84 -7.89 28.09 -15.94
CA ALA A 84 -6.96 29.20 -16.11
C ALA A 84 -6.64 29.43 -17.57
N PHE A 85 -6.48 28.34 -18.32
CA PHE A 85 -6.18 28.42 -19.75
C PHE A 85 -7.38 28.36 -20.71
N ASN A 86 -8.58 28.63 -20.18
CA ASN A 86 -9.79 28.87 -20.99
C ASN A 86 -10.17 27.70 -21.90
N VAL A 87 -10.15 26.49 -21.34
CA VAL A 87 -10.42 25.28 -22.11
C VAL A 87 -11.50 24.47 -21.40
N SER A 88 -12.29 23.77 -22.22
CA SER A 88 -13.39 22.94 -21.72
C SER A 88 -12.84 21.60 -21.23
N ASP A 89 -13.17 21.22 -20.00
CA ASP A 89 -12.72 19.92 -19.46
C ASP A 89 -13.32 18.73 -20.23
N GLU A 90 -14.36 19.01 -21.01
CA GLU A 90 -14.92 18.02 -21.94
C GLU A 90 -14.04 17.87 -23.18
N GLU A 91 -13.43 18.97 -23.65
CA GLU A 91 -12.54 18.99 -24.83
C GLU A 91 -11.02 18.85 -24.56
N TRP A 92 -10.57 19.33 -23.40
CA TRP A 92 -9.13 19.33 -23.07
C TRP A 92 -8.83 18.51 -21.84
N GLY A 93 -7.67 17.87 -21.87
CA GLY A 93 -7.15 17.20 -20.68
C GLY A 93 -5.80 17.76 -20.27
N VAL A 94 -5.54 17.72 -18.97
CA VAL A 94 -4.28 18.15 -18.40
C VAL A 94 -3.65 17.13 -17.41
N ASN A 95 -2.38 16.84 -17.63
CA ASN A 95 -1.56 16.06 -16.69
C ASN A 95 -0.69 17.04 -15.89
N VAL A 96 -0.78 16.94 -14.58
CA VAL A 96 -0.11 17.88 -13.66
C VAL A 96 1.13 17.25 -12.96
N GLN A 97 1.59 16.12 -13.47
CA GLN A 97 2.65 15.37 -12.80
C GLN A 97 4.10 15.64 -13.26
N PRO A 98 4.34 16.12 -14.50
CA PRO A 98 5.75 16.30 -14.91
C PRO A 98 6.58 17.15 -13.95
N LEU A 99 7.80 16.72 -13.70
CA LEU A 99 8.62 17.34 -12.67
C LEU A 99 9.15 18.69 -13.13
N SER A 100 9.36 18.85 -14.42
CA SER A 100 9.85 20.13 -14.93
C SER A 100 9.60 20.20 -16.43
N GLY A 101 9.88 21.34 -17.03
CA GLY A 101 9.61 21.57 -18.43
C GLY A 101 10.21 20.57 -19.42
N SER A 102 11.48 20.21 -19.23
CA SER A 102 12.16 19.31 -20.16
C SER A 102 11.54 17.90 -20.12
N ALA A 103 11.29 17.42 -18.91
CA ALA A 103 10.55 16.16 -18.69
C ALA A 103 9.18 16.18 -19.40
N ALA A 104 8.40 17.23 -19.15
CA ALA A 104 7.10 17.44 -19.77
C ALA A 104 7.16 17.31 -21.27
N ASN A 105 8.16 17.95 -21.88
CA ASN A 105 8.34 17.90 -23.33
C ASN A 105 8.76 16.53 -23.85
N VAL A 106 9.76 15.89 -23.23
CA VAL A 106 10.23 14.56 -23.69
C VAL A 106 9.13 13.49 -23.58
N GLN A 107 8.34 13.59 -22.53
CA GLN A 107 7.18 12.74 -22.29
C GLN A 107 6.11 12.94 -23.37
N ALA A 108 5.61 14.16 -23.52
CA ALA A 108 4.58 14.45 -24.52
C ALA A 108 5.02 14.06 -25.93
N LEU A 109 6.29 14.25 -26.25
CA LEU A 109 6.81 13.90 -27.56
C LEU A 109 6.83 12.40 -27.77
N TYR A 110 7.30 11.67 -26.76
CA TYR A 110 7.33 10.21 -26.81
C TYR A 110 5.91 9.65 -27.01
N ALA A 111 4.98 10.15 -26.21
CA ALA A 111 3.57 9.81 -26.36
C ALA A 111 3.11 9.90 -27.82
N LEU A 112 3.39 11.03 -28.47
CA LEU A 112 2.88 11.31 -29.80
C LEU A 112 3.57 10.51 -30.90
N VAL A 113 4.87 10.28 -30.78
CA VAL A 113 5.67 9.67 -31.86
C VAL A 113 6.39 8.36 -31.51
N GLY A 114 6.77 8.17 -30.25
CA GLY A 114 7.51 6.98 -29.81
C GLY A 114 8.96 7.06 -30.25
N VAL A 115 9.74 6.04 -29.91
CA VAL A 115 11.16 6.01 -30.24
C VAL A 115 11.34 5.95 -31.76
N LYS A 116 12.45 6.55 -32.23
CA LYS A 116 12.76 6.77 -33.65
C LYS A 116 11.86 7.80 -34.34
N GLY A 117 10.84 8.32 -33.64
CA GLY A 117 9.81 9.16 -34.27
C GLY A 117 10.34 10.46 -34.81
N LYS A 118 9.66 11.00 -35.81
CA LYS A 118 10.11 12.19 -36.52
C LYS A 118 9.53 13.45 -35.88
N ILE A 119 10.41 14.37 -35.46
CA ILE A 119 9.96 15.66 -34.90
C ILE A 119 10.65 16.85 -35.58
N MET A 120 9.97 17.99 -35.57
CA MET A 120 10.52 19.24 -36.12
C MET A 120 10.40 20.31 -35.07
N GLY A 121 11.47 21.07 -34.88
CA GLY A 121 11.48 22.21 -33.95
C GLY A 121 12.42 23.33 -34.39
N MET A 122 12.28 24.49 -33.75
CA MET A 122 13.17 25.63 -33.97
C MET A 122 14.55 25.33 -33.39
N HIS A 123 15.58 25.68 -34.15
CA HIS A 123 16.96 25.51 -33.76
C HIS A 123 17.24 26.37 -32.52
N LEU A 124 18.11 25.85 -31.65
CA LEU A 124 18.47 26.50 -30.38
C LEU A 124 18.99 27.90 -30.65
N CYS A 125 20.00 27.98 -31.51
CA CYS A 125 20.55 29.24 -32.04
C CYS A 125 19.53 30.30 -32.54
N SER A 126 18.34 29.88 -32.98
CA SER A 126 17.28 30.79 -33.43
C SER A 126 16.21 31.09 -32.39
N GLY A 127 16.33 30.52 -31.20
CA GLY A 127 15.35 30.74 -30.13
C GLY A 127 14.55 29.54 -29.69
N GLY A 128 14.83 28.35 -30.25
CA GLY A 128 14.21 27.10 -29.79
C GLY A 128 14.82 26.57 -28.48
N HIS A 129 14.12 25.65 -27.83
CA HIS A 129 14.61 24.98 -26.64
C HIS A 129 15.36 23.72 -27.00
N LEU A 130 16.21 23.30 -26.07
CA LEU A 130 17.01 22.07 -26.18
C LEU A 130 16.15 20.85 -26.46
N THR A 131 14.99 20.78 -25.80
CA THR A 131 14.04 19.69 -25.96
C THR A 131 13.14 19.78 -27.20
N HIS A 132 13.43 20.71 -28.13
CA HIS A 132 12.72 20.76 -29.40
C HIS A 132 13.50 20.06 -30.49
N GLY A 133 14.43 19.20 -30.10
CA GLY A 133 15.20 18.40 -31.03
C GLY A 133 16.63 18.84 -31.23
N PHE A 134 17.17 19.66 -30.33
CA PHE A 134 18.48 20.22 -30.57
C PHE A 134 19.57 19.15 -30.72
N PHE A 135 20.25 19.19 -31.85
CA PHE A 135 21.51 18.46 -32.02
C PHE A 135 22.55 19.39 -32.66
N ASP A 136 23.74 18.85 -32.89
CA ASP A 136 24.88 19.60 -33.38
C ASP A 136 25.67 18.63 -34.26
N GLU A 137 26.48 19.16 -35.18
CA GLU A 137 27.34 18.32 -36.05
C GLU A 137 28.10 17.25 -35.25
N LYS A 138 28.71 17.69 -34.15
CA LYS A 138 29.54 16.84 -33.28
C LYS A 138 28.74 15.79 -32.49
N LYS A 139 27.58 16.18 -31.93
CA LYS A 139 26.81 15.29 -31.06
C LYS A 139 25.32 15.63 -30.99
N LYS A 140 24.54 14.63 -30.62
CA LYS A 140 23.11 14.77 -30.33
C LYS A 140 22.95 15.26 -28.90
N VAL A 141 22.94 16.57 -28.74
CA VAL A 141 22.95 17.24 -27.43
C VAL A 141 21.70 16.91 -26.57
N SER A 142 20.54 16.85 -27.19
CA SER A 142 19.31 16.57 -26.44
C SER A 142 18.94 15.13 -26.64
N ILE A 143 18.29 14.54 -25.65
CA ILE A 143 17.65 13.24 -25.84
C ILE A 143 16.61 13.32 -26.97
N THR A 144 15.96 14.48 -27.12
CA THR A 144 15.00 14.67 -28.20
C THR A 144 15.57 14.59 -29.59
N SER A 145 16.89 14.72 -29.74
CA SER A 145 17.52 14.49 -31.04
C SER A 145 17.98 13.06 -31.29
N ASP A 146 17.89 12.21 -30.24
CA ASP A 146 18.47 10.86 -30.24
C ASP A 146 17.40 9.79 -30.16
N MET A 147 16.53 9.88 -29.16
CA MET A 147 15.41 8.98 -29.07
C MET A 147 14.36 9.34 -30.12
N PHE A 148 14.48 10.53 -30.71
CA PHE A 148 13.71 10.92 -31.88
C PHE A 148 14.63 11.21 -33.05
N GLU A 149 14.06 11.24 -34.25
CA GLU A 149 14.75 11.72 -35.45
C GLU A 149 14.29 13.17 -35.63
N SER A 150 15.18 14.13 -35.43
CA SER A 150 14.75 15.53 -35.48
C SER A 150 15.34 16.31 -36.64
N LYS A 151 14.51 17.19 -37.21
CA LYS A 151 14.92 18.17 -38.20
C LYS A 151 14.66 19.53 -37.54
N LEU A 152 15.45 20.53 -37.89
CA LEU A 152 15.43 21.83 -37.20
C LEU A 152 15.26 22.99 -38.15
N TYR A 153 14.33 23.88 -37.87
CA TYR A 153 14.08 25.07 -38.72
C TYR A 153 14.59 26.35 -38.08
N LYS A 154 15.13 27.23 -38.92
CA LYS A 154 15.71 28.50 -38.47
C LYS A 154 14.73 29.65 -38.62
N CYS A 155 15.06 30.76 -37.98
CA CYS A 155 14.37 32.02 -38.21
C CYS A 155 15.12 32.67 -39.36
N ASN A 156 14.52 33.68 -39.99
CA ASN A 156 15.17 34.40 -41.11
C ASN A 156 16.25 35.38 -40.62
N SER A 157 16.90 36.06 -41.56
CA SER A 157 17.91 37.09 -41.21
C SER A 157 17.41 38.17 -40.24
N GLN A 158 16.12 38.52 -40.26
CA GLN A 158 15.54 39.52 -39.32
C GLN A 158 15.06 38.98 -37.98
N GLY A 159 15.27 37.68 -37.72
CA GLY A 159 14.87 37.06 -36.45
C GLY A 159 13.42 36.60 -36.38
N TYR A 160 12.80 36.34 -37.52
CA TYR A 160 11.40 35.93 -37.56
C TYR A 160 11.29 34.48 -38.04
N VAL A 161 10.30 33.77 -37.53
CA VAL A 161 9.95 32.41 -38.00
C VAL A 161 9.64 32.50 -39.51
N ASP A 162 10.31 31.67 -40.30
CA ASP A 162 10.12 31.65 -41.76
C ASP A 162 9.23 30.48 -42.13
N LEU A 163 7.91 30.72 -42.18
CA LEU A 163 6.91 29.67 -42.43
C LEU A 163 7.01 28.97 -43.77
N ASP A 164 7.50 29.69 -44.79
CA ASP A 164 7.79 29.09 -46.09
C ASP A 164 8.86 28.00 -45.95
N ALA A 165 9.85 28.25 -45.08
CA ALA A 165 10.89 27.28 -44.77
C ALA A 165 10.35 26.12 -43.95
N VAL A 166 9.47 26.42 -42.99
CA VAL A 166 8.78 25.38 -42.19
C VAL A 166 8.01 24.39 -43.09
N ARG A 167 7.27 24.92 -44.07
CA ARG A 167 6.57 24.09 -45.06
C ARG A 167 7.55 23.32 -45.94
N GLU A 168 8.51 24.02 -46.54
CA GLU A 168 9.56 23.36 -47.34
C GLU A 168 10.15 22.16 -46.60
N MET A 169 10.47 22.36 -45.32
CA MET A 169 11.11 21.33 -44.50
C MET A 169 10.10 20.22 -44.19
N ALA A 170 8.91 20.59 -43.72
CA ALA A 170 7.85 19.62 -43.43
C ALA A 170 7.46 18.67 -44.61
N LEU A 171 7.43 19.19 -45.84
CA LEU A 171 7.09 18.39 -47.03
C LEU A 171 8.18 17.38 -47.41
N SER A 172 9.44 17.80 -47.31
CA SER A 172 10.57 16.91 -47.57
C SER A 172 10.84 15.94 -46.40
N PHE A 173 10.64 16.41 -45.16
CA PHE A 173 10.96 15.62 -43.97
C PHE A 173 9.82 14.74 -43.48
N LYS A 174 8.58 15.20 -43.63
CA LYS A 174 7.38 14.38 -43.39
C LYS A 174 7.22 13.89 -41.93
N PRO A 175 7.35 14.79 -40.94
CA PRO A 175 7.36 14.31 -39.56
C PRO A 175 5.99 14.09 -38.93
N LYS A 176 5.96 13.45 -37.77
CA LYS A 176 4.73 13.33 -36.96
C LYS A 176 4.49 14.49 -35.97
N VAL A 177 5.50 15.28 -35.64
CA VAL A 177 5.28 16.46 -34.75
C VAL A 177 6.04 17.69 -35.23
N ILE A 178 5.37 18.84 -35.14
CA ILE A 178 6.00 20.12 -35.43
C ILE A 178 5.88 20.93 -34.16
N ILE A 179 7.03 21.32 -33.61
CA ILE A 179 7.07 22.06 -32.36
C ILE A 179 7.11 23.56 -32.62
N CYS A 180 6.29 24.32 -31.90
CA CYS A 180 6.37 25.75 -31.89
C CYS A 180 6.14 26.25 -30.48
N GLY A 181 6.47 27.52 -30.26
CA GLY A 181 6.62 28.11 -28.91
C GLY A 181 8.07 27.94 -28.52
N TYR A 182 8.69 29.00 -27.98
CA TYR A 182 10.17 29.08 -27.94
C TYR A 182 10.76 29.67 -26.65
N THR A 183 12.08 29.68 -26.56
CA THR A 183 12.75 30.12 -25.32
C THR A 183 13.17 31.59 -25.37
N SER A 184 13.62 32.06 -26.52
CA SER A 184 14.01 33.47 -26.66
C SER A 184 13.56 34.04 -28.00
N TYR A 185 12.24 34.09 -28.18
CA TYR A 185 11.60 34.62 -29.36
C TYR A 185 10.75 35.80 -28.92
N PRO A 186 11.11 37.03 -29.38
CA PRO A 186 10.47 38.24 -28.90
C PRO A 186 9.11 38.59 -29.51
N ARG A 187 8.64 37.81 -30.50
CA ARG A 187 7.32 38.06 -31.15
C ARG A 187 6.28 36.94 -30.96
N ASP A 188 5.01 37.27 -31.18
CA ASP A 188 3.92 36.29 -31.12
C ASP A 188 4.04 35.26 -32.26
N ILE A 189 3.31 34.17 -32.13
CA ILE A 189 3.39 33.05 -33.05
C ILE A 189 2.09 32.91 -33.84
N ASP A 190 2.23 32.61 -35.13
CA ASP A 190 1.09 32.36 -36.02
C ASP A 190 0.75 30.84 -35.98
N TYR A 191 -0.06 30.46 -34.99
CA TYR A 191 -0.40 29.06 -34.76
C TYR A 191 -1.28 28.56 -35.88
N GLN A 192 -2.21 29.42 -36.31
CA GLN A 192 -3.05 29.19 -37.49
C GLN A 192 -2.22 28.66 -38.65
N GLN A 193 -1.17 29.37 -39.05
CA GLN A 193 -0.37 28.89 -40.17
C GLN A 193 0.37 27.61 -39.80
N PHE A 194 0.74 27.41 -38.54
CA PHE A 194 1.30 26.10 -38.10
C PHE A 194 0.30 24.95 -38.29
N ARG A 195 -0.91 25.15 -37.76
CA ARG A 195 -2.02 24.19 -37.85
C ARG A 195 -2.37 23.78 -39.29
N GLN A 196 -2.33 24.74 -40.21
CA GLN A 196 -2.50 24.49 -41.64
C GLN A 196 -1.37 23.66 -42.24
N ILE A 197 -0.14 23.86 -41.76
CA ILE A 197 1.04 23.13 -42.28
C ILE A 197 1.02 21.68 -41.77
N CYS A 198 0.60 21.50 -40.53
CA CYS A 198 0.54 20.17 -39.92
C CYS A 198 -0.52 19.30 -40.58
N ASP A 199 -1.73 19.84 -40.75
CA ASP A 199 -2.80 19.24 -41.58
C ASP A 199 -2.33 18.80 -42.98
N GLU A 200 -1.53 19.65 -43.62
CA GLU A 200 -1.02 19.37 -44.97
C GLU A 200 -0.11 18.15 -45.03
N VAL A 201 0.55 17.83 -43.91
CA VAL A 201 1.44 16.65 -43.83
C VAL A 201 0.91 15.53 -42.92
N ASN A 202 -0.12 15.81 -42.12
CA ASN A 202 -0.73 14.91 -41.12
C ASN A 202 0.12 14.73 -39.84
N ALA A 203 0.83 15.81 -39.46
CA ALA A 203 1.62 15.84 -38.22
C ALA A 203 0.83 16.51 -37.09
N TYR A 204 1.18 16.17 -35.85
CA TYR A 204 0.61 16.84 -34.69
C TYR A 204 1.25 18.24 -34.53
N LEU A 205 0.47 19.19 -34.01
CA LEU A 205 0.97 20.53 -33.66
C LEU A 205 1.18 20.63 -32.16
N PHE A 206 2.44 20.85 -31.77
CA PHE A 206 2.89 20.90 -30.39
C PHE A 206 3.30 22.35 -30.14
N ALA A 207 2.62 22.99 -29.20
CA ALA A 207 2.92 24.35 -28.76
C ALA A 207 3.53 24.35 -27.35
N ASP A 208 4.82 24.64 -27.23
CA ASP A 208 5.45 24.84 -25.91
C ASP A 208 5.39 26.31 -25.60
N ILE A 209 4.50 26.69 -24.68
CA ILE A 209 4.21 28.09 -24.32
C ILE A 209 4.74 28.54 -22.94
N SER A 210 5.76 27.82 -22.45
CA SER A 210 6.41 28.09 -21.16
C SER A 210 6.77 29.55 -20.85
N HIS A 211 7.34 30.26 -21.82
CA HIS A 211 7.72 31.68 -21.63
C HIS A 211 6.57 32.70 -21.72
N ILE A 212 5.44 32.30 -22.33
CA ILE A 212 4.33 33.21 -22.61
C ILE A 212 3.00 32.78 -22.00
N SER A 213 3.08 31.80 -21.11
CA SER A 213 1.91 31.14 -20.54
C SER A 213 0.86 32.11 -19.99
N SER A 214 1.30 33.08 -19.22
CA SER A 214 0.42 34.08 -18.66
C SER A 214 -0.29 34.91 -19.72
N PHE A 215 0.39 35.18 -20.83
CA PHE A 215 -0.23 35.94 -21.91
C PHE A 215 -1.33 35.14 -22.59
N VAL A 216 -1.12 33.83 -22.74
CA VAL A 216 -2.12 32.97 -23.37
C VAL A 216 -3.33 32.85 -22.46
N ALA A 217 -3.08 32.45 -21.22
CA ALA A 217 -4.10 32.43 -20.18
C ALA A 217 -4.97 33.67 -20.13
N CYS A 218 -4.33 34.84 -20.10
CA CYS A 218 -5.05 36.12 -19.98
C CYS A 218 -5.54 36.73 -21.29
N ASN A 219 -5.38 36.03 -22.41
CA ASN A 219 -5.91 36.44 -23.72
C ASN A 219 -5.27 37.71 -24.28
N ILE A 220 -4.04 37.97 -23.87
CA ILE A 220 -3.30 39.16 -24.28
C ILE A 220 -2.58 38.83 -25.59
N LEU A 221 -2.15 37.58 -25.76
CA LEU A 221 -1.53 37.11 -27.00
C LEU A 221 -2.40 36.01 -27.59
N ASN A 222 -2.05 35.57 -28.80
CA ASN A 222 -2.79 34.54 -29.52
C ASN A 222 -2.91 33.24 -28.73
N ASN A 223 -4.00 32.52 -28.99
CA ASN A 223 -4.34 31.33 -28.22
C ASN A 223 -3.98 30.08 -29.00
N PRO A 224 -2.97 29.32 -28.51
CA PRO A 224 -2.64 28.11 -29.23
C PRO A 224 -3.65 26.97 -29.01
N PHE A 225 -4.52 27.09 -28.01
CA PHE A 225 -5.55 26.07 -27.73
C PHE A 225 -6.57 25.94 -28.87
N LEU A 226 -6.72 26.98 -29.69
CA LEU A 226 -7.63 26.92 -30.82
C LEU A 226 -7.06 26.03 -31.95
N HIS A 227 -5.74 25.81 -31.99
CA HIS A 227 -5.11 25.09 -33.08
C HIS A 227 -4.24 23.87 -32.70
N ALA A 228 -3.80 23.76 -31.45
CA ALA A 228 -2.82 22.71 -31.11
C ALA A 228 -3.45 21.42 -30.59
N ASP A 229 -2.79 20.32 -30.89
CA ASP A 229 -3.14 19.01 -30.33
C ASP A 229 -2.63 18.88 -28.91
N VAL A 230 -1.38 19.32 -28.70
CA VAL A 230 -0.76 19.33 -27.38
C VAL A 230 -0.21 20.70 -27.04
N VAL A 231 -0.39 21.13 -25.80
CA VAL A 231 0.24 22.34 -25.29
C VAL A 231 1.02 21.99 -24.04
N THR A 232 2.31 22.28 -24.00
CA THR A 232 3.10 22.12 -22.75
C THR A 232 3.47 23.47 -22.16
N THR A 233 3.55 23.53 -20.84
CA THR A 233 4.10 24.70 -20.20
C THR A 233 4.67 24.44 -18.83
N THR A 234 5.74 25.17 -18.55
CA THR A 234 6.30 25.25 -17.22
C THR A 234 5.45 26.16 -16.37
N THR A 235 5.45 25.94 -15.06
CA THR A 235 4.70 26.77 -14.11
C THR A 235 5.52 27.83 -13.37
N HIS A 236 6.82 27.97 -13.68
CA HIS A 236 7.77 28.79 -12.84
C HIS A 236 8.26 30.09 -13.44
N LYS A 237 8.03 30.30 -14.74
CA LYS A 237 8.44 31.53 -15.37
C LYS A 237 7.35 32.61 -15.15
N ILE A 238 6.84 33.17 -16.23
CA ILE A 238 5.87 34.27 -16.18
C ILE A 238 4.61 33.90 -15.37
N LEU A 239 4.22 32.62 -15.46
CA LEU A 239 3.09 32.11 -14.65
C LEU A 239 3.30 32.22 -13.15
N ARG A 240 4.55 32.23 -12.71
CA ARG A 240 4.94 32.61 -11.32
C ARG A 240 4.64 31.53 -10.26
N GLY A 241 4.66 30.28 -10.69
CA GLY A 241 4.40 29.18 -9.79
C GLY A 241 5.67 28.52 -9.35
N PRO A 242 5.54 27.29 -8.86
CA PRO A 242 6.72 26.52 -8.52
C PRO A 242 7.37 25.96 -9.77
N ARG A 243 8.51 25.28 -9.57
CA ARG A 243 9.15 24.61 -10.66
C ARG A 243 8.41 23.31 -10.92
N SER A 244 7.60 23.31 -11.97
CA SER A 244 6.84 22.17 -12.41
C SER A 244 6.42 22.37 -13.86
N ALA A 245 5.72 21.40 -14.44
CA ALA A 245 5.21 21.52 -15.79
C ALA A 245 3.85 20.85 -16.01
N LEU A 246 3.16 21.31 -17.06
CA LEU A 246 1.84 20.81 -17.44
C LEU A 246 1.84 20.39 -18.88
N ILE A 247 1.21 19.25 -19.16
CA ILE A 247 0.97 18.82 -20.54
C ILE A 247 -0.55 18.90 -20.79
N PHE A 248 -0.95 19.66 -21.82
CA PHE A 248 -2.35 19.75 -22.27
C PHE A 248 -2.57 18.97 -23.57
N PHE A 249 -3.71 18.29 -23.67
CA PHE A 249 -3.99 17.46 -24.84
C PHE A 249 -5.43 17.65 -25.36
N ASN A 250 -5.57 17.67 -26.66
CA ASN A 250 -6.88 17.93 -27.28
C ASN A 250 -7.63 16.61 -27.50
N LYS A 251 -8.52 16.25 -26.59
CA LYS A 251 -9.33 15.03 -26.69
C LYS A 251 -10.17 15.00 -27.99
N LYS A 252 -10.89 16.08 -28.28
CA LYS A 252 -11.79 16.17 -29.46
C LYS A 252 -11.11 15.91 -30.79
N ARG A 253 -9.97 16.53 -30.99
CA ARG A 253 -9.19 16.41 -32.21
C ARG A 253 -8.52 15.03 -32.25
N ASN A 254 -8.19 14.47 -31.09
CA ASN A 254 -7.45 13.21 -30.98
C ASN A 254 -8.02 12.32 -29.87
N PRO A 255 -9.08 11.55 -30.18
CA PRO A 255 -9.50 10.54 -29.22
C PRO A 255 -8.39 9.51 -29.07
N GLY A 256 -8.18 9.02 -27.85
CA GLY A 256 -7.06 8.13 -27.55
C GLY A 256 -5.72 8.80 -27.23
N ILE A 257 -5.66 10.14 -27.21
CA ILE A 257 -4.46 10.88 -26.76
C ILE A 257 -4.32 10.87 -25.24
N GLU A 258 -5.44 10.96 -24.52
CA GLU A 258 -5.41 11.02 -23.06
C GLU A 258 -4.64 9.90 -22.41
N GLN A 259 -4.89 8.67 -22.86
CA GLN A 259 -4.23 7.52 -22.28
C GLN A 259 -2.75 7.50 -22.63
N LYS A 260 -2.42 7.79 -23.90
CA LYS A 260 -1.03 7.89 -24.38
C LYS A 260 -0.15 8.87 -23.55
N ILE A 261 -0.69 10.06 -23.26
CA ILE A 261 0.02 11.06 -22.48
C ILE A 261 0.11 10.70 -21.00
N ASN A 262 -0.97 10.22 -20.41
CA ASN A 262 -0.89 9.82 -19.02
C ASN A 262 0.08 8.66 -18.83
N SER A 263 0.11 7.72 -19.78
CA SER A 263 0.97 6.54 -19.66
C SER A 263 2.42 6.92 -19.97
N ALA A 264 2.64 7.96 -20.79
CA ALA A 264 3.98 8.52 -21.01
C ALA A 264 4.54 9.15 -19.74
N VAL A 265 3.75 9.94 -19.05
CA VAL A 265 4.21 10.51 -17.78
C VAL A 265 4.47 9.38 -16.75
N PHE A 266 3.47 8.52 -16.53
CA PHE A 266 3.62 7.32 -15.70
C PHE A 266 2.97 6.15 -16.39
N PRO A 267 3.58 4.95 -16.41
CA PRO A 267 4.83 4.64 -15.75
C PRO A 267 6.02 4.61 -16.73
N SER A 268 5.85 5.14 -17.94
CA SER A 268 6.93 5.15 -18.91
C SER A 268 8.16 5.93 -18.43
N PHE A 269 7.98 7.14 -17.87
CA PHE A 269 9.08 8.05 -17.55
C PHE A 269 9.21 8.33 -16.07
N GLN A 270 8.14 8.66 -15.37
CA GLN A 270 8.24 8.97 -13.95
C GLN A 270 7.80 7.81 -13.06
N GLY A 271 8.09 7.96 -11.77
CA GLY A 271 7.56 7.13 -10.72
C GLY A 271 6.56 7.96 -9.93
N GLY A 272 6.80 8.09 -8.62
CA GLY A 272 5.92 8.88 -7.77
C GLY A 272 5.88 10.37 -8.09
N PRO A 273 4.67 10.98 -8.12
CA PRO A 273 4.57 12.43 -8.28
C PRO A 273 5.04 13.15 -7.05
N HIS A 274 5.38 14.42 -7.21
CA HIS A 274 5.79 15.24 -6.11
C HIS A 274 4.61 16.10 -5.73
N ASN A 275 3.98 15.73 -4.63
CA ASN A 275 2.70 16.33 -4.25
C ASN A 275 2.84 17.70 -3.70
N ASN A 276 4.02 18.04 -3.20
CA ASN A 276 4.27 19.41 -2.75
C ASN A 276 4.24 20.36 -3.94
N LYS A 277 4.86 19.94 -5.05
CA LYS A 277 4.71 20.62 -6.34
C LYS A 277 3.24 20.78 -6.73
N ILE A 278 2.53 19.67 -6.79
CA ILE A 278 1.15 19.70 -7.26
C ILE A 278 0.33 20.68 -6.41
N ALA A 279 0.42 20.59 -5.10
CA ALA A 279 -0.17 21.56 -4.20
C ALA A 279 0.22 23.02 -4.52
N ALA A 280 1.53 23.25 -4.70
CA ALA A 280 2.01 24.58 -4.99
C ALA A 280 1.48 25.05 -6.33
N VAL A 281 1.42 24.17 -7.32
CA VAL A 281 0.89 24.54 -8.60
C VAL A 281 -0.60 24.93 -8.49
N ALA A 282 -1.37 24.22 -7.66
CA ALA A 282 -2.80 24.53 -7.44
C ALA A 282 -2.99 25.92 -6.88
N CYS A 283 -2.17 26.28 -5.91
CA CYS A 283 -2.21 27.58 -5.25
C CYS A 283 -2.04 28.76 -6.21
N GLN A 284 -1.17 28.58 -7.20
CA GLN A 284 -0.83 29.63 -8.12
C GLN A 284 -1.83 29.73 -9.24
N LEU A 285 -2.35 28.59 -9.68
CA LEU A 285 -3.37 28.59 -10.73
C LEU A 285 -4.67 29.29 -10.27
N LYS A 286 -4.94 29.33 -8.95
CA LYS A 286 -6.05 30.12 -8.43
C LYS A 286 -5.75 31.60 -8.60
N GLU A 287 -4.58 32.03 -8.16
CA GLU A 287 -4.10 33.39 -8.43
C GLU A 287 -4.03 33.73 -9.94
N VAL A 288 -3.65 32.79 -10.80
CA VAL A 288 -3.60 33.08 -12.24
C VAL A 288 -4.99 33.50 -12.78
N HIS A 289 -6.07 32.93 -12.24
CA HIS A 289 -7.43 33.17 -12.77
C HIS A 289 -8.10 34.47 -12.28
N SER A 290 -7.52 35.12 -11.27
CA SER A 290 -8.01 36.39 -10.77
C SER A 290 -7.76 37.48 -11.81
N PRO A 291 -8.64 38.51 -11.85
CA PRO A 291 -8.35 39.63 -12.77
C PRO A 291 -7.13 40.45 -12.28
N ALA A 292 -6.83 40.39 -10.98
CA ALA A 292 -5.61 40.97 -10.38
C ALA A 292 -4.29 40.49 -11.00
N PHE A 293 -4.23 39.21 -11.39
CA PHE A 293 -3.06 38.64 -12.06
C PHE A 293 -2.98 39.09 -13.51
N LYS A 294 -4.14 39.24 -14.16
CA LYS A 294 -4.19 39.81 -15.52
C LYS A 294 -3.61 41.23 -15.50
N GLU A 295 -3.92 41.99 -14.43
CA GLU A 295 -3.30 43.32 -14.21
C GLU A 295 -1.76 43.20 -14.26
N TYR A 296 -1.21 42.25 -13.48
CA TYR A 296 0.26 41.98 -13.45
C TYR A 296 0.81 41.64 -14.81
N THR A 297 0.16 40.72 -15.51
CA THR A 297 0.63 40.28 -16.82
C THR A 297 0.63 41.40 -17.88
N GLN A 298 -0.41 42.23 -17.88
CA GLN A 298 -0.47 43.42 -18.76
C GLN A 298 0.73 44.32 -18.50
N GLN A 299 1.06 44.50 -17.23
CA GLN A 299 2.22 45.27 -16.82
C GLN A 299 3.56 44.68 -17.33
N VAL A 300 3.66 43.35 -17.39
CA VAL A 300 4.85 42.71 -17.94
C VAL A 300 5.04 43.18 -19.38
N LEU A 301 3.93 43.25 -20.12
CA LEU A 301 3.98 43.65 -21.50
C LEU A 301 4.24 45.15 -21.62
N LEU A 302 3.62 45.96 -20.75
CA LEU A 302 3.84 47.41 -20.73
C LEU A 302 5.31 47.73 -20.45
N ASN A 303 5.86 47.15 -19.38
CA ASN A 303 7.27 47.31 -19.01
C ASN A 303 8.19 46.86 -20.15
N SER A 304 7.85 45.75 -20.78
CA SER A 304 8.66 45.24 -21.88
C SER A 304 8.61 46.15 -23.13
N LYS A 305 7.47 46.78 -23.38
CA LYS A 305 7.31 47.72 -24.51
C LYS A 305 8.17 48.98 -24.25
N ALA A 306 8.01 49.54 -23.05
CA ALA A 306 8.80 50.69 -22.61
C ALA A 306 10.30 50.41 -22.67
N LEU A 307 10.72 49.24 -22.19
CA LEU A 307 12.13 48.89 -22.19
C LEU A 307 12.71 48.83 -23.58
N ALA A 308 11.96 48.24 -24.49
CA ALA A 308 12.40 48.11 -25.87
C ALA A 308 12.56 49.51 -26.45
N LYS A 309 11.60 50.36 -26.13
CA LYS A 309 11.50 51.70 -26.68
C LYS A 309 12.61 52.60 -26.12
N ALA A 310 12.82 52.53 -24.81
CA ALA A 310 13.90 53.30 -24.17
C ALA A 310 15.27 52.81 -24.67
N LEU A 311 15.42 51.51 -24.93
CA LEU A 311 16.69 50.99 -25.47
C LEU A 311 16.96 51.45 -26.90
N ILE A 312 15.92 51.47 -27.74
CA ILE A 312 16.04 52.00 -29.09
C ILE A 312 16.41 53.49 -29.05
N SER A 313 15.74 54.25 -28.18
CA SER A 313 16.06 55.67 -27.93
C SER A 313 17.55 55.95 -27.64
N LYS A 314 18.26 54.97 -27.05
CA LYS A 314 19.72 55.02 -26.82
C LYS A 314 20.53 54.32 -27.89
N GLN A 315 20.00 54.19 -29.10
CA GLN A 315 20.74 53.58 -30.21
C GLN A 315 21.26 52.16 -29.92
N ILE A 316 20.48 51.40 -29.15
CA ILE A 316 20.72 49.98 -28.94
C ILE A 316 19.70 49.23 -29.81
N ASP A 317 20.21 48.30 -30.65
CA ASP A 317 19.37 47.47 -31.53
C ASP A 317 18.79 46.20 -30.88
N LEU A 318 17.49 45.95 -31.13
CA LEU A 318 16.78 44.76 -30.66
C LEU A 318 16.43 43.87 -31.84
N VAL A 319 16.55 42.56 -31.65
CA VAL A 319 16.25 41.59 -32.74
C VAL A 319 14.73 41.69 -33.01
N THR A 320 14.39 41.72 -34.31
CA THR A 320 13.03 42.06 -34.80
C THR A 320 12.55 43.49 -34.51
N ASN A 321 13.43 44.37 -34.03
CA ASN A 321 13.13 45.80 -33.78
C ASN A 321 12.05 46.08 -32.75
N GLY A 322 11.87 45.14 -31.83
CA GLY A 322 10.85 45.26 -30.79
C GLY A 322 10.40 43.92 -30.27
N THR A 323 9.32 43.98 -29.52
CA THR A 323 8.75 42.83 -28.90
C THR A 323 7.21 42.87 -28.77
N ASP A 324 6.60 41.70 -28.93
CA ASP A 324 5.17 41.51 -28.63
C ASP A 324 4.96 40.90 -27.27
N ASN A 325 6.03 40.51 -26.59
CA ASN A 325 5.89 39.84 -25.31
C ASN A 325 6.82 40.46 -24.25
N HIS A 326 7.09 39.65 -23.23
CA HIS A 326 7.91 39.90 -22.06
C HIS A 326 9.43 39.96 -22.25
N LEU A 327 9.94 39.70 -23.45
CA LEU A 327 11.34 39.55 -23.63
C LEU A 327 11.90 40.29 -24.84
N ILE A 328 13.16 40.70 -24.67
CA ILE A 328 13.89 41.47 -25.67
C ILE A 328 15.20 40.75 -25.86
N VAL A 329 15.65 40.66 -27.10
CA VAL A 329 16.98 40.17 -27.40
C VAL A 329 17.73 41.38 -27.99
N VAL A 330 18.87 41.72 -27.40
CA VAL A 330 19.65 42.89 -27.78
C VAL A 330 20.76 42.41 -28.65
N ASP A 331 20.83 42.95 -29.88
CA ASP A 331 21.93 42.68 -30.82
C ASP A 331 23.10 43.64 -30.52
N LEU A 332 24.26 43.07 -30.19
CA LEU A 332 25.45 43.84 -29.74
C LEU A 332 26.57 43.95 -30.80
N ARG A 333 26.29 43.58 -32.04
CA ARG A 333 27.33 43.62 -33.10
C ARG A 333 27.90 45.00 -33.37
N LYS A 334 27.11 46.06 -33.20
CA LYS A 334 27.60 47.43 -33.45
C LYS A 334 28.68 47.90 -32.46
N PHE A 335 28.72 47.29 -31.27
CA PHE A 335 29.69 47.65 -30.25
C PHE A 335 30.95 46.76 -30.26
N SER A 336 30.93 45.68 -31.05
CA SER A 336 32.02 44.70 -31.14
C SER A 336 32.31 44.01 -29.81
N ILE A 337 31.26 43.82 -29.00
CA ILE A 337 31.33 43.04 -27.78
C ILE A 337 30.40 41.84 -27.86
N THR A 338 30.90 40.68 -27.44
CA THR A 338 30.11 39.44 -27.36
C THR A 338 29.12 39.53 -26.20
N GLY A 339 28.22 38.54 -26.13
CA GLY A 339 27.23 38.47 -25.06
C GLY A 339 27.80 38.10 -23.70
N SER A 340 28.74 37.15 -23.67
CA SER A 340 29.40 36.72 -22.40
C SER A 340 30.04 37.90 -21.69
N LYS A 341 30.77 38.70 -22.46
CA LYS A 341 31.42 39.91 -21.92
C LYS A 341 30.44 40.84 -21.18
N LEU A 342 29.29 41.16 -21.78
CA LEU A 342 28.30 42.05 -21.17
C LEU A 342 27.55 41.36 -20.03
N GLN A 343 27.43 40.04 -20.12
CA GLN A 343 26.88 39.27 -19.01
C GLN A 343 27.80 39.40 -17.79
N GLU A 344 29.10 39.17 -18.00
CA GLU A 344 30.11 39.33 -16.92
C GLU A 344 30.02 40.74 -16.31
N THR A 345 29.98 41.74 -17.20
CA THR A 345 29.85 43.12 -16.75
C THR A 345 28.59 43.36 -15.94
N CYS A 346 27.48 42.79 -16.39
CA CYS A 346 26.21 42.96 -15.69
C CYS A 346 26.20 42.19 -14.37
N ASN A 347 26.83 41.02 -14.34
CA ASN A 347 26.93 40.25 -13.09
C ASN A 347 27.72 41.10 -12.07
N ALA A 348 28.78 41.75 -12.56
CA ALA A 348 29.60 42.62 -11.74
C ALA A 348 28.84 43.83 -11.16
N ILE A 349 27.69 44.19 -11.74
CA ILE A 349 26.88 45.25 -11.15
C ILE A 349 25.53 44.82 -10.58
N ASN A 350 25.39 43.51 -10.29
CA ASN A 350 24.14 42.91 -9.83
C ASN A 350 22.95 43.11 -10.81
N VAL A 351 23.26 42.94 -12.09
CA VAL A 351 22.24 42.91 -13.12
C VAL A 351 22.28 41.48 -13.63
N SER A 352 21.17 40.78 -13.46
CA SER A 352 21.05 39.41 -13.93
C SER A 352 20.44 39.37 -15.33
N LEU A 353 21.24 38.89 -16.30
CA LEU A 353 20.76 38.68 -17.66
C LEU A 353 21.63 37.60 -18.29
N ASN A 354 21.17 37.03 -19.40
CA ASN A 354 21.92 35.96 -20.05
C ASN A 354 22.30 36.28 -21.47
N LYS A 355 23.46 35.76 -21.87
CA LYS A 355 23.91 35.75 -23.23
C LYS A 355 22.97 34.91 -24.11
N ASN A 356 22.84 35.31 -25.37
CA ASN A 356 21.85 34.73 -26.28
C ASN A 356 22.28 34.95 -27.72
N THR A 357 22.10 33.92 -28.55
CA THR A 357 22.36 34.04 -29.99
C THR A 357 21.41 35.03 -30.66
N ILE A 358 21.81 35.45 -31.86
CA ILE A 358 21.01 36.31 -32.73
C ILE A 358 21.05 35.67 -34.12
N PRO A 359 20.20 36.15 -35.05
CA PRO A 359 20.13 35.53 -36.37
C PRO A 359 21.46 35.33 -37.07
N SER A 360 22.32 36.33 -37.02
CA SER A 360 23.59 36.25 -37.73
C SER A 360 24.55 35.14 -37.26
N ASP A 361 24.46 34.71 -35.99
CA ASP A 361 25.41 33.73 -35.42
C ASP A 361 25.33 32.35 -36.10
N VAL A 362 26.45 31.89 -36.63
CA VAL A 362 26.56 30.59 -37.30
C VAL A 362 26.39 29.45 -36.27
N ASP A 363 27.24 29.46 -35.24
CA ASP A 363 27.22 28.47 -34.15
C ASP A 363 26.66 29.12 -32.88
N CYS A 364 26.54 28.33 -31.82
CA CYS A 364 26.19 28.85 -30.48
C CYS A 364 27.43 29.20 -29.63
N VAL A 365 28.62 29.16 -30.26
CA VAL A 365 29.87 29.58 -29.62
C VAL A 365 30.02 31.06 -29.97
N SER A 366 30.27 31.89 -28.96
CA SER A 366 30.33 33.35 -29.13
C SER A 366 28.99 33.97 -29.62
N PRO A 367 27.93 33.86 -28.77
CA PRO A 367 26.67 34.54 -29.13
C PRO A 367 26.79 36.06 -29.06
N SER A 368 26.09 36.75 -29.95
CA SER A 368 26.27 38.18 -30.14
C SER A 368 25.15 39.03 -29.53
N GLY A 369 24.35 38.43 -28.64
CA GLY A 369 23.34 39.18 -27.97
C GLY A 369 23.24 38.82 -26.52
N VAL A 370 22.34 39.51 -25.85
CA VAL A 370 21.93 39.14 -24.52
C VAL A 370 20.39 39.13 -24.55
N ARG A 371 19.77 38.32 -23.69
CA ARG A 371 18.33 38.29 -23.57
C ARG A 371 17.95 38.87 -22.23
N ILE A 372 16.91 39.70 -22.24
CA ILE A 372 16.36 40.31 -21.07
C ILE A 372 14.84 40.12 -21.08
N GLY A 373 14.24 40.20 -19.91
CA GLY A 373 12.78 40.13 -19.79
C GLY A 373 12.31 40.78 -18.52
N THR A 374 11.01 41.10 -18.45
CA THR A 374 10.43 41.87 -17.35
C THR A 374 9.58 41.18 -16.27
N PRO A 375 9.30 39.86 -16.40
CA PRO A 375 8.41 39.29 -15.37
C PRO A 375 8.91 39.48 -13.94
N ALA A 376 10.15 39.11 -13.67
CA ALA A 376 10.74 39.24 -12.35
C ALA A 376 10.55 40.67 -11.79
N MET A 377 11.03 41.66 -12.53
CA MET A 377 11.06 43.05 -12.04
C MET A 377 9.67 43.65 -11.91
N THR A 378 8.79 43.24 -12.83
CA THR A 378 7.38 43.60 -12.75
C THR A 378 6.72 43.03 -11.51
N THR A 379 7.12 41.81 -11.11
CA THR A 379 6.69 41.24 -9.84
C THR A 379 7.23 42.10 -8.69
N ARG A 380 8.47 42.57 -8.82
CA ARG A 380 9.05 43.44 -7.79
C ARG A 380 8.47 44.87 -7.75
N GLY A 381 7.53 45.19 -8.64
CA GLY A 381 6.74 46.41 -8.55
C GLY A 381 7.21 47.54 -9.45
N ALA A 382 8.23 47.28 -10.25
CA ALA A 382 8.70 48.23 -11.23
C ALA A 382 7.62 48.54 -12.26
N LYS A 383 7.58 49.81 -12.65
CA LYS A 383 6.60 50.34 -13.56
C LYS A 383 7.27 50.84 -14.85
N GLU A 384 6.47 51.44 -15.72
CA GLU A 384 6.95 51.83 -17.06
C GLU A 384 8.05 52.90 -17.01
N LYS A 385 7.88 53.85 -16.08
CA LYS A 385 8.87 54.92 -15.84
C LYS A 385 10.21 54.39 -15.27
N ASP A 386 10.16 53.22 -14.64
CA ASP A 386 11.37 52.56 -14.11
C ASP A 386 12.25 51.92 -15.19
N MET A 387 11.72 51.74 -16.40
CA MET A 387 12.48 51.08 -17.46
C MET A 387 13.57 51.97 -18.05
N GLU A 388 13.42 53.29 -17.95
CA GLU A 388 14.47 54.20 -18.44
C GLU A 388 15.75 53.97 -17.62
N PHE A 389 15.60 53.89 -16.31
CA PHE A 389 16.71 53.54 -15.42
C PHE A 389 17.35 52.23 -15.83
N ILE A 390 16.55 51.18 -16.00
CA ILE A 390 17.12 49.88 -16.38
C ILE A 390 17.84 50.02 -17.70
N ALA A 391 17.20 50.67 -18.67
CA ALA A 391 17.80 50.91 -19.97
C ALA A 391 19.07 51.75 -19.87
N ASP A 392 19.03 52.77 -18.99
CA ASP A 392 20.24 53.58 -18.69
C ASP A 392 21.36 52.69 -18.09
N VAL A 393 21.02 51.83 -17.14
CA VAL A 393 22.01 50.93 -16.54
C VAL A 393 22.64 49.99 -17.57
N LEU A 394 21.82 49.45 -18.47
CA LEU A 394 22.33 48.56 -19.52
C LEU A 394 23.19 49.29 -20.55
N ALA A 395 22.83 50.53 -20.86
CA ALA A 395 23.65 51.40 -21.73
C ALA A 395 25.04 51.68 -21.14
N ARG A 396 25.06 52.01 -19.86
CA ARG A 396 26.32 52.28 -19.14
C ARG A 396 27.16 51.00 -19.05
N ALA A 397 26.50 49.85 -18.87
CA ALA A 397 27.22 48.56 -18.84
C ALA A 397 27.80 48.23 -20.18
N ILE A 398 27.04 48.52 -21.24
CA ILE A 398 27.56 48.30 -22.59
C ILE A 398 28.76 49.19 -22.81
N LYS A 399 28.65 50.47 -22.44
CA LYS A 399 29.79 51.39 -22.62
C LYS A 399 31.05 50.87 -21.87
N ILE A 400 30.88 50.60 -20.57
CA ILE A 400 31.96 50.12 -19.70
C ILE A 400 32.62 48.89 -20.29
N THR A 401 31.79 47.96 -20.76
CA THR A 401 32.26 46.75 -21.40
C THR A 401 33.10 47.07 -22.61
N VAL A 402 32.72 48.12 -23.35
CA VAL A 402 33.51 48.52 -24.53
C VAL A 402 34.87 49.14 -24.11
N ASP A 403 34.85 49.97 -23.07
CA ASP A 403 36.07 50.58 -22.50
C ASP A 403 37.06 49.48 -22.08
N LEU A 404 36.57 48.53 -21.27
CA LEU A 404 37.40 47.44 -20.74
C LEU A 404 38.01 46.56 -21.82
N GLN A 405 37.26 46.31 -22.89
CA GLN A 405 37.76 45.49 -23.99
C GLN A 405 38.92 46.14 -24.72
N GLU A 406 38.82 47.44 -24.99
CA GLU A 406 39.91 48.18 -25.64
C GLU A 406 41.20 48.17 -24.80
N GLN A 407 41.03 48.31 -23.49
CA GLN A 407 42.15 48.24 -22.54
C GLN A 407 42.75 46.83 -22.44
N TYR A 408 41.94 45.83 -22.08
CA TYR A 408 42.50 44.51 -21.72
C TYR A 408 42.58 43.46 -22.82
N GLY A 409 41.99 43.74 -23.99
CA GLY A 409 41.98 42.77 -25.10
C GLY A 409 40.66 42.01 -25.24
N LYS A 410 40.54 41.28 -26.34
CA LYS A 410 39.29 40.59 -26.71
C LYS A 410 39.03 39.29 -25.93
N LYS A 411 40.09 38.56 -25.63
CA LYS A 411 40.01 37.28 -24.89
C LYS A 411 39.26 37.48 -23.58
N LEU A 412 38.38 36.52 -23.23
CA LEU A 412 37.51 36.65 -22.06
C LEU A 412 38.31 36.62 -20.76
N VAL A 413 39.27 35.71 -20.70
CA VAL A 413 40.21 35.62 -19.56
C VAL A 413 40.95 36.94 -19.31
N ASP A 414 41.42 37.57 -20.40
CA ASP A 414 41.99 38.92 -20.33
C ASP A 414 40.94 39.96 -19.92
N PHE A 415 39.78 39.93 -20.58
CA PHE A 415 38.70 40.89 -20.32
C PHE A 415 38.30 40.93 -18.85
N LYS A 416 38.11 39.76 -18.27
CA LYS A 416 37.66 39.66 -16.86
C LYS A 416 38.65 40.20 -15.85
N LYS A 417 39.95 40.16 -16.16
CA LYS A 417 40.98 40.77 -15.29
C LYS A 417 40.65 42.24 -15.08
N GLY A 418 40.13 42.90 -16.12
CA GLY A 418 39.69 44.29 -16.00
C GLY A 418 38.56 44.57 -15.03
N LEU A 419 37.77 43.54 -14.70
CA LEU A 419 36.53 43.69 -13.91
C LEU A 419 36.69 44.04 -12.42
N PRO A 420 37.52 43.31 -11.66
CA PRO A 420 37.53 43.57 -10.22
C PRO A 420 38.16 44.92 -9.84
N GLY A 421 37.52 45.58 -8.88
CA GLY A 421 37.95 46.90 -8.41
C GLY A 421 37.54 48.11 -9.23
N ASN A 422 37.00 47.91 -10.44
CA ASN A 422 36.67 49.02 -11.36
C ASN A 422 35.73 49.99 -10.67
N ALA A 423 36.20 51.23 -10.51
CA ALA A 423 35.49 52.28 -9.76
C ALA A 423 34.12 52.63 -10.35
N GLN A 424 33.99 52.54 -11.67
CA GLN A 424 32.71 52.83 -12.33
C GLN A 424 31.69 51.71 -12.09
N LEU A 425 32.16 50.46 -12.14
CA LEU A 425 31.34 49.31 -11.79
C LEU A 425 30.93 49.35 -10.33
N GLN A 426 31.88 49.58 -9.42
CA GLN A 426 31.57 49.71 -7.99
C GLN A 426 30.55 50.78 -7.77
N GLN A 427 30.75 51.91 -8.44
CA GLN A 427 29.77 53.00 -8.48
C GLN A 427 28.42 52.52 -9.03
N LEU A 428 28.44 51.86 -10.17
CA LEU A 428 27.22 51.41 -10.83
C LEU A 428 26.51 50.30 -10.04
N LYS A 429 27.28 49.27 -9.70
CA LYS A 429 26.82 48.22 -8.77
C LYS A 429 26.15 48.84 -7.53
N GLN A 430 26.78 49.88 -6.98
CA GLN A 430 26.21 50.61 -5.85
C GLN A 430 24.84 51.22 -6.17
N GLU A 431 24.73 51.82 -7.37
CA GLU A 431 23.49 52.46 -7.82
C GLU A 431 22.40 51.40 -7.96
N VAL A 432 22.77 50.24 -8.51
CA VAL A 432 21.84 49.12 -8.67
C VAL A 432 21.30 48.63 -7.32
N VAL A 433 22.22 48.37 -6.37
CA VAL A 433 21.83 47.84 -5.06
C VAL A 433 20.83 48.77 -4.36
N THR A 434 21.07 50.08 -4.40
CA THR A 434 20.20 51.06 -3.71
C THR A 434 18.80 51.05 -4.28
N TRP A 435 18.68 50.92 -5.60
CA TRP A 435 17.37 50.87 -6.25
C TRP A 435 16.68 49.51 -6.04
N ALA A 436 17.39 48.41 -6.34
CA ALA A 436 16.85 47.04 -6.22
C ALA A 436 16.45 46.66 -4.79
N GLY A 437 17.39 46.87 -3.86
CA GLY A 437 17.14 46.68 -2.43
C GLY A 437 15.83 47.25 -1.93
N ALA A 438 15.46 48.43 -2.43
CA ALA A 438 14.27 49.17 -2.00
C ALA A 438 12.92 48.57 -2.42
N LEU A 439 12.89 47.91 -3.58
CA LEU A 439 11.65 47.37 -4.18
C LEU A 439 11.01 46.29 -3.33
N PRO A 440 9.66 46.16 -3.39
CA PRO A 440 9.05 45.08 -2.60
C PRO A 440 9.52 43.70 -3.08
N PHE A 441 9.50 42.75 -2.15
CA PHE A 441 10.13 41.47 -2.34
C PHE A 441 9.29 40.43 -1.62
N PRO A 442 8.71 39.47 -2.37
CA PRO A 442 8.05 38.36 -1.70
C PRO A 442 9.08 37.38 -1.15
N MET B 1 4.45 43.72 -7.19
CA MET B 1 3.03 43.50 -7.61
C MET B 1 2.63 42.03 -7.38
N PHE B 2 2.37 41.70 -6.12
CA PHE B 2 2.05 40.32 -5.73
C PHE B 2 1.18 40.28 -4.50
N ASN B 3 0.53 39.13 -4.29
CA ASN B 3 -0.21 38.83 -3.07
C ASN B 3 0.63 38.01 -2.09
N ASN B 4 0.88 38.57 -0.91
CA ASN B 4 1.68 37.88 0.09
C ASN B 4 0.92 37.49 1.36
N GLU B 5 -0.40 37.31 1.24
CA GLU B 5 -1.21 36.76 2.33
C GLU B 5 -0.80 35.30 2.62
N PRO B 6 -0.83 34.88 3.90
CA PRO B 6 -0.54 33.45 4.22
C PRO B 6 -1.47 32.46 3.53
N LEU B 7 -0.97 31.24 3.34
CA LEU B 7 -1.67 30.14 2.63
C LEU B 7 -3.12 29.92 3.07
N GLU B 8 -3.38 30.08 4.37
CA GLU B 8 -4.73 29.92 4.94
C GLU B 8 -5.72 31.01 4.49
N GLN B 9 -5.23 32.23 4.30
CA GLN B 9 -6.07 33.32 3.81
C GLN B 9 -6.16 33.31 2.28
N ILE B 10 -5.01 33.24 1.60
CA ILE B 10 -4.95 33.20 0.12
C ILE B 10 -5.75 32.06 -0.51
N ASP B 11 -5.70 30.89 0.12
CA ASP B 11 -6.41 29.72 -0.42
C ASP B 11 -6.83 28.80 0.72
N LYS B 12 -7.97 29.15 1.30
CA LYS B 12 -8.58 28.35 2.37
C LYS B 12 -8.99 26.96 1.89
N GLU B 13 -9.45 26.84 0.63
CA GLU B 13 -9.83 25.53 0.03
C GLU B 13 -8.69 24.50 0.03
N LEU B 14 -7.54 24.88 -0.53
CA LEU B 14 -6.37 24.00 -0.61
C LEU B 14 -5.81 23.71 0.78
N HIS B 15 -5.82 24.71 1.63
CA HIS B 15 -5.21 24.60 2.96
C HIS B 15 -5.94 23.59 3.85
N ASP B 16 -7.25 23.46 3.68
CA ASP B 16 -8.03 22.50 4.45
C ASP B 16 -7.74 21.05 4.04
N ILE B 17 -7.61 20.81 2.73
CA ILE B 17 -7.21 19.50 2.24
C ILE B 17 -5.85 19.12 2.82
N LEU B 18 -4.93 20.10 2.90
CA LEU B 18 -3.58 19.91 3.44
C LEU B 18 -3.56 19.70 4.94
N ALA B 19 -4.41 20.40 5.68
CA ALA B 19 -4.49 20.19 7.13
C ALA B 19 -5.10 18.81 7.45
N ASP B 20 -6.00 18.35 6.58
CA ASP B 20 -6.65 17.03 6.70
C ASP B 20 -5.66 15.93 6.41
N GLU B 21 -4.95 16.09 5.29
CA GLU B 21 -3.86 15.22 4.86
C GLU B 21 -2.82 15.07 5.95
N GLU B 22 -2.49 16.17 6.62
CA GLU B 22 -1.59 16.15 7.79
C GLU B 22 -2.15 15.28 8.95
N LYS B 23 -3.46 15.32 9.14
CA LYS B 23 -4.14 14.51 10.16
C LYS B 23 -4.06 13.02 9.81
N ARG B 24 -4.34 12.66 8.58
CA ARG B 24 -4.30 11.28 8.13
C ARG B 24 -2.88 10.67 8.34
N GLN B 25 -1.83 11.44 8.08
CA GLN B 25 -0.43 11.01 8.29
C GLN B 25 -0.16 10.75 9.77
N ARG B 26 -0.62 11.70 10.60
CA ARG B 26 -0.39 11.65 12.03
C ARG B 26 -1.12 10.50 12.71
N GLU B 27 -2.16 9.98 12.06
CA GLU B 27 -3.04 9.01 12.67
C GLU B 27 -3.04 7.69 11.92
N THR B 28 -2.00 7.46 11.11
CA THR B 28 -1.86 6.24 10.31
C THR B 28 -0.66 5.46 10.85
N ILE B 29 -0.82 4.14 10.90
CA ILE B 29 0.34 3.23 11.01
C ILE B 29 0.84 3.07 9.58
N ASN B 30 1.94 3.75 9.28
CA ASN B 30 2.47 3.82 7.94
C ASN B 30 3.57 2.77 7.80
N LEU B 31 3.26 1.72 7.05
CA LEU B 31 4.22 0.67 6.78
C LEU B 31 4.62 0.69 5.32
N ILE B 32 4.51 1.82 4.61
CA ILE B 32 4.97 1.85 3.21
C ILE B 32 6.48 1.84 3.27
N ALA B 33 7.09 0.88 2.59
CA ALA B 33 8.51 0.56 2.76
C ALA B 33 9.34 1.70 2.21
N SER B 34 8.81 2.34 1.18
CA SER B 34 9.47 3.48 0.51
C SER B 34 9.15 4.84 1.10
N GLU B 35 8.46 4.94 2.25
CA GLU B 35 8.07 6.26 2.77
C GLU B 35 8.78 6.61 4.04
N ASN B 36 8.80 7.89 4.35
CA ASN B 36 9.40 8.39 5.57
C ASN B 36 8.73 9.71 5.86
N LEU B 37 9.23 10.40 6.88
CA LEU B 37 8.77 11.73 7.23
C LEU B 37 9.98 12.62 7.40
N THR B 38 10.00 13.75 6.68
CA THR B 38 11.11 14.71 6.75
C THR B 38 10.99 15.58 7.98
N ASN B 39 12.11 16.02 8.51
CA ASN B 39 12.12 16.98 9.63
C ASN B 39 11.80 18.41 9.15
N GLY B 40 11.64 19.34 10.08
CA GLY B 40 11.35 20.73 9.74
C GLY B 40 12.45 21.40 8.91
N ALA B 41 13.71 21.10 9.22
CA ALA B 41 14.83 21.75 8.52
C ALA B 41 14.88 21.44 7.04
N VAL B 42 14.65 20.19 6.68
CA VAL B 42 14.54 19.75 5.29
C VAL B 42 13.34 20.43 4.60
N ARG B 43 12.21 20.53 5.31
CA ARG B 43 11.06 21.27 4.76
C ARG B 43 11.25 22.79 4.63
N GLU B 44 12.05 23.38 5.52
CA GLU B 44 12.51 24.78 5.40
C GLU B 44 13.29 25.03 4.12
N CYS B 45 14.11 24.06 3.72
CA CYS B 45 14.89 24.16 2.49
C CYS B 45 14.02 24.08 1.25
N LEU B 46 13.07 23.14 1.27
CA LEU B 46 12.16 22.98 0.15
C LEU B 46 11.32 24.23 -0.09
N GLY B 47 10.99 24.95 0.98
CA GLY B 47 10.26 26.22 0.90
C GLY B 47 11.13 27.47 0.75
N ASN B 48 12.41 27.30 0.37
CA ASN B 48 13.36 28.42 0.34
C ASN B 48 13.34 29.10 -1.04
N ARG B 49 13.58 30.41 -1.05
CA ARG B 49 13.67 31.16 -2.32
C ARG B 49 14.80 30.77 -3.27
N VAL B 50 15.64 29.84 -2.89
CA VAL B 50 16.66 29.32 -3.81
C VAL B 50 16.07 28.66 -5.08
N SER B 51 14.82 28.20 -5.00
CA SER B 51 14.08 27.67 -6.18
C SER B 51 13.83 28.70 -7.30
N ASN B 52 13.91 29.99 -6.96
CA ASN B 52 13.80 31.07 -7.96
C ASN B 52 14.95 31.12 -8.97
N LYS B 53 16.09 30.54 -8.64
CA LYS B 53 17.28 30.69 -9.46
C LYS B 53 17.37 29.65 -10.56
N TYR B 54 17.64 30.14 -11.78
CA TYR B 54 17.85 29.29 -12.94
C TYR B 54 19.36 29.09 -13.03
N SER B 55 19.82 27.85 -12.95
CA SER B 55 21.26 27.60 -12.87
C SER B 55 21.65 26.38 -13.66
N GLU B 56 21.28 26.42 -14.93
CA GLU B 56 21.59 25.35 -15.88
C GLU B 56 23.07 25.09 -16.01
N GLY B 57 23.43 23.82 -16.19
CA GLY B 57 24.83 23.40 -16.23
C GLY B 57 25.31 22.89 -14.89
N TYR B 58 26.61 23.08 -14.62
CA TYR B 58 27.25 22.59 -13.37
C TYR B 58 28.04 23.71 -12.70
N PRO B 59 28.45 23.53 -11.42
CA PRO B 59 29.14 24.64 -10.76
C PRO B 59 30.47 25.05 -11.45
N LYS B 60 30.77 26.35 -11.43
CA LYS B 60 31.96 26.90 -12.15
C LYS B 60 31.91 26.72 -13.68
N LYS B 61 30.76 26.27 -14.21
CA LYS B 61 30.55 26.03 -15.64
C LYS B 61 29.07 26.30 -15.98
N ARG B 62 28.54 27.38 -15.41
CA ARG B 62 27.14 27.73 -15.53
C ARG B 62 26.96 28.43 -16.85
N TYR B 63 25.72 28.56 -17.33
CA TYR B 63 25.43 29.37 -18.50
C TYR B 63 25.25 30.83 -18.12
N TYR B 64 24.93 31.10 -16.85
CA TYR B 64 24.84 32.48 -16.36
C TYR B 64 25.70 32.73 -15.14
N GLY B 65 25.90 34.00 -14.83
CA GLY B 65 26.41 34.43 -13.52
C GLY B 65 25.28 34.44 -12.50
N GLY B 66 25.52 35.08 -11.37
CA GLY B 66 24.55 35.18 -10.30
C GLY B 66 24.46 33.89 -9.49
N ASN B 67 25.34 32.94 -9.79
CA ASN B 67 25.27 31.58 -9.26
C ASN B 67 26.42 31.29 -8.28
N ASP B 68 26.88 32.32 -7.57
CA ASP B 68 27.94 32.13 -6.60
C ASP B 68 27.44 31.28 -5.43
N PHE B 69 26.32 31.72 -4.86
CA PHE B 69 25.77 31.05 -3.70
C PHE B 69 25.13 29.69 -4.04
N ILE B 70 24.59 29.56 -5.26
CA ILE B 70 24.07 28.28 -5.77
C ILE B 70 25.20 27.28 -6.01
N ASP B 71 26.33 27.76 -6.50
CA ASP B 71 27.49 26.90 -6.70
C ASP B 71 27.99 26.32 -5.40
N LYS B 72 28.04 27.12 -4.36
CA LYS B 72 28.49 26.64 -3.06
C LYS B 72 27.60 25.48 -2.59
N ILE B 73 26.28 25.73 -2.59
CA ILE B 73 25.27 24.75 -2.18
C ILE B 73 25.37 23.47 -3.00
N GLU B 74 25.46 23.57 -4.32
CA GLU B 74 25.65 22.34 -5.13
C GLU B 74 26.95 21.58 -4.81
N GLU B 75 28.06 22.30 -4.57
CA GLU B 75 29.39 21.66 -4.21
C GLU B 75 29.35 21.03 -2.83
N LEU B 76 28.73 21.72 -1.89
CA LEU B 76 28.49 21.19 -0.54
C LEU B 76 27.67 19.89 -0.56
N CYS B 77 26.69 19.81 -1.48
CA CYS B 77 25.81 18.64 -1.55
C CYS B 77 26.58 17.44 -2.10
N GLN B 78 27.41 17.64 -3.13
CA GLN B 78 28.19 16.54 -3.72
C GLN B 78 29.23 16.00 -2.75
N LYS B 79 29.88 16.94 -2.06
CA LYS B 79 30.88 16.61 -1.07
C LYS B 79 30.24 15.78 0.04
N ARG B 80 29.20 16.36 0.68
CA ARG B 80 28.47 15.68 1.76
C ARG B 80 27.97 14.30 1.34
N ALA B 81 27.68 14.12 0.06
CA ALA B 81 27.20 12.83 -0.47
C ALA B 81 28.29 11.76 -0.59
N LEU B 82 29.45 12.19 -1.07
CA LEU B 82 30.58 11.29 -1.25
C LEU B 82 31.08 10.81 0.12
N GLU B 83 31.11 11.73 1.07
CA GLU B 83 31.43 11.41 2.44
C GLU B 83 30.45 10.39 3.08
N ALA B 84 29.15 10.65 2.95
CA ALA B 84 28.12 9.82 3.57
C ALA B 84 28.20 8.40 3.08
N PHE B 85 28.46 8.24 1.80
CA PHE B 85 28.63 6.93 1.24
C PHE B 85 30.09 6.43 1.24
N ASN B 86 30.94 7.08 2.03
CA ASN B 86 32.27 6.59 2.38
C ASN B 86 33.15 6.31 1.18
N VAL B 87 33.18 7.29 0.28
CA VAL B 87 33.93 7.20 -0.95
C VAL B 87 34.79 8.45 -1.07
N SER B 88 35.96 8.28 -1.69
CA SER B 88 36.92 9.35 -1.90
C SER B 88 36.49 10.14 -3.13
N ASP B 89 36.50 11.46 -3.04
CA ASP B 89 36.18 12.28 -4.21
C ASP B 89 37.21 12.15 -5.34
N GLU B 90 38.37 11.57 -5.02
CA GLU B 90 39.38 11.22 -6.03
C GLU B 90 38.95 10.01 -6.85
N GLU B 91 38.25 9.06 -6.23
CA GLU B 91 37.82 7.80 -6.90
C GLU B 91 36.36 7.79 -7.41
N TRP B 92 35.48 8.50 -6.73
CA TRP B 92 34.04 8.51 -7.08
C TRP B 92 33.59 9.87 -7.51
N GLY B 93 32.63 9.89 -8.42
CA GLY B 93 31.87 11.12 -8.69
C GLY B 93 30.40 10.93 -8.36
N VAL B 94 29.75 12.05 -8.01
CA VAL B 94 28.31 12.15 -7.79
C VAL B 94 27.68 13.34 -8.57
N ASN B 95 26.54 13.07 -9.22
CA ASN B 95 25.65 14.13 -9.75
C ASN B 95 24.40 14.26 -8.86
N VAL B 96 24.11 15.49 -8.45
CA VAL B 96 23.08 15.79 -7.45
C VAL B 96 21.84 16.50 -8.06
N GLN B 97 21.75 16.50 -9.39
CA GLN B 97 20.70 17.20 -10.09
C GLN B 97 19.42 16.39 -10.42
N PRO B 98 19.48 15.03 -10.54
CA PRO B 98 18.25 14.32 -10.90
C PRO B 98 17.02 14.64 -10.03
N LEU B 99 15.87 14.84 -10.67
CA LEU B 99 14.67 15.30 -9.97
C LEU B 99 14.01 14.16 -9.26
N SER B 100 14.23 12.94 -9.71
CA SER B 100 13.72 11.78 -9.00
C SER B 100 14.44 10.51 -9.38
N GLY B 101 14.18 9.44 -8.64
CA GLY B 101 14.80 8.14 -8.81
C GLY B 101 14.68 7.56 -10.21
N SER B 102 13.48 7.66 -10.75
CA SER B 102 13.19 7.21 -12.09
C SER B 102 14.04 7.99 -13.14
N ALA B 103 14.01 9.32 -13.05
CA ALA B 103 14.80 10.16 -13.96
C ALA B 103 16.30 9.79 -13.90
N ALA B 104 16.86 9.85 -12.69
CA ALA B 104 18.22 9.42 -12.35
C ALA B 104 18.63 8.11 -12.97
N ASN B 105 17.74 7.11 -12.88
CA ASN B 105 18.03 5.80 -13.44
C ASN B 105 18.09 5.86 -14.95
N VAL B 106 17.06 6.41 -15.60
CA VAL B 106 16.99 6.50 -17.07
C VAL B 106 18.17 7.30 -17.65
N GLN B 107 18.57 8.34 -16.95
CA GLN B 107 19.74 9.12 -17.31
C GLN B 107 21.00 8.28 -17.26
N ALA B 108 21.31 7.74 -16.10
CA ALA B 108 22.47 6.85 -15.94
C ALA B 108 22.52 5.70 -16.98
N LEU B 109 21.37 5.08 -17.26
CA LEU B 109 21.34 3.98 -18.24
C LEU B 109 21.69 4.48 -19.63
N TYR B 110 21.14 5.65 -19.98
CA TYR B 110 21.45 6.28 -21.25
C TYR B 110 22.96 6.59 -21.35
N ALA B 111 23.51 7.22 -20.32
CA ALA B 111 24.95 7.50 -20.28
C ALA B 111 25.81 6.29 -20.65
N LEU B 112 25.53 5.16 -20.02
CA LEU B 112 26.32 3.95 -20.16
C LEU B 112 26.14 3.26 -21.52
N VAL B 113 24.91 3.13 -21.99
CA VAL B 113 24.66 2.36 -23.21
C VAL B 113 24.08 3.13 -24.40
N GLY B 114 23.43 4.27 -24.15
CA GLY B 114 22.80 5.06 -25.21
C GLY B 114 21.56 4.37 -25.76
N VAL B 115 20.88 5.04 -26.68
CA VAL B 115 19.69 4.49 -27.33
C VAL B 115 20.00 3.13 -27.97
N LYS B 116 18.98 2.25 -27.93
CA LYS B 116 19.09 0.84 -28.34
C LYS B 116 19.99 -0.07 -27.47
N GLY B 117 20.70 0.49 -26.49
CA GLY B 117 21.64 -0.26 -25.69
C GLY B 117 21.00 -1.39 -24.89
N LYS B 118 21.77 -2.47 -24.70
CA LYS B 118 21.28 -3.68 -24.02
C LYS B 118 21.43 -3.57 -22.50
N ILE B 119 20.32 -3.76 -21.78
CA ILE B 119 20.34 -3.77 -20.31
C ILE B 119 19.66 -5.03 -19.73
N MET B 120 19.99 -5.33 -18.49
CA MET B 120 19.40 -6.45 -17.76
C MET B 120 19.07 -5.94 -16.37
N GLY B 121 17.86 -6.25 -15.89
CA GLY B 121 17.44 -5.98 -14.51
C GLY B 121 16.48 -7.03 -13.94
N MET B 122 16.20 -6.96 -12.64
CA MET B 122 15.22 -7.88 -12.02
C MET B 122 13.83 -7.56 -12.56
N HIS B 123 13.02 -8.58 -12.75
CA HIS B 123 11.64 -8.41 -13.17
C HIS B 123 10.88 -7.65 -12.06
N LEU B 124 9.88 -6.88 -12.48
CA LEU B 124 9.02 -6.13 -11.54
C LEU B 124 8.30 -7.07 -10.60
N CYS B 125 7.61 -8.07 -11.15
CA CYS B 125 6.99 -9.18 -10.38
C CYS B 125 7.91 -9.87 -9.35
N SER B 126 9.19 -9.98 -9.66
CA SER B 126 10.17 -10.57 -8.73
C SER B 126 10.84 -9.59 -7.78
N GLY B 127 10.48 -8.31 -7.84
CA GLY B 127 10.96 -7.31 -6.89
C GLY B 127 11.81 -6.17 -7.46
N GLY B 128 11.98 -6.13 -8.77
CA GLY B 128 12.70 -5.04 -9.42
C GLY B 128 11.82 -3.82 -9.60
N HIS B 129 12.45 -2.70 -9.95
CA HIS B 129 11.75 -1.47 -10.30
C HIS B 129 11.44 -1.39 -11.78
N LEU B 130 10.44 -0.56 -12.07
CA LEU B 130 9.97 -0.22 -13.43
C LEU B 130 11.10 0.23 -14.33
N THR B 131 12.01 1.05 -13.77
CA THR B 131 13.19 1.57 -14.49
C THR B 131 14.36 0.58 -14.63
N HIS B 132 14.16 -0.67 -14.21
CA HIS B 132 15.14 -1.71 -14.46
C HIS B 132 14.82 -2.50 -15.75
N GLY B 133 14.06 -1.89 -16.65
CA GLY B 133 13.76 -2.46 -17.94
C GLY B 133 12.40 -3.16 -18.03
N PHE B 134 11.46 -2.81 -17.16
CA PHE B 134 10.20 -3.53 -17.15
C PHE B 134 9.41 -3.37 -18.43
N PHE B 135 9.12 -4.52 -19.06
CA PHE B 135 8.11 -4.62 -20.09
C PHE B 135 7.19 -5.81 -19.82
N ASP B 136 6.19 -5.96 -20.66
CA ASP B 136 5.20 -7.05 -20.55
C ASP B 136 4.75 -7.40 -21.97
N GLU B 137 4.20 -8.60 -22.15
CA GLU B 137 3.81 -9.11 -23.49
C GLU B 137 3.04 -8.09 -24.34
N LYS B 138 2.09 -7.40 -23.70
CA LYS B 138 1.24 -6.41 -24.37
C LYS B 138 2.02 -5.15 -24.82
N LYS B 139 2.93 -4.66 -23.98
CA LYS B 139 3.58 -3.37 -24.22
C LYS B 139 4.89 -3.18 -23.46
N LYS B 140 5.76 -2.34 -24.03
CA LYS B 140 6.97 -1.88 -23.35
C LYS B 140 6.57 -0.78 -22.38
N VAL B 141 6.31 -1.17 -21.13
CA VAL B 141 5.68 -0.34 -20.12
C VAL B 141 6.58 0.82 -19.67
N SER B 142 7.84 0.51 -19.41
CA SER B 142 8.80 1.53 -19.06
C SER B 142 9.49 1.99 -20.31
N ILE B 143 9.93 3.24 -20.31
CA ILE B 143 10.84 3.73 -21.34
C ILE B 143 12.14 2.92 -21.33
N THR B 144 12.56 2.48 -20.14
CA THR B 144 13.77 1.68 -20.00
C THR B 144 13.73 0.33 -20.72
N SER B 145 12.55 -0.07 -21.17
CA SER B 145 12.39 -1.26 -22.01
C SER B 145 12.16 -0.96 -23.49
N ASP B 146 12.16 0.33 -23.85
CA ASP B 146 11.79 0.80 -25.19
C ASP B 146 12.94 1.54 -25.87
N MET B 147 13.50 2.54 -25.19
CA MET B 147 14.69 3.21 -25.68
C MET B 147 15.94 2.36 -25.46
N PHE B 148 15.80 1.27 -24.71
CA PHE B 148 16.82 0.27 -24.50
C PHE B 148 16.21 -1.07 -24.86
N GLU B 149 17.08 -2.04 -25.17
CA GLU B 149 16.68 -3.43 -25.34
C GLU B 149 16.96 -4.12 -23.99
N SER B 150 15.91 -4.51 -23.30
CA SER B 150 16.06 -5.11 -21.96
C SER B 150 15.66 -6.58 -21.92
N LYS B 151 16.31 -7.30 -21.02
CA LYS B 151 15.93 -8.67 -20.68
C LYS B 151 15.84 -8.75 -19.15
N LEU B 152 14.86 -9.49 -18.63
CA LEU B 152 14.54 -9.43 -17.18
C LEU B 152 14.80 -10.77 -16.51
N TYR B 153 15.49 -10.75 -15.38
CA TYR B 153 15.82 -11.99 -14.66
C TYR B 153 14.94 -12.16 -13.42
N LYS B 154 14.51 -13.39 -13.19
CA LYS B 154 13.60 -13.70 -12.08
C LYS B 154 14.35 -13.97 -10.80
N CYS B 155 13.60 -14.09 -9.71
CA CYS B 155 14.09 -14.67 -8.48
C CYS B 155 13.58 -16.09 -8.55
N ASN B 156 14.09 -16.98 -7.69
CA ASN B 156 13.63 -18.40 -7.70
C ASN B 156 12.30 -18.57 -6.94
N SER B 157 11.81 -19.82 -6.87
CA SER B 157 10.54 -20.11 -6.17
C SER B 157 10.56 -19.77 -4.67
N GLN B 158 11.73 -19.75 -4.02
CA GLN B 158 11.85 -19.28 -2.63
C GLN B 158 11.99 -17.78 -2.47
N GLY B 159 12.07 -17.05 -3.59
CA GLY B 159 12.18 -15.58 -3.56
C GLY B 159 13.57 -14.98 -3.61
N TYR B 160 14.59 -15.80 -3.87
CA TYR B 160 15.98 -15.33 -3.84
C TYR B 160 16.47 -15.03 -5.26
N VAL B 161 17.41 -14.09 -5.38
CA VAL B 161 18.12 -13.84 -6.65
C VAL B 161 18.81 -15.13 -7.10
N ASP B 162 18.56 -15.54 -8.34
CA ASP B 162 19.03 -16.82 -8.88
C ASP B 162 20.21 -16.55 -9.80
N LEU B 163 21.42 -16.52 -9.23
CA LEU B 163 22.63 -16.12 -9.97
C LEU B 163 22.99 -16.97 -11.19
N ASP B 164 22.70 -18.26 -11.13
CA ASP B 164 22.90 -19.16 -12.27
C ASP B 164 22.04 -18.74 -13.48
N ALA B 165 20.85 -18.24 -13.20
CA ALA B 165 19.95 -17.72 -14.23
C ALA B 165 20.45 -16.38 -14.80
N VAL B 166 21.03 -15.55 -13.93
CA VAL B 166 21.68 -14.28 -14.33
C VAL B 166 22.86 -14.51 -15.29
N ARG B 167 23.76 -15.41 -14.90
CA ARG B 167 24.86 -15.88 -15.76
C ARG B 167 24.31 -16.49 -17.04
N GLU B 168 23.37 -17.43 -16.93
CA GLU B 168 22.71 -18.07 -18.10
C GLU B 168 22.19 -17.04 -19.11
N MET B 169 21.64 -15.93 -18.59
CA MET B 169 21.11 -14.84 -19.43
C MET B 169 22.21 -13.91 -19.88
N ALA B 170 23.05 -13.46 -18.95
CA ALA B 170 24.14 -12.54 -19.30
C ALA B 170 25.03 -13.06 -20.46
N LEU B 171 25.30 -14.37 -20.50
CA LEU B 171 26.19 -14.99 -21.50
C LEU B 171 25.57 -15.10 -22.89
N SER B 172 24.26 -15.29 -22.96
CA SER B 172 23.57 -15.35 -24.26
C SER B 172 23.10 -13.97 -24.73
N PHE B 173 22.54 -13.19 -23.81
CA PHE B 173 22.05 -11.83 -24.13
C PHE B 173 23.17 -10.80 -24.33
N LYS B 174 24.24 -10.92 -23.55
CA LYS B 174 25.44 -10.07 -23.66
C LYS B 174 25.17 -8.58 -23.51
N PRO B 175 24.47 -8.19 -22.42
CA PRO B 175 24.15 -6.80 -22.24
C PRO B 175 25.38 -5.95 -21.94
N LYS B 176 25.24 -4.63 -22.04
CA LYS B 176 26.28 -3.71 -21.54
C LYS B 176 25.99 -3.20 -20.12
N VAL B 177 24.78 -3.45 -19.58
CA VAL B 177 24.50 -3.11 -18.16
C VAL B 177 23.68 -4.20 -17.44
N ILE B 178 24.09 -4.52 -16.22
CA ILE B 178 23.32 -5.43 -15.39
C ILE B 178 22.94 -4.67 -14.15
N ILE B 179 21.63 -4.50 -13.97
CA ILE B 179 21.10 -3.75 -12.86
C ILE B 179 20.83 -4.70 -11.69
N CYS B 180 21.24 -4.28 -10.49
CA CYS B 180 20.94 -4.96 -9.26
C CYS B 180 20.62 -3.89 -8.23
N GLY B 181 20.02 -4.28 -7.10
CA GLY B 181 19.42 -3.33 -6.13
C GLY B 181 17.97 -3.18 -6.55
N TYR B 182 17.04 -3.27 -5.59
CA TYR B 182 15.62 -3.51 -5.93
C TYR B 182 14.57 -2.73 -5.11
N THR B 183 13.30 -2.96 -5.44
CA THR B 183 12.20 -2.24 -4.78
C THR B 183 11.47 -3.02 -3.71
N SER B 184 11.27 -4.31 -3.92
CA SER B 184 10.71 -5.16 -2.88
C SER B 184 11.49 -6.46 -2.81
N TYR B 185 12.71 -6.35 -2.31
CA TYR B 185 13.58 -7.48 -2.03
C TYR B 185 13.96 -7.41 -0.55
N PRO B 186 13.56 -8.44 0.23
CA PRO B 186 13.81 -8.44 1.67
C PRO B 186 15.24 -8.86 2.12
N ARG B 187 16.10 -9.33 1.21
CA ARG B 187 17.48 -9.77 1.59
C ARG B 187 18.61 -8.89 1.01
N ASP B 188 19.82 -9.08 1.51
CA ASP B 188 20.99 -8.34 1.01
C ASP B 188 21.40 -8.92 -0.36
N ILE B 189 22.28 -8.20 -1.06
CA ILE B 189 22.66 -8.53 -2.42
C ILE B 189 24.14 -8.98 -2.50
N ASP B 190 24.39 -9.99 -3.35
CA ASP B 190 25.75 -10.51 -3.55
C ASP B 190 26.41 -9.69 -4.68
N TYR B 191 26.91 -8.52 -4.33
CA TYR B 191 27.44 -7.57 -5.33
C TYR B 191 28.68 -8.12 -6.02
N GLN B 192 29.46 -8.91 -5.27
CA GLN B 192 30.66 -9.55 -5.80
C GLN B 192 30.34 -10.54 -6.89
N GLN B 193 29.34 -11.39 -6.66
CA GLN B 193 28.96 -12.33 -7.70
C GLN B 193 28.38 -11.60 -8.90
N PHE B 194 27.79 -10.41 -8.71
CA PHE B 194 27.34 -9.60 -9.87
C PHE B 194 28.53 -9.05 -10.68
N ARG B 195 29.50 -8.50 -9.97
CA ARG B 195 30.78 -8.02 -10.56
C ARG B 195 31.51 -9.11 -11.37
N GLN B 196 31.54 -10.32 -10.80
CA GLN B 196 32.03 -11.53 -11.45
C GLN B 196 31.28 -11.85 -12.74
N ILE B 197 29.97 -11.63 -12.76
CA ILE B 197 29.16 -11.93 -13.96
C ILE B 197 29.39 -10.88 -15.04
N CYS B 198 29.55 -9.62 -14.62
CA CYS B 198 29.69 -8.52 -15.55
C CYS B 198 31.06 -8.53 -16.26
N ASP B 199 32.15 -8.70 -15.50
CA ASP B 199 33.52 -8.90 -16.04
C ASP B 199 33.57 -10.04 -17.08
N GLU B 200 32.93 -11.14 -16.76
CA GLU B 200 32.83 -12.29 -17.66
C GLU B 200 32.27 -11.94 -19.04
N VAL B 201 31.34 -10.98 -19.09
CA VAL B 201 30.70 -10.56 -20.36
C VAL B 201 31.01 -9.10 -20.79
N ASN B 202 31.70 -8.35 -19.93
CA ASN B 202 32.12 -6.96 -20.17
C ASN B 202 30.97 -5.93 -20.16
N ALA B 203 30.07 -6.10 -19.20
CA ALA B 203 28.97 -5.15 -18.96
C ALA B 203 29.30 -4.32 -17.72
N TYR B 204 28.71 -3.12 -17.64
CA TYR B 204 28.78 -2.30 -16.43
C TYR B 204 27.92 -2.89 -15.30
N LEU B 205 28.33 -2.71 -14.05
CA LEU B 205 27.51 -3.09 -12.88
C LEU B 205 26.85 -1.86 -12.29
N PHE B 206 25.51 -1.90 -12.30
CA PHE B 206 24.66 -0.81 -11.87
C PHE B 206 23.91 -1.31 -10.64
N ALA B 207 24.09 -0.61 -9.52
CA ALA B 207 23.38 -0.88 -8.30
C ALA B 207 22.42 0.26 -7.91
N ASP B 208 21.11 -0.03 -7.87
CA ASP B 208 20.10 0.96 -7.45
C ASP B 208 19.81 0.63 -6.03
N ILE B 209 20.33 1.44 -5.12
CA ILE B 209 20.25 1.17 -3.68
C ILE B 209 19.20 2.08 -2.96
N SER B 210 18.26 2.64 -3.73
CA SER B 210 17.22 3.54 -3.17
C SER B 210 16.57 3.09 -1.87
N HIS B 211 16.15 1.83 -1.83
CA HIS B 211 15.52 1.25 -0.61
C HIS B 211 16.43 0.93 0.55
N ILE B 212 17.73 0.76 0.27
CA ILE B 212 18.67 0.29 1.27
C ILE B 212 19.84 1.24 1.49
N SER B 213 19.67 2.50 1.12
CA SER B 213 20.75 3.49 1.07
C SER B 213 21.36 3.81 2.43
N SER B 214 20.50 3.91 3.44
CA SER B 214 20.93 4.21 4.79
C SER B 214 21.80 3.11 5.36
N PHE B 215 21.50 1.88 4.99
CA PHE B 215 22.24 0.71 5.45
C PHE B 215 23.64 0.71 4.83
N VAL B 216 23.73 1.11 3.56
CA VAL B 216 24.99 1.12 2.82
C VAL B 216 25.89 2.22 3.40
N ALA B 217 25.34 3.42 3.51
CA ALA B 217 26.03 4.52 4.20
C ALA B 217 26.59 4.10 5.55
N CYS B 218 25.75 3.49 6.37
CA CYS B 218 26.11 3.13 7.75
C CYS B 218 26.87 1.83 7.92
N ASN B 219 27.19 1.16 6.82
CA ASN B 219 28.00 -0.06 6.85
C ASN B 219 27.36 -1.15 7.71
N ILE B 220 26.03 -1.24 7.56
CA ILE B 220 25.22 -2.25 8.21
C ILE B 220 24.94 -3.39 7.22
N LEU B 221 24.84 -3.07 5.94
CA LEU B 221 24.70 -4.09 4.90
C LEU B 221 25.88 -3.99 3.95
N ASN B 222 25.97 -4.92 3.00
CA ASN B 222 27.04 -4.93 2.01
C ASN B 222 27.16 -3.61 1.28
N ASN B 223 28.38 -3.35 0.81
CA ASN B 223 28.72 -2.05 0.22
C ASN B 223 28.91 -2.26 -1.27
N PRO B 224 27.96 -1.73 -2.09
CA PRO B 224 28.12 -1.93 -3.51
C PRO B 224 29.21 -1.03 -4.13
N PHE B 225 29.74 -0.05 -3.37
CA PHE B 225 30.80 0.83 -3.89
C PHE B 225 32.11 0.07 -4.13
N LEU B 226 32.27 -1.09 -3.52
CA LEU B 226 33.41 -1.93 -3.72
C LEU B 226 33.41 -2.58 -5.11
N HIS B 227 32.23 -2.78 -5.69
CA HIS B 227 32.10 -3.53 -6.95
C HIS B 227 31.47 -2.80 -8.13
N ALA B 228 30.65 -1.79 -7.87
CA ALA B 228 29.82 -1.22 -8.95
C ALA B 228 30.54 -0.12 -9.74
N ASP B 229 30.27 -0.11 -11.04
CA ASP B 229 30.62 1.03 -11.87
C ASP B 229 29.77 2.26 -11.53
N VAL B 230 28.46 2.04 -11.35
CA VAL B 230 27.50 3.10 -11.08
C VAL B 230 26.59 2.73 -9.91
N VAL B 231 26.34 3.68 -9.01
CA VAL B 231 25.34 3.50 -7.97
C VAL B 231 24.33 4.65 -8.04
N THR B 232 23.03 4.33 -8.15
CA THR B 232 21.96 5.37 -8.04
C THR B 232 21.17 5.23 -6.75
N THR B 233 20.65 6.34 -6.27
CA THR B 233 19.72 6.28 -5.16
C THR B 233 18.81 7.49 -4.99
N THR B 234 17.63 7.21 -4.48
CA THR B 234 16.70 8.25 -4.11
C THR B 234 17.12 8.78 -2.77
N THR B 235 16.73 10.00 -2.47
CA THR B 235 16.99 10.66 -1.19
C THR B 235 15.81 10.66 -0.20
N HIS B 236 14.68 10.05 -0.58
CA HIS B 236 13.39 10.25 0.18
C HIS B 236 12.90 9.04 0.96
N LYS B 237 13.47 7.87 0.72
CA LYS B 237 13.06 6.67 1.43
C LYS B 237 13.80 6.55 2.77
N ILE B 238 14.52 5.45 2.99
CA ILE B 238 15.18 5.20 4.28
C ILE B 238 16.13 6.33 4.65
N LEU B 239 16.76 6.96 3.64
CA LEU B 239 17.69 8.08 3.88
C LEU B 239 17.02 9.32 4.47
N ARG B 240 15.71 9.46 4.23
CA ARG B 240 14.87 10.45 4.90
C ARG B 240 15.09 11.89 4.40
N GLY B 241 15.42 12.05 3.14
CA GLY B 241 15.65 13.37 2.57
C GLY B 241 14.45 13.83 1.80
N PRO B 242 14.65 14.78 0.88
CA PRO B 242 13.54 15.20 0.04
C PRO B 242 13.36 14.25 -1.11
N ARG B 243 12.35 14.51 -1.94
CA ARG B 243 12.19 13.74 -3.17
C ARG B 243 13.21 14.19 -4.22
N SER B 244 14.34 13.48 -4.26
CA SER B 244 15.40 13.72 -5.21
C SER B 244 16.14 12.41 -5.53
N ALA B 245 17.17 12.49 -6.34
CA ALA B 245 18.01 11.34 -6.57
C ALA B 245 19.50 11.72 -6.78
N LEU B 246 20.35 10.70 -6.59
CA LEU B 246 21.80 10.82 -6.69
C LEU B 246 22.30 9.75 -7.64
N ILE B 247 23.19 10.15 -8.54
CA ILE B 247 23.90 9.17 -9.40
C ILE B 247 25.37 9.23 -8.98
N PHE B 248 25.91 8.09 -8.56
CA PHE B 248 27.35 7.89 -8.32
C PHE B 248 28.00 7.10 -9.47
N PHE B 249 29.23 7.48 -9.81
CA PHE B 249 30.00 6.82 -10.87
C PHE B 249 31.48 6.65 -10.44
N ASN B 250 32.05 5.52 -10.79
CA ASN B 250 33.42 5.19 -10.38
C ASN B 250 34.38 5.63 -11.47
N LYS B 251 35.02 6.78 -11.27
CA LYS B 251 36.05 7.26 -12.21
C LYS B 251 37.20 6.27 -12.44
N LYS B 252 37.69 5.61 -11.41
CA LYS B 252 38.88 4.72 -11.53
C LYS B 252 38.71 3.52 -12.45
N ARG B 253 37.61 2.81 -12.29
CA ARG B 253 37.25 1.72 -13.21
C ARG B 253 36.95 2.24 -14.62
N ASN B 254 36.44 3.47 -14.69
CA ASN B 254 35.93 4.06 -15.95
C ASN B 254 36.30 5.54 -16.03
N PRO B 255 37.54 5.86 -16.48
CA PRO B 255 37.84 7.28 -16.69
C PRO B 255 37.02 7.76 -17.88
N GLY B 256 36.61 9.03 -17.84
CA GLY B 256 35.68 9.59 -18.82
C GLY B 256 34.20 9.22 -18.67
N ILE B 257 33.83 8.59 -17.54
CA ILE B 257 32.41 8.37 -17.19
C ILE B 257 31.78 9.65 -16.66
N GLU B 258 32.57 10.48 -15.97
CA GLU B 258 32.08 11.72 -15.38
C GLU B 258 31.37 12.63 -16.34
N GLN B 259 31.95 12.79 -17.53
CA GLN B 259 31.34 13.62 -18.55
C GLN B 259 30.07 12.94 -19.10
N LYS B 260 30.10 11.62 -19.29
CA LYS B 260 28.92 10.85 -19.73
C LYS B 260 27.66 11.01 -18.81
N ILE B 261 27.84 10.82 -17.51
CA ILE B 261 26.76 11.01 -16.52
C ILE B 261 26.34 12.48 -16.45
N ASN B 262 27.30 13.40 -16.35
CA ASN B 262 26.95 14.80 -16.21
C ASN B 262 26.22 15.31 -17.47
N SER B 263 26.65 14.89 -18.68
CA SER B 263 26.00 15.36 -19.90
C SER B 263 24.63 14.70 -20.11
N ALA B 264 24.45 13.49 -19.59
CA ALA B 264 23.19 12.77 -19.64
C ALA B 264 22.14 13.42 -18.74
N VAL B 265 22.52 13.87 -17.56
CA VAL B 265 21.61 14.60 -16.70
C VAL B 265 21.29 15.97 -17.34
N PHE B 266 22.33 16.74 -17.67
CA PHE B 266 22.15 17.94 -18.50
C PHE B 266 23.25 18.02 -19.55
N PRO B 267 22.94 18.35 -20.80
CA PRO B 267 21.62 18.80 -21.25
C PRO B 267 20.79 17.75 -22.01
N SER B 268 21.19 16.48 -21.94
CA SER B 268 20.48 15.42 -22.64
C SER B 268 19.01 15.31 -22.16
N PHE B 269 18.79 15.32 -20.83
CA PHE B 269 17.48 15.01 -20.24
C PHE B 269 16.85 16.16 -19.49
N GLN B 270 17.54 16.77 -18.57
CA GLN B 270 16.99 17.85 -17.76
C GLN B 270 17.36 19.24 -18.28
N GLY B 271 16.70 20.25 -17.72
CA GLY B 271 17.03 21.63 -17.94
C GLY B 271 17.57 22.17 -16.63
N GLY B 272 16.89 23.18 -16.08
CA GLY B 272 17.30 23.80 -14.83
C GLY B 272 17.20 22.86 -13.63
N PRO B 273 18.27 22.79 -12.79
CA PRO B 273 18.10 22.04 -11.53
C PRO B 273 17.20 22.75 -10.55
N HIS B 274 16.70 21.99 -9.58
CA HIS B 274 15.83 22.51 -8.57
C HIS B 274 16.65 22.68 -7.33
N ASN B 275 16.99 23.92 -7.03
CA ASN B 275 17.99 24.23 -6.01
C ASN B 275 17.48 24.06 -4.62
N ASN B 276 16.17 24.28 -4.42
CA ASN B 276 15.54 23.96 -3.15
C ASN B 276 15.74 22.46 -2.84
N LYS B 277 15.56 21.59 -3.83
CA LYS B 277 15.89 20.17 -3.65
C LYS B 277 17.34 19.97 -3.20
N ILE B 278 18.27 20.51 -3.97
CA ILE B 278 19.69 20.34 -3.72
C ILE B 278 20.04 20.79 -2.28
N ALA B 279 19.61 21.98 -1.92
CA ALA B 279 19.70 22.44 -0.55
C ALA B 279 19.16 21.41 0.44
N ALA B 280 17.89 21.02 0.28
CA ALA B 280 17.31 19.98 1.14
C ALA B 280 18.20 18.75 1.20
N VAL B 281 18.62 18.26 0.05
CA VAL B 281 19.45 17.06 0.03
C VAL B 281 20.70 17.27 0.88
N ALA B 282 21.32 18.45 0.76
CA ALA B 282 22.50 18.82 1.59
C ALA B 282 22.21 18.80 3.07
N CYS B 283 21.08 19.34 3.47
CA CYS B 283 20.69 19.40 4.87
C CYS B 283 20.56 18.02 5.49
N GLN B 284 19.95 17.10 4.76
CA GLN B 284 19.80 15.74 5.24
C GLN B 284 21.09 14.96 5.18
N LEU B 285 21.89 15.19 4.15
CA LEU B 285 23.17 14.49 4.01
C LEU B 285 24.11 14.75 5.20
N LYS B 286 24.01 15.92 5.83
CA LYS B 286 24.75 16.23 7.07
C LYS B 286 24.30 15.36 8.22
N GLU B 287 22.99 15.19 8.33
CA GLU B 287 22.40 14.29 9.30
C GLU B 287 22.77 12.82 9.04
N VAL B 288 22.76 12.38 7.78
CA VAL B 288 23.06 10.97 7.46
C VAL B 288 24.45 10.56 7.97
N HIS B 289 25.41 11.46 7.88
CA HIS B 289 26.76 11.21 8.37
C HIS B 289 26.89 11.72 9.80
N SER B 290 26.22 11.03 10.71
CA SER B 290 26.24 11.34 12.12
C SER B 290 26.06 10.02 12.86
N PRO B 291 26.55 9.94 14.12
CA PRO B 291 26.30 8.71 14.89
C PRO B 291 24.80 8.55 15.21
N ALA B 292 24.09 9.66 15.43
CA ALA B 292 22.65 9.64 15.72
C ALA B 292 21.80 8.97 14.64
N PHE B 293 22.19 9.14 13.38
CA PHE B 293 21.46 8.57 12.25
C PHE B 293 21.80 7.09 12.06
N LYS B 294 23.04 6.73 12.39
CA LYS B 294 23.44 5.32 12.45
C LYS B 294 22.56 4.60 13.49
N GLU B 295 22.32 5.26 14.63
CA GLU B 295 21.45 4.71 15.69
C GLU B 295 20.04 4.42 15.13
N TYR B 296 19.51 5.38 14.36
CA TYR B 296 18.19 5.28 13.70
C TYR B 296 18.10 4.10 12.73
N THR B 297 19.11 3.97 11.87
CA THR B 297 19.14 2.93 10.83
C THR B 297 19.25 1.52 11.40
N GLN B 298 20.02 1.37 12.46
CA GLN B 298 20.14 0.09 13.18
C GLN B 298 18.76 -0.24 13.71
N GLN B 299 18.14 0.74 14.37
CA GLN B 299 16.77 0.61 14.87
C GLN B 299 15.74 0.23 13.77
N VAL B 300 15.91 0.73 12.55
CA VAL B 300 15.05 0.30 11.42
C VAL B 300 15.21 -1.21 11.24
N LEU B 301 16.45 -1.68 11.31
CA LEU B 301 16.70 -3.09 11.11
C LEU B 301 16.20 -3.91 12.32
N LEU B 302 16.36 -3.39 13.54
CA LEU B 302 15.94 -4.11 14.76
C LEU B 302 14.43 -4.31 14.69
N ASN B 303 13.69 -3.24 14.39
CA ASN B 303 12.25 -3.27 14.21
C ASN B 303 11.81 -4.25 13.14
N SER B 304 12.49 -4.26 12.01
CA SER B 304 12.10 -5.12 10.90
C SER B 304 12.33 -6.61 11.23
N LYS B 305 13.30 -6.90 12.09
CA LYS B 305 13.60 -8.28 12.52
C LYS B 305 12.48 -8.78 13.45
N ALA B 306 12.22 -7.97 14.49
CA ALA B 306 11.14 -8.23 15.46
C ALA B 306 9.78 -8.39 14.79
N LEU B 307 9.53 -7.57 13.78
CA LEU B 307 8.28 -7.62 13.04
C LEU B 307 8.13 -8.91 12.26
N ALA B 308 9.21 -9.30 11.61
CA ALA B 308 9.25 -10.56 10.87
C ALA B 308 9.02 -11.70 11.85
N LYS B 309 9.69 -11.60 13.00
CA LYS B 309 9.61 -12.61 14.06
C LYS B 309 8.21 -12.69 14.71
N ALA B 310 7.58 -11.53 14.98
CA ALA B 310 6.22 -11.55 15.57
C ALA B 310 5.20 -12.08 14.56
N LEU B 311 5.34 -11.74 13.28
CA LEU B 311 4.45 -12.27 12.24
C LEU B 311 4.53 -13.80 12.03
N ILE B 312 5.75 -14.34 12.05
CA ILE B 312 5.96 -15.79 11.96
C ILE B 312 5.38 -16.47 13.22
N SER B 313 5.60 -15.88 14.39
CA SER B 313 4.96 -16.32 15.65
C SER B 313 3.41 -16.45 15.57
N LYS B 314 2.76 -15.64 14.73
CA LYS B 314 1.31 -15.73 14.43
C LYS B 314 1.02 -16.57 13.21
N GLN B 315 1.95 -17.44 12.81
CA GLN B 315 1.73 -18.34 11.66
C GLN B 315 1.52 -17.62 10.34
N ILE B 316 2.05 -16.41 10.19
CA ILE B 316 2.05 -15.69 8.92
C ILE B 316 3.40 -15.91 8.20
N ASP B 317 3.33 -16.30 6.93
CA ASP B 317 4.47 -16.56 6.07
C ASP B 317 5.08 -15.34 5.34
N LEU B 318 6.42 -15.21 5.44
CA LEU B 318 7.19 -14.16 4.80
C LEU B 318 7.99 -14.73 3.63
N VAL B 319 8.11 -13.96 2.55
CA VAL B 319 8.89 -14.39 1.39
C VAL B 319 10.37 -14.43 1.83
N THR B 320 11.03 -15.53 1.47
CA THR B 320 12.38 -15.89 1.98
C THR B 320 12.45 -16.13 3.50
N ASN B 321 11.29 -16.29 4.14
CA ASN B 321 11.20 -16.60 5.58
C ASN B 321 11.86 -15.60 6.52
N GLY B 322 11.90 -14.33 6.14
CA GLY B 322 12.53 -13.29 6.95
C GLY B 322 13.12 -12.18 6.12
N THR B 323 13.89 -11.33 6.80
CA THR B 323 14.50 -10.18 6.19
C THR B 323 15.95 -9.86 6.69
N ASP B 324 16.77 -9.28 5.80
CA ASP B 324 18.05 -8.64 6.23
C ASP B 324 17.99 -7.14 6.30
N ASN B 325 16.88 -6.55 5.81
CA ASN B 325 16.78 -5.12 5.74
C ASN B 325 15.49 -4.62 6.46
N HIS B 326 15.05 -3.44 6.04
CA HIS B 326 13.87 -2.73 6.48
C HIS B 326 12.52 -3.24 6.00
N LEU B 327 12.49 -4.20 5.08
CA LEU B 327 11.25 -4.61 4.48
C LEU B 327 10.94 -6.12 4.49
N ILE B 328 9.64 -6.40 4.59
CA ILE B 328 9.09 -7.73 4.66
C ILE B 328 8.08 -7.81 3.55
N VAL B 329 7.92 -8.99 2.98
CA VAL B 329 6.88 -9.25 2.02
C VAL B 329 6.12 -10.45 2.58
N VAL B 330 4.83 -10.27 2.85
CA VAL B 330 3.98 -11.33 3.39
C VAL B 330 3.37 -12.12 2.26
N ASP B 331 3.49 -13.45 2.31
CA ASP B 331 2.80 -14.36 1.41
C ASP B 331 1.43 -14.70 2.01
N LEU B 332 0.35 -14.27 1.35
CA LEU B 332 -1.02 -14.44 1.86
C LEU B 332 -1.75 -15.68 1.34
N ARG B 333 -1.09 -16.56 0.58
CA ARG B 333 -1.77 -17.69 -0.05
C ARG B 333 -2.43 -18.70 0.90
N LYS B 334 -1.99 -18.78 2.16
CA LYS B 334 -2.60 -19.71 3.13
C LYS B 334 -3.99 -19.27 3.63
N PHE B 335 -4.31 -17.99 3.45
CA PHE B 335 -5.61 -17.44 3.83
C PHE B 335 -6.58 -17.32 2.63
N SER B 336 -6.07 -17.48 1.41
CA SER B 336 -6.86 -17.37 0.19
C SER B 336 -7.46 -15.96 -0.01
N ILE B 337 -6.70 -14.96 0.41
CA ILE B 337 -7.00 -13.56 0.10
C ILE B 337 -5.88 -13.00 -0.78
N THR B 338 -6.23 -12.02 -1.61
CA THR B 338 -5.27 -11.31 -2.45
C THR B 338 -4.73 -10.15 -1.64
N GLY B 339 -3.68 -9.53 -2.15
CA GLY B 339 -3.06 -8.38 -1.49
C GLY B 339 -3.90 -7.13 -1.58
N SER B 340 -4.56 -6.92 -2.72
CA SER B 340 -5.48 -5.79 -2.91
C SER B 340 -6.57 -5.76 -1.83
N LYS B 341 -7.12 -6.92 -1.47
CA LYS B 341 -8.14 -6.98 -0.40
C LYS B 341 -7.58 -6.59 0.97
N LEU B 342 -6.37 -7.06 1.31
CA LEU B 342 -5.77 -6.71 2.60
C LEU B 342 -5.33 -5.24 2.64
N GLN B 343 -4.89 -4.73 1.50
CA GLN B 343 -4.65 -3.29 1.36
C GLN B 343 -5.93 -2.46 1.67
N GLU B 344 -7.06 -2.87 1.08
CA GLU B 344 -8.36 -2.20 1.32
C GLU B 344 -8.71 -2.26 2.81
N THR B 345 -8.58 -3.43 3.42
CA THR B 345 -8.87 -3.59 4.84
C THR B 345 -7.99 -2.72 5.75
N CYS B 346 -6.70 -2.69 5.43
CA CYS B 346 -5.73 -1.94 6.19
C CYS B 346 -5.95 -0.44 5.95
N ASN B 347 -6.35 -0.07 4.74
CA ASN B 347 -6.74 1.34 4.45
C ASN B 347 -7.89 1.75 5.40
N ALA B 348 -8.90 0.87 5.54
CA ALA B 348 -10.05 1.13 6.42
C ALA B 348 -9.68 1.27 7.89
N ILE B 349 -8.55 0.67 8.31
CA ILE B 349 -8.09 0.85 9.69
C ILE B 349 -6.90 1.78 9.86
N ASN B 350 -6.66 2.65 8.86
CA ASN B 350 -5.54 3.60 8.88
C ASN B 350 -4.18 2.90 8.98
N VAL B 351 -4.05 1.83 8.20
CA VAL B 351 -2.82 1.08 8.11
C VAL B 351 -2.38 1.25 6.67
N SER B 352 -1.23 1.88 6.48
CA SER B 352 -0.70 2.07 5.15
C SER B 352 0.32 1.00 4.76
N LEU B 353 -0.08 0.20 3.76
CA LEU B 353 0.77 -0.81 3.21
C LEU B 353 0.37 -1.01 1.75
N ASN B 354 1.27 -1.59 0.96
CA ASN B 354 0.94 -1.83 -0.43
C ASN B 354 0.93 -3.29 -0.74
N LYS B 355 0.14 -3.64 -1.73
CA LYS B 355 0.13 -4.97 -2.30
C LYS B 355 1.42 -5.18 -3.05
N ASN B 356 1.82 -6.44 -3.18
CA ASN B 356 3.10 -6.78 -3.77
C ASN B 356 3.11 -8.24 -4.23
N THR B 357 3.60 -8.48 -5.44
CA THR B 357 3.77 -9.85 -5.96
C THR B 357 4.64 -10.75 -5.06
N ILE B 358 4.56 -12.05 -5.31
CA ILE B 358 5.40 -13.03 -4.65
C ILE B 358 5.94 -13.94 -5.75
N PRO B 359 6.96 -14.76 -5.45
CA PRO B 359 7.56 -15.59 -6.51
C PRO B 359 6.55 -16.42 -7.28
N SER B 360 5.60 -17.01 -6.59
CA SER B 360 4.61 -17.85 -7.26
C SER B 360 3.80 -17.08 -8.33
N ASP B 361 3.48 -15.80 -8.11
CA ASP B 361 2.61 -15.03 -9.03
C ASP B 361 3.21 -14.91 -10.42
N VAL B 362 2.52 -15.50 -11.40
CA VAL B 362 2.89 -15.41 -12.82
C VAL B 362 2.89 -13.96 -13.35
N ASP B 363 1.75 -13.27 -13.18
CA ASP B 363 1.52 -11.93 -13.72
C ASP B 363 1.65 -10.93 -12.56
N CYS B 364 1.48 -9.65 -12.86
CA CYS B 364 1.33 -8.60 -11.82
C CYS B 364 -0.15 -8.30 -11.52
N VAL B 365 -1.04 -9.08 -12.15
CA VAL B 365 -2.49 -9.02 -11.94
C VAL B 365 -2.79 -9.94 -10.76
N SER B 366 -3.49 -9.43 -9.75
CA SER B 366 -3.77 -10.21 -8.53
C SER B 366 -2.48 -10.67 -7.80
N PRO B 367 -1.69 -9.72 -7.26
CA PRO B 367 -0.52 -10.12 -6.48
C PRO B 367 -0.94 -10.73 -5.15
N SER B 368 -0.24 -11.78 -4.74
CA SER B 368 -0.66 -12.57 -3.58
C SER B 368 0.01 -12.14 -2.28
N GLY B 369 0.65 -10.98 -2.24
CA GLY B 369 1.26 -10.53 -1.00
C GLY B 369 1.05 -9.09 -0.71
N VAL B 370 1.59 -8.64 0.40
CA VAL B 370 1.70 -7.24 0.69
C VAL B 370 3.12 -6.96 1.14
N ARG B 371 3.58 -5.74 0.92
CA ARG B 371 4.88 -5.33 1.36
C ARG B 371 4.72 -4.33 2.51
N ILE B 372 5.46 -4.55 3.58
CA ILE B 372 5.57 -3.64 4.69
C ILE B 372 7.05 -3.24 4.94
N GLY B 373 7.24 -2.13 5.64
CA GLY B 373 8.57 -1.70 6.04
C GLY B 373 8.55 -0.81 7.25
N THR B 374 9.68 -0.70 7.93
CA THR B 374 9.78 0.04 9.20
C THR B 374 10.36 1.46 9.24
N PRO B 375 10.93 2.00 8.14
CA PRO B 375 11.53 3.34 8.25
C PRO B 375 10.61 4.43 8.81
N ALA B 376 9.40 4.54 8.23
CA ALA B 376 8.42 5.54 8.66
C ALA B 376 8.10 5.45 10.17
N MET B 377 7.77 4.23 10.64
CA MET B 377 7.38 4.03 12.04
C MET B 377 8.55 4.12 12.97
N THR B 378 9.72 3.70 12.49
CA THR B 378 10.96 3.85 13.23
C THR B 378 11.29 5.30 13.39
N THR B 379 11.01 6.09 12.35
CA THR B 379 11.13 7.55 12.45
C THR B 379 10.16 8.10 13.49
N ARG B 380 8.94 7.56 13.53
CA ARG B 380 7.93 8.01 14.49
C ARG B 380 8.18 7.57 15.94
N GLY B 381 9.24 6.78 16.18
CA GLY B 381 9.75 6.54 17.52
C GLY B 381 9.46 5.15 18.04
N ALA B 382 8.83 4.30 17.22
CA ALA B 382 8.50 2.95 17.58
C ALA B 382 9.74 2.09 17.80
N LYS B 383 9.68 1.25 18.85
CA LYS B 383 10.74 0.35 19.24
C LYS B 383 10.35 -1.09 18.95
N GLU B 384 11.21 -2.02 19.35
CA GLU B 384 11.04 -3.44 18.98
C GLU B 384 9.79 -4.06 19.63
N LYS B 385 9.59 -3.73 20.91
CA LYS B 385 8.36 -4.10 21.66
C LYS B 385 7.04 -3.59 21.02
N ASP B 386 7.12 -2.52 20.23
CA ASP B 386 5.95 -2.00 19.49
C ASP B 386 5.58 -2.80 18.23
N MET B 387 6.46 -3.68 17.77
CA MET B 387 6.21 -4.46 16.56
C MET B 387 5.19 -5.56 16.80
N GLU B 388 5.09 -6.03 18.04
CA GLU B 388 4.07 -7.03 18.37
C GLU B 388 2.68 -6.42 18.14
N PHE B 389 2.46 -5.21 18.63
CA PHE B 389 1.21 -4.48 18.34
C PHE B 389 0.95 -4.36 16.85
N ILE B 390 1.96 -3.99 16.07
CA ILE B 390 1.78 -3.90 14.60
C ILE B 390 1.47 -5.27 14.04
N ALA B 391 2.14 -6.29 14.57
CA ALA B 391 1.88 -7.67 14.16
C ALA B 391 0.47 -8.11 14.60
N ASP B 392 0.08 -7.76 15.83
CA ASP B 392 -1.33 -7.92 16.33
C ASP B 392 -2.32 -7.33 15.33
N VAL B 393 -2.08 -6.07 14.97
CA VAL B 393 -2.99 -5.33 14.07
C VAL B 393 -3.06 -5.95 12.67
N LEU B 394 -1.91 -6.31 12.10
CA LEU B 394 -1.93 -7.00 10.78
C LEU B 394 -2.57 -8.38 10.80
N ALA B 395 -2.32 -9.17 11.84
CA ALA B 395 -3.02 -10.46 12.01
C ALA B 395 -4.55 -10.24 12.14
N ARG B 396 -4.94 -9.25 12.94
CA ARG B 396 -6.41 -8.94 13.10
C ARG B 396 -7.02 -8.52 11.76
N ALA B 397 -6.26 -7.73 10.97
CA ALA B 397 -6.71 -7.34 9.62
C ALA B 397 -6.83 -8.47 8.65
N ILE B 398 -5.95 -9.44 8.74
CA ILE B 398 -6.00 -10.61 7.82
C ILE B 398 -7.22 -11.43 8.19
N LYS B 399 -7.42 -11.67 9.48
CA LYS B 399 -8.63 -12.37 9.95
C LYS B 399 -9.92 -11.69 9.42
N ILE B 400 -10.05 -10.39 9.67
CA ILE B 400 -11.23 -9.60 9.23
C ILE B 400 -11.47 -9.74 7.73
N THR B 401 -10.39 -9.68 6.95
CA THR B 401 -10.46 -9.80 5.49
C THR B 401 -10.94 -11.15 4.99
N VAL B 402 -10.63 -12.22 5.73
CA VAL B 402 -11.09 -13.56 5.34
C VAL B 402 -12.58 -13.72 5.67
N ASP B 403 -13.00 -13.16 6.81
CA ASP B 403 -14.43 -13.16 7.21
C ASP B 403 -15.25 -12.47 6.13
N LEU B 404 -14.89 -11.22 5.83
CA LEU B 404 -15.60 -10.41 4.84
C LEU B 404 -15.70 -11.09 3.47
N GLN B 405 -14.62 -11.72 3.04
CA GLN B 405 -14.63 -12.47 1.80
C GLN B 405 -15.65 -13.62 1.78
N GLU B 406 -15.74 -14.30 2.92
CA GLU B 406 -16.72 -15.37 3.13
C GLU B 406 -18.16 -14.85 2.99
N GLN B 407 -18.42 -13.70 3.62
CA GLN B 407 -19.74 -13.07 3.63
C GLN B 407 -20.13 -12.46 2.27
N TYR B 408 -19.20 -11.72 1.64
CA TYR B 408 -19.54 -10.91 0.46
C TYR B 408 -19.00 -11.42 -0.88
N GLY B 409 -18.13 -12.43 -0.86
CA GLY B 409 -17.59 -13.01 -2.09
C GLY B 409 -16.17 -12.55 -2.43
N LYS B 410 -15.60 -13.23 -3.42
CA LYS B 410 -14.19 -13.07 -3.82
C LYS B 410 -13.97 -11.88 -4.74
N LYS B 411 -14.98 -11.49 -5.51
CA LYS B 411 -14.89 -10.29 -6.37
C LYS B 411 -14.64 -9.03 -5.53
N LEU B 412 -13.64 -8.25 -5.93
CA LEU B 412 -13.23 -7.03 -5.21
C LEU B 412 -14.36 -6.00 -5.12
N VAL B 413 -15.19 -5.93 -6.17
CA VAL B 413 -16.39 -5.07 -6.20
C VAL B 413 -17.24 -5.35 -4.96
N ASP B 414 -17.57 -6.63 -4.81
CA ASP B 414 -18.39 -7.10 -3.70
C ASP B 414 -17.64 -6.97 -2.37
N PHE B 415 -16.33 -7.30 -2.35
CA PHE B 415 -15.57 -7.31 -1.10
C PHE B 415 -15.65 -5.97 -0.36
N LYS B 416 -15.41 -4.88 -1.07
CA LYS B 416 -15.43 -3.54 -0.47
C LYS B 416 -16.77 -3.16 0.16
N LYS B 417 -17.89 -3.62 -0.40
CA LYS B 417 -19.23 -3.30 0.12
C LYS B 417 -19.39 -3.68 1.59
N GLY B 418 -18.73 -4.75 2.01
CA GLY B 418 -18.69 -5.13 3.42
C GLY B 418 -17.84 -4.28 4.35
N LEU B 419 -17.13 -3.28 3.82
CA LEU B 419 -16.11 -2.53 4.57
C LEU B 419 -16.66 -1.29 5.30
N PRO B 420 -17.45 -0.43 4.60
CA PRO B 420 -18.01 0.70 5.35
C PRO B 420 -18.96 0.25 6.47
N GLY B 421 -18.78 0.86 7.64
CA GLY B 421 -19.61 0.58 8.81
C GLY B 421 -19.24 -0.62 9.67
N ASN B 422 -18.32 -1.48 9.21
CA ASN B 422 -17.96 -2.72 9.93
C ASN B 422 -17.50 -2.42 11.36
N ALA B 423 -18.22 -3.00 12.33
CA ALA B 423 -18.02 -2.73 13.76
C ALA B 423 -16.61 -3.06 14.24
N GLN B 424 -16.05 -4.14 13.71
CA GLN B 424 -14.70 -4.58 14.10
C GLN B 424 -13.61 -3.65 13.53
N LEU B 425 -13.78 -3.24 12.26
CA LEU B 425 -12.89 -2.26 11.63
C LEU B 425 -12.95 -0.90 12.33
N GLN B 426 -14.16 -0.37 12.56
CA GLN B 426 -14.31 0.87 13.35
C GLN B 426 -13.57 0.74 14.65
N GLN B 427 -13.74 -0.41 15.29
CA GLN B 427 -13.02 -0.73 16.52
C GLN B 427 -11.50 -0.72 16.30
N LEU B 428 -11.03 -1.45 15.30
CA LEU B 428 -9.58 -1.58 15.04
C LEU B 428 -8.99 -0.24 14.58
N LYS B 429 -9.61 0.35 13.56
CA LYS B 429 -9.35 1.73 13.13
C LYS B 429 -9.18 2.68 14.32
N GLN B 430 -10.07 2.59 15.30
CA GLN B 430 -10.00 3.44 16.50
C GLN B 430 -8.76 3.15 17.37
N GLU B 431 -8.37 1.87 17.48
CA GLU B 431 -7.16 1.48 18.24
C GLU B 431 -5.88 1.93 17.53
N VAL B 432 -5.89 1.93 16.20
CA VAL B 432 -4.76 2.45 15.43
C VAL B 432 -4.56 3.96 15.66
N VAL B 433 -5.67 4.70 15.51
CA VAL B 433 -5.69 6.16 15.66
C VAL B 433 -5.17 6.62 17.01
N THR B 434 -5.50 5.89 18.07
CA THR B 434 -5.07 6.23 19.44
C THR B 434 -3.57 5.96 19.64
N TRP B 435 -3.08 4.88 19.04
CA TRP B 435 -1.67 4.52 19.18
C TRP B 435 -0.81 5.42 18.30
N ALA B 436 -1.15 5.46 17.01
CA ALA B 436 -0.40 6.26 16.00
C ALA B 436 -0.45 7.76 16.30
N GLY B 437 -1.66 8.26 16.56
CA GLY B 437 -1.87 9.64 16.99
C GLY B 437 -0.92 10.15 18.06
N ALA B 438 -0.61 9.33 19.04
CA ALA B 438 0.26 9.70 20.17
C ALA B 438 1.73 9.91 19.80
N LEU B 439 2.24 9.04 18.93
CA LEU B 439 3.66 8.99 18.57
C LEU B 439 4.24 10.32 18.06
N PRO B 440 5.53 10.58 18.35
CA PRO B 440 6.12 11.81 17.84
C PRO B 440 6.05 11.93 16.31
N PHE B 441 5.83 13.16 15.87
CA PHE B 441 5.61 13.51 14.47
C PHE B 441 6.57 14.66 14.13
N PRO B 442 7.45 14.47 13.13
CA PRO B 442 8.33 15.57 12.76
C PRO B 442 7.57 16.74 12.13
N MET C 1 -47.42 -64.53 34.89
CA MET C 1 -47.89 -63.47 35.84
C MET C 1 -47.36 -62.12 35.43
N PHE C 2 -47.99 -61.53 34.42
CA PHE C 2 -47.60 -60.20 33.94
C PHE C 2 -48.75 -59.61 33.15
N ASN C 3 -48.74 -58.28 33.03
CA ASN C 3 -49.72 -57.58 32.22
C ASN C 3 -49.11 -57.15 30.88
N ASN C 4 -49.60 -57.72 29.80
CA ASN C 4 -49.11 -57.39 28.46
C ASN C 4 -50.01 -56.39 27.71
N GLU C 5 -50.97 -55.78 28.39
CA GLU C 5 -51.80 -54.72 27.79
C GLU C 5 -50.93 -53.55 27.27
N PRO C 6 -51.32 -52.94 26.12
CA PRO C 6 -50.56 -51.78 25.60
C PRO C 6 -50.47 -50.59 26.57
N LEU C 7 -49.44 -49.78 26.32
CA LEU C 7 -49.09 -48.59 27.12
C LEU C 7 -50.26 -47.64 27.35
N GLU C 8 -51.08 -47.42 26.32
CA GLU C 8 -52.26 -46.55 26.40
C GLU C 8 -53.28 -47.06 27.44
N GLN C 9 -53.49 -48.37 27.44
CA GLN C 9 -54.49 -48.99 28.28
C GLN C 9 -53.95 -49.20 29.68
N ILE C 10 -52.75 -49.78 29.77
CA ILE C 10 -52.07 -50.01 31.06
C ILE C 10 -51.82 -48.72 31.84
N ASP C 11 -51.46 -47.64 31.14
CA ASP C 11 -51.12 -46.38 31.80
C ASP C 11 -51.47 -45.21 30.88
N LYS C 12 -52.76 -44.86 30.89
CA LYS C 12 -53.29 -43.73 30.12
C LYS C 12 -52.64 -42.40 30.56
N GLU C 13 -52.41 -42.24 31.86
CA GLU C 13 -51.79 -41.01 32.40
C GLU C 13 -50.43 -40.67 31.76
N LEU C 14 -49.50 -41.63 31.80
CA LEU C 14 -48.16 -41.47 31.21
C LEU C 14 -48.24 -41.34 29.69
N HIS C 15 -49.13 -42.12 29.06
CA HIS C 15 -49.27 -42.15 27.60
C HIS C 15 -49.72 -40.82 26.99
N ASP C 16 -50.49 -40.04 27.76
CA ASP C 16 -50.98 -38.75 27.27
C ASP C 16 -49.90 -37.71 27.27
N ILE C 17 -49.14 -37.65 28.37
CA ILE C 17 -47.97 -36.78 28.44
C ILE C 17 -47.00 -37.17 27.29
N LEU C 18 -46.76 -38.46 27.09
CA LEU C 18 -45.90 -38.92 25.96
C LEU C 18 -46.42 -38.51 24.60
N ALA C 19 -47.73 -38.56 24.41
CA ALA C 19 -48.33 -38.11 23.15
C ALA C 19 -48.22 -36.57 22.99
N ASP C 20 -48.25 -35.85 24.12
CA ASP C 20 -48.07 -34.39 24.12
C ASP C 20 -46.63 -34.02 23.79
N GLU C 21 -45.67 -34.71 24.42
CA GLU C 21 -44.23 -34.51 24.18
C GLU C 21 -43.90 -34.73 22.71
N GLU C 22 -44.52 -35.73 22.10
CA GLU C 22 -44.36 -36.01 20.67
C GLU C 22 -44.87 -34.86 19.80
N LYS C 23 -46.03 -34.31 20.15
CA LYS C 23 -46.58 -33.14 19.45
C LYS C 23 -45.67 -31.88 19.57
N ARG C 24 -45.21 -31.55 20.77
CA ARG C 24 -44.28 -30.42 20.92
C ARG C 24 -43.00 -30.60 20.08
N GLN C 25 -42.53 -31.85 19.93
CA GLN C 25 -41.38 -32.14 19.06
C GLN C 25 -41.71 -31.90 17.57
N ARG C 26 -42.92 -32.28 17.20
CA ARG C 26 -43.35 -32.20 15.80
C ARG C 26 -43.59 -30.77 15.32
N GLU C 27 -43.78 -29.84 16.25
CA GLU C 27 -44.18 -28.48 15.90
C GLU C 27 -43.22 -27.47 16.49
N THR C 28 -41.95 -27.87 16.58
CA THR C 28 -40.89 -27.03 17.15
C THR C 28 -39.78 -26.90 16.11
N ILE C 29 -39.21 -25.70 16.04
CA ILE C 29 -37.97 -25.46 15.33
C ILE C 29 -36.91 -25.78 16.38
N ASN C 30 -36.37 -26.99 16.28
CA ASN C 30 -35.38 -27.46 17.23
C ASN C 30 -33.98 -27.04 16.77
N LEU C 31 -33.40 -26.06 17.48
CA LEU C 31 -32.02 -25.65 17.22
C LEU C 31 -31.15 -25.98 18.43
N ILE C 32 -31.40 -27.10 19.12
CA ILE C 32 -30.47 -27.53 20.17
C ILE C 32 -29.33 -28.18 19.43
N ALA C 33 -28.10 -27.74 19.69
CA ALA C 33 -26.97 -28.14 18.85
C ALA C 33 -26.64 -29.61 19.10
N SER C 34 -26.98 -30.08 20.30
CA SER C 34 -26.78 -31.48 20.73
C SER C 34 -27.95 -32.44 20.52
N GLU C 35 -29.03 -32.04 19.83
CA GLU C 35 -30.19 -32.92 19.73
C GLU C 35 -30.36 -33.40 18.30
N ASN C 36 -31.01 -34.54 18.15
CA ASN C 36 -31.38 -35.07 16.82
C ASN C 36 -32.68 -35.83 16.95
N LEU C 37 -33.09 -36.51 15.90
CA LEU C 37 -34.25 -37.37 15.93
C LEU C 37 -33.88 -38.74 15.46
N THR C 38 -34.09 -39.76 16.31
CA THR C 38 -33.80 -41.15 15.97
C THR C 38 -34.81 -41.69 14.99
N ASN C 39 -34.36 -42.53 14.05
CA ASN C 39 -35.30 -43.25 13.17
C ASN C 39 -35.99 -44.41 13.89
N GLY C 40 -37.01 -44.98 13.25
CA GLY C 40 -37.83 -46.06 13.77
C GLY C 40 -37.06 -47.34 14.05
N ALA C 41 -36.02 -47.63 13.27
CA ALA C 41 -35.23 -48.84 13.49
C ALA C 41 -34.36 -48.75 14.75
N VAL C 42 -33.80 -47.57 15.00
CA VAL C 42 -33.06 -47.30 16.23
C VAL C 42 -33.95 -47.42 17.49
N ARG C 43 -35.14 -46.85 17.46
CA ARG C 43 -36.10 -47.02 18.56
C ARG C 43 -36.70 -48.43 18.71
N GLU C 44 -36.72 -49.21 17.62
CA GLU C 44 -37.07 -50.65 17.67
C GLU C 44 -36.04 -51.45 18.45
N CYS C 45 -34.77 -51.07 18.34
CA CYS C 45 -33.70 -51.70 19.10
C CYS C 45 -33.80 -51.37 20.56
N LEU C 46 -34.04 -50.09 20.86
CA LEU C 46 -34.13 -49.62 22.24
C LEU C 46 -35.25 -50.29 23.01
N GLY C 47 -36.35 -50.65 22.33
CA GLY C 47 -37.46 -51.39 22.94
C GLY C 47 -37.39 -52.92 22.84
N ASN C 48 -36.21 -53.47 22.51
CA ASN C 48 -36.07 -54.91 22.27
C ASN C 48 -35.79 -55.65 23.56
N ARG C 49 -36.23 -56.89 23.65
CA ARG C 49 -35.95 -57.75 24.84
C ARG C 49 -34.49 -58.11 25.10
N VAL C 50 -33.56 -57.64 24.28
CA VAL C 50 -32.14 -57.82 24.58
C VAL C 50 -31.71 -57.13 25.91
N SER C 51 -32.42 -56.08 26.33
CA SER C 51 -32.16 -55.42 27.64
C SER C 51 -32.40 -56.32 28.87
N ASN C 52 -33.20 -57.40 28.73
CA ASN C 52 -33.34 -58.41 29.79
C ASN C 52 -32.03 -59.12 30.18
N LYS C 53 -31.08 -59.21 29.27
CA LYS C 53 -29.88 -59.98 29.49
C LYS C 53 -28.87 -59.23 30.31
N TYR C 54 -28.40 -59.87 31.38
CA TYR C 54 -27.26 -59.41 32.15
C TYR C 54 -25.99 -60.01 31.51
N SER C 55 -25.00 -59.18 31.18
CA SER C 55 -23.81 -59.64 30.45
C SER C 55 -22.55 -58.91 30.83
N GLU C 56 -22.31 -58.86 32.15
CA GLU C 56 -21.14 -58.19 32.70
C GLU C 56 -19.84 -58.77 32.15
N GLY C 57 -18.86 -57.90 31.94
CA GLY C 57 -17.61 -58.24 31.30
C GLY C 57 -17.61 -57.87 29.82
N TYR C 58 -16.91 -58.68 29.03
CA TYR C 58 -16.69 -58.42 27.58
C TYR C 58 -16.88 -59.70 26.78
N PRO C 59 -17.08 -59.60 25.44
CA PRO C 59 -17.37 -60.82 24.69
C PRO C 59 -16.24 -61.89 24.79
N LYS C 60 -16.65 -63.16 24.85
CA LYS C 60 -15.73 -64.29 25.07
C LYS C 60 -15.04 -64.31 26.46
N LYS C 61 -15.43 -63.37 27.34
CA LYS C 61 -14.94 -63.28 28.72
C LYS C 61 -16.04 -62.76 29.63
N ARG C 62 -17.24 -63.32 29.46
CA ARG C 62 -18.37 -62.98 30.33
C ARG C 62 -18.17 -63.66 31.67
N TYR C 63 -18.94 -63.24 32.67
CA TYR C 63 -18.99 -63.94 33.95
C TYR C 63 -20.00 -65.06 33.89
N TYR C 64 -21.12 -64.81 33.21
CA TYR C 64 -22.12 -65.87 33.01
C TYR C 64 -21.99 -66.42 31.59
N GLY C 65 -22.74 -67.48 31.31
CA GLY C 65 -22.98 -67.94 29.94
C GLY C 65 -24.31 -67.35 29.47
N GLY C 66 -24.88 -67.97 28.44
CA GLY C 66 -26.13 -67.48 27.85
C GLY C 66 -25.94 -66.28 26.94
N ASN C 67 -24.68 -65.91 26.69
CA ASN C 67 -24.35 -64.63 26.10
C ASN C 67 -23.94 -64.73 24.62
N ASP C 68 -24.23 -65.84 23.95
CA ASP C 68 -23.76 -66.02 22.57
C ASP C 68 -24.31 -64.94 21.61
N PHE C 69 -25.61 -64.68 21.66
CA PHE C 69 -26.20 -63.68 20.79
C PHE C 69 -25.84 -62.23 21.19
N ILE C 70 -25.65 -61.99 22.49
CA ILE C 70 -25.12 -60.69 23.01
C ILE C 70 -23.69 -60.45 22.57
N ASP C 71 -22.86 -61.50 22.61
CA ASP C 71 -21.47 -61.39 22.08
C ASP C 71 -21.43 -60.97 20.62
N LYS C 72 -22.32 -61.51 19.80
CA LYS C 72 -22.34 -61.13 18.37
C LYS C 72 -22.69 -59.66 18.21
N ILE C 73 -23.78 -59.25 18.87
CA ILE C 73 -24.22 -57.86 18.88
C ILE C 73 -23.10 -56.94 19.34
N GLU C 74 -22.46 -57.22 20.49
CA GLU C 74 -21.33 -56.35 20.96
C GLU C 74 -20.12 -56.33 20.00
N GLU C 75 -19.83 -57.45 19.35
CA GLU C 75 -18.70 -57.54 18.33
C GLU C 75 -19.04 -56.76 17.06
N LEU C 76 -20.25 -56.94 16.59
CA LEU C 76 -20.76 -56.17 15.46
C LEU C 76 -20.69 -54.66 15.71
N CYS C 77 -20.99 -54.24 16.94
CA CYS C 77 -21.00 -52.83 17.27
C CYS C 77 -19.59 -52.26 17.29
N GLN C 78 -18.63 -52.99 17.87
CA GLN C 78 -17.22 -52.56 17.90
C GLN C 78 -16.62 -52.47 16.49
N LYS C 79 -16.92 -53.49 15.67
CA LYS C 79 -16.47 -53.56 14.30
C LYS C 79 -16.98 -52.35 13.50
N ARG C 80 -18.31 -52.17 13.51
CA ARG C 80 -18.97 -51.08 12.77
C ARG C 80 -18.51 -49.72 13.24
N ALA C 81 -18.09 -49.61 14.51
CA ALA C 81 -17.56 -48.35 15.05
C ALA C 81 -16.19 -48.00 14.48
N LEU C 82 -15.31 -49.00 14.42
CA LEU C 82 -13.95 -48.81 13.95
C LEU C 82 -13.93 -48.51 12.43
N GLU C 83 -14.79 -49.19 11.70
CA GLU C 83 -15.03 -48.87 10.30
C GLU C 83 -15.54 -47.42 10.11
N ALA C 84 -16.62 -47.06 10.81
CA ALA C 84 -17.24 -45.73 10.67
C ALA C 84 -16.22 -44.63 10.83
N PHE C 85 -15.35 -44.76 11.81
CA PHE C 85 -14.34 -43.74 12.03
C PHE C 85 -13.00 -44.00 11.33
N ASN C 86 -13.02 -44.88 10.32
CA ASN C 86 -11.90 -45.10 9.39
C ASN C 86 -10.60 -45.38 10.14
N VAL C 87 -10.65 -46.38 11.01
CA VAL C 87 -9.53 -46.76 11.84
C VAL C 87 -9.45 -48.27 11.74
N SER C 88 -8.23 -48.80 11.82
CA SER C 88 -7.98 -50.23 11.66
C SER C 88 -8.06 -50.90 13.03
N ASP C 89 -8.75 -52.03 13.12
CA ASP C 89 -8.80 -52.79 14.38
C ASP C 89 -7.42 -53.30 14.84
N GLU C 90 -6.45 -53.37 13.91
CA GLU C 90 -5.06 -53.65 14.27
C GLU C 90 -4.51 -52.49 15.09
N GLU C 91 -4.78 -51.26 14.68
CA GLU C 91 -4.24 -50.05 15.36
C GLU C 91 -5.16 -49.44 16.46
N TRP C 92 -6.48 -49.50 16.27
CA TRP C 92 -7.44 -48.90 17.22
C TRP C 92 -8.32 -49.92 17.88
N GLY C 93 -8.74 -49.61 19.11
CA GLY C 93 -9.81 -50.36 19.77
C GLY C 93 -10.91 -49.43 20.27
N VAL C 94 -12.08 -50.02 20.48
CA VAL C 94 -13.27 -49.32 20.92
C VAL C 94 -14.00 -50.07 22.04
N ASN C 95 -14.41 -49.31 23.06
CA ASN C 95 -15.37 -49.81 24.07
C ASN C 95 -16.75 -49.21 23.78
N VAL C 96 -17.76 -50.07 23.66
CA VAL C 96 -19.11 -49.70 23.27
C VAL C 96 -20.10 -49.77 24.45
N GLN C 97 -19.55 -49.91 25.67
CA GLN C 97 -20.36 -50.10 26.85
C GLN C 97 -20.78 -48.84 27.63
N PRO C 98 -20.01 -47.72 27.56
CA PRO C 98 -20.43 -46.56 28.38
C PRO C 98 -21.87 -46.09 28.18
N LEU C 99 -22.54 -45.80 29.27
CA LEU C 99 -23.97 -45.48 29.25
C LEU C 99 -24.24 -44.09 28.69
N SER C 100 -23.29 -43.19 28.81
CA SER C 100 -23.44 -41.84 28.24
C SER C 100 -22.12 -41.09 28.19
N GLY C 101 -22.14 -39.95 27.52
CA GLY C 101 -20.93 -39.17 27.31
C GLY C 101 -20.12 -38.83 28.54
N SER C 102 -20.82 -38.40 29.58
CA SER C 102 -20.19 -38.00 30.82
C SER C 102 -19.51 -39.24 31.48
N ALA C 103 -20.21 -40.37 31.53
CA ALA C 103 -19.62 -41.61 32.03
C ALA C 103 -18.33 -41.99 31.25
N ALA C 104 -18.45 -42.06 29.93
CA ALA C 104 -17.40 -42.31 28.95
C ALA C 104 -16.15 -41.52 29.20
N ASN C 105 -16.32 -40.22 29.48
CA ASN C 105 -15.21 -39.32 29.72
C ASN C 105 -14.53 -39.61 31.05
N VAL C 106 -15.31 -39.67 32.13
CA VAL C 106 -14.80 -39.95 33.48
C VAL C 106 -14.01 -41.28 33.57
N GLN C 107 -14.53 -42.27 32.86
CA GLN C 107 -13.95 -43.59 32.72
C GLN C 107 -12.60 -43.50 32.00
N ALA C 108 -12.60 -43.04 30.75
CA ALA C 108 -11.33 -42.84 30.01
C ALA C 108 -10.27 -42.02 30.76
N LEU C 109 -10.69 -40.95 31.43
CA LEU C 109 -9.75 -40.09 32.18
C LEU C 109 -9.13 -40.85 33.35
N TYR C 110 -9.95 -41.60 34.07
CA TYR C 110 -9.47 -42.47 35.14
C TYR C 110 -8.45 -43.49 34.62
N ALA C 111 -8.81 -44.21 33.56
CA ALA C 111 -7.89 -45.16 32.92
C ALA C 111 -6.53 -44.55 32.73
N LEU C 112 -6.49 -43.35 32.15
CA LEU C 112 -5.26 -42.68 31.79
C LEU C 112 -4.46 -42.15 32.97
N VAL C 113 -5.12 -41.51 33.93
CA VAL C 113 -4.43 -40.81 35.02
C VAL C 113 -4.67 -41.31 36.43
N GLY C 114 -5.80 -41.96 36.66
CA GLY C 114 -6.16 -42.44 37.99
C GLY C 114 -6.52 -41.30 38.93
N VAL C 115 -6.91 -41.66 40.14
CA VAL C 115 -7.29 -40.70 41.18
C VAL C 115 -6.12 -39.75 41.48
N LYS C 116 -6.46 -38.50 41.82
CA LYS C 116 -5.50 -37.42 42.05
C LYS C 116 -4.75 -36.95 40.79
N GLY C 117 -4.98 -37.58 39.63
CA GLY C 117 -4.20 -37.30 38.43
C GLY C 117 -4.48 -35.96 37.78
N LYS C 118 -3.49 -35.46 37.04
CA LYS C 118 -3.54 -34.11 36.48
C LYS C 118 -4.14 -34.11 35.05
N ILE C 119 -5.17 -33.28 34.84
CA ILE C 119 -5.83 -33.14 33.51
C ILE C 119 -5.96 -31.67 33.09
N MET C 120 -6.07 -31.44 31.78
CA MET C 120 -6.29 -30.10 31.21
C MET C 120 -7.44 -30.16 30.22
N GLY C 121 -8.38 -29.21 30.33
CA GLY C 121 -9.48 -29.06 29.34
C GLY C 121 -9.95 -27.61 29.20
N MET C 122 -10.79 -27.36 28.18
CA MET C 122 -11.36 -26.02 27.96
C MET C 122 -12.37 -25.69 29.02
N HIS C 123 -12.28 -24.46 29.53
CA HIS C 123 -13.21 -23.94 30.51
C HIS C 123 -14.64 -23.99 29.93
N LEU C 124 -15.61 -24.31 30.79
CA LEU C 124 -17.01 -24.42 30.40
C LEU C 124 -17.48 -23.13 29.75
N CYS C 125 -17.33 -22.03 30.48
CA CYS C 125 -17.57 -20.65 29.98
C CYS C 125 -16.98 -20.32 28.58
N SER C 126 -15.88 -21.00 28.19
CA SER C 126 -15.25 -20.79 26.88
C SER C 126 -15.61 -21.80 25.80
N GLY C 127 -16.44 -22.79 26.12
CA GLY C 127 -16.88 -23.79 25.13
C GLY C 127 -16.65 -25.25 25.51
N GLY C 128 -15.95 -25.52 26.60
CA GLY C 128 -15.72 -26.90 27.04
C GLY C 128 -16.93 -27.53 27.72
N HIS C 129 -16.77 -28.81 28.09
CA HIS C 129 -17.76 -29.58 28.81
C HIS C 129 -17.43 -29.68 30.28
N LEU C 130 -18.46 -29.96 31.08
CA LEU C 130 -18.33 -30.18 32.54
C LEU C 130 -17.31 -31.25 32.89
N THR C 131 -17.33 -32.34 32.13
CA THR C 131 -16.42 -33.48 32.36
C THR C 131 -14.99 -33.26 31.85
N HIS C 132 -14.65 -32.01 31.48
CA HIS C 132 -13.30 -31.65 31.09
C HIS C 132 -12.58 -30.95 32.24
N GLY C 133 -13.05 -31.14 33.46
CA GLY C 133 -12.42 -30.60 34.63
C GLY C 133 -13.10 -29.38 35.23
N PHE C 134 -14.35 -29.13 34.89
CA PHE C 134 -14.98 -27.88 35.31
C PHE C 134 -15.08 -27.77 36.81
N PHE C 135 -14.48 -26.71 37.35
CA PHE C 135 -14.74 -26.28 38.71
C PHE C 135 -14.94 -24.78 38.76
N ASP C 136 -15.25 -24.31 39.96
CA ASP C 136 -15.57 -22.91 40.22
C ASP C 136 -14.80 -22.57 41.49
N GLU C 137 -14.62 -21.28 41.76
CA GLU C 137 -14.00 -20.84 43.02
C GLU C 137 -14.57 -21.60 44.23
N LYS C 138 -15.90 -21.58 44.33
CA LYS C 138 -16.64 -22.10 45.50
C LYS C 138 -16.71 -23.62 45.65
N LYS C 139 -16.77 -24.35 44.54
CA LYS C 139 -16.89 -25.81 44.62
C LYS C 139 -16.38 -26.49 43.36
N LYS C 140 -15.91 -27.72 43.54
CA LYS C 140 -15.46 -28.55 42.45
C LYS C 140 -16.72 -29.16 41.82
N VAL C 141 -17.22 -28.55 40.75
CA VAL C 141 -18.53 -28.84 40.21
C VAL C 141 -18.60 -30.22 39.54
N SER C 142 -17.61 -30.56 38.76
CA SER C 142 -17.55 -31.85 38.08
C SER C 142 -16.73 -32.78 38.92
N ILE C 143 -17.09 -34.06 38.94
CA ILE C 143 -16.24 -35.07 39.54
C ILE C 143 -14.84 -35.05 38.92
N THR C 144 -14.74 -34.64 37.65
CA THR C 144 -13.46 -34.51 36.97
C THR C 144 -12.57 -33.42 37.51
N SER C 145 -13.12 -32.50 38.30
CA SER C 145 -12.30 -31.52 39.01
C SER C 145 -11.92 -31.89 40.43
N ASP C 146 -12.39 -33.04 40.91
CA ASP C 146 -12.28 -33.46 42.32
C ASP C 146 -11.53 -34.77 42.46
N MET C 147 -11.91 -35.76 41.65
CA MET C 147 -11.20 -37.02 41.59
C MET C 147 -9.95 -36.89 40.75
N PHE C 148 -9.85 -35.80 39.99
CA PHE C 148 -8.65 -35.41 39.28
C PHE C 148 -8.26 -34.01 39.76
N GLU C 149 -6.98 -33.68 39.61
CA GLU C 149 -6.52 -32.30 39.78
C GLU C 149 -6.56 -31.68 38.38
N SER C 150 -7.46 -30.72 38.18
CA SER C 150 -7.61 -30.11 36.85
C SER C 150 -7.17 -28.66 36.79
N LYS C 151 -6.82 -28.24 35.59
CA LYS C 151 -6.55 -26.84 35.26
C LYS C 151 -7.23 -26.61 33.92
N LEU C 152 -7.67 -25.37 33.67
CA LEU C 152 -8.56 -25.10 32.52
C LEU C 152 -8.05 -23.96 31.68
N TYR C 153 -8.03 -24.15 30.37
CA TYR C 153 -7.53 -23.13 29.45
C TYR C 153 -8.71 -22.43 28.79
N LYS C 154 -8.62 -21.10 28.73
CA LYS C 154 -9.65 -20.27 28.10
C LYS C 154 -9.34 -20.04 26.64
N CYS C 155 -10.38 -19.69 25.88
CA CYS C 155 -10.23 -19.23 24.51
C CYS C 155 -9.91 -17.75 24.59
N ASN C 156 -9.49 -17.13 23.48
CA ASN C 156 -9.12 -15.70 23.48
C ASN C 156 -10.36 -14.78 23.37
N SER C 157 -10.16 -13.46 23.29
CA SER C 157 -11.29 -12.53 23.18
C SER C 157 -12.07 -12.61 21.85
N GLN C 158 -11.50 -13.22 20.81
CA GLN C 158 -12.25 -13.47 19.58
C GLN C 158 -12.95 -14.82 19.56
N GLY C 159 -12.86 -15.58 20.66
CA GLY C 159 -13.50 -16.91 20.77
C GLY C 159 -12.69 -18.12 20.32
N TYR C 160 -11.42 -17.91 19.97
CA TYR C 160 -10.60 -19.00 19.42
C TYR C 160 -9.77 -19.66 20.53
N VAL C 161 -9.54 -20.97 20.38
CA VAL C 161 -8.58 -21.68 21.23
C VAL C 161 -7.23 -20.97 21.09
N ASP C 162 -6.67 -20.58 22.22
CA ASP C 162 -5.42 -19.81 22.28
C ASP C 162 -4.28 -20.76 22.62
N LEU C 163 -3.71 -21.39 21.59
CA LEU C 163 -2.65 -22.43 21.75
C LEU C 163 -1.43 -22.01 22.54
N ASP C 164 -1.01 -20.75 22.37
CA ASP C 164 0.11 -20.21 23.15
C ASP C 164 -0.18 -20.28 24.66
N ALA C 165 -1.43 -20.05 25.05
CA ALA C 165 -1.87 -20.19 26.44
C ALA C 165 -1.87 -21.64 26.91
N VAL C 166 -2.34 -22.54 26.05
CA VAL C 166 -2.30 -24.00 26.32
C VAL C 166 -0.87 -24.49 26.62
N ARG C 167 0.11 -23.94 25.90
CA ARG C 167 1.53 -24.20 26.16
C ARG C 167 1.99 -23.60 27.48
N GLU C 168 1.76 -22.30 27.69
CA GLU C 168 2.11 -21.63 28.96
C GLU C 168 1.64 -22.46 30.15
N MET C 169 0.45 -23.02 30.02
CA MET C 169 -0.19 -23.77 31.10
C MET C 169 0.38 -25.19 31.16
N ALA C 170 0.38 -25.91 30.04
CA ALA C 170 0.92 -27.28 30.03
C ALA C 170 2.36 -27.38 30.63
N LEU C 171 3.30 -26.56 30.14
CA LEU C 171 4.68 -26.52 30.66
C LEU C 171 4.80 -26.14 32.14
N SER C 172 3.89 -25.33 32.65
CA SER C 172 3.90 -24.99 34.08
C SER C 172 3.16 -26.03 34.94
N PHE C 173 2.01 -26.48 34.46
CA PHE C 173 1.15 -27.42 35.19
C PHE C 173 1.60 -28.89 35.10
N LYS C 174 2.20 -29.27 33.97
CA LYS C 174 2.70 -30.64 33.71
C LYS C 174 1.62 -31.69 33.87
N PRO C 175 0.50 -31.54 33.15
CA PRO C 175 -0.54 -32.55 33.28
C PRO C 175 -0.16 -33.83 32.54
N LYS C 176 -0.95 -34.87 32.73
CA LYS C 176 -0.80 -36.14 32.00
C LYS C 176 -1.84 -36.33 30.89
N VAL C 177 -2.89 -35.51 30.86
CA VAL C 177 -3.86 -35.54 29.74
C VAL C 177 -4.30 -34.13 29.35
N ILE C 178 -4.47 -33.91 28.05
CA ILE C 178 -5.01 -32.65 27.56
C ILE C 178 -6.23 -32.97 26.75
N ILE C 179 -7.36 -32.43 27.21
CA ILE C 179 -8.63 -32.63 26.53
C ILE C 179 -8.85 -31.52 25.51
N CYS C 180 -9.27 -31.91 24.32
CA CYS C 180 -9.69 -31.01 23.28
C CYS C 180 -10.92 -31.64 22.61
N GLY C 181 -11.67 -30.84 21.85
CA GLY C 181 -13.03 -31.21 21.39
C GLY C 181 -14.04 -30.69 22.43
N TYR C 182 -15.13 -30.03 21.99
CA TYR C 182 -15.90 -29.14 22.89
C TYR C 182 -17.42 -29.17 22.76
N THR C 183 -18.10 -28.44 23.64
CA THR C 183 -19.57 -28.45 23.67
C THR C 183 -20.15 -27.34 22.80
N SER C 184 -19.60 -26.15 22.90
CA SER C 184 -20.01 -25.04 22.02
C SER C 184 -18.81 -24.29 21.46
N TYR C 185 -18.10 -24.93 20.55
CA TYR C 185 -17.00 -24.33 19.81
C TYR C 185 -17.40 -24.38 18.36
N PRO C 186 -17.54 -23.21 17.69
CA PRO C 186 -18.03 -23.16 16.35
C PRO C 186 -16.99 -23.41 15.25
N ARG C 187 -15.71 -23.55 15.62
CA ARG C 187 -14.63 -23.80 14.63
C ARG C 187 -13.96 -25.18 14.77
N ASP C 188 -13.22 -25.58 13.72
CA ASP C 188 -12.48 -26.84 13.75
C ASP C 188 -11.28 -26.71 14.68
N ILE C 189 -10.70 -27.86 15.01
CA ILE C 189 -9.66 -27.96 16.01
C ILE C 189 -8.35 -28.35 15.33
N ASP C 190 -7.25 -27.79 15.81
CA ASP C 190 -5.92 -28.08 15.27
C ASP C 190 -5.29 -29.19 16.13
N TYR C 191 -5.59 -30.44 15.78
CA TYR C 191 -5.16 -31.56 16.62
C TYR C 191 -3.64 -31.79 16.58
N GLN C 192 -3.00 -31.58 15.42
CA GLN C 192 -1.52 -31.71 15.35
C GLN C 192 -0.85 -30.73 16.30
N GLN C 193 -1.37 -29.51 16.36
CA GLN C 193 -0.85 -28.53 17.29
C GLN C 193 -1.02 -28.98 18.73
N PHE C 194 -2.13 -29.63 19.06
CA PHE C 194 -2.33 -30.20 20.42
C PHE C 194 -1.36 -31.36 20.72
N ARG C 195 -1.23 -32.26 19.75
CA ARG C 195 -0.28 -33.38 19.78
C ARG C 195 1.18 -32.92 20.04
N GLN C 196 1.57 -31.81 19.42
CA GLN C 196 2.88 -31.18 19.59
C GLN C 196 3.09 -30.63 21.00
N ILE C 197 2.03 -30.14 21.62
CA ILE C 197 2.11 -29.60 22.99
C ILE C 197 2.13 -30.72 24.04
N CYS C 198 1.37 -31.78 23.78
CA CYS C 198 1.35 -32.94 24.68
C CYS C 198 2.73 -33.60 24.77
N ASP C 199 3.41 -33.75 23.63
CA ASP C 199 4.76 -34.30 23.56
C ASP C 199 5.80 -33.59 24.44
N GLU C 200 5.78 -32.25 24.48
CA GLU C 200 6.73 -31.50 25.31
C GLU C 200 6.57 -31.73 26.82
N VAL C 201 5.38 -32.19 27.24
CA VAL C 201 5.10 -32.55 28.64
C VAL C 201 4.92 -34.06 28.88
N ASN C 202 4.82 -34.84 27.80
CA ASN C 202 4.60 -36.29 27.83
C ASN C 202 3.17 -36.67 28.30
N ALA C 203 2.21 -35.83 27.95
CA ALA C 203 0.79 -36.03 28.33
C ALA C 203 0.05 -36.72 27.19
N TYR C 204 -1.01 -37.45 27.52
CA TYR C 204 -1.89 -38.06 26.52
C TYR C 204 -2.75 -36.99 25.81
N LEU C 205 -3.17 -37.27 24.57
CA LEU C 205 -4.08 -36.39 23.84
C LEU C 205 -5.44 -37.05 23.76
N PHE C 206 -6.43 -36.36 24.32
CA PHE C 206 -7.80 -36.83 24.44
C PHE C 206 -8.63 -35.86 23.60
N ALA C 207 -9.33 -36.40 22.62
CA ALA C 207 -10.25 -35.65 21.79
C ALA C 207 -11.72 -36.05 22.08
N ASP C 208 -12.50 -35.16 22.68
CA ASP C 208 -13.96 -35.42 22.85
C ASP C 208 -14.63 -34.81 21.67
N ILE C 209 -15.09 -35.65 20.74
CA ILE C 209 -15.68 -35.25 19.48
C ILE C 209 -17.23 -35.47 19.40
N SER C 210 -17.86 -35.57 20.57
CA SER C 210 -19.31 -35.79 20.67
C SER C 210 -20.14 -34.87 19.76
N HIS C 211 -19.82 -33.59 19.74
CA HIS C 211 -20.51 -32.63 18.86
C HIS C 211 -20.19 -32.66 17.38
N ILE C 212 -19.02 -33.19 17.01
CA ILE C 212 -18.59 -33.17 15.60
C ILE C 212 -18.33 -34.55 15.02
N SER C 213 -18.94 -35.56 15.64
CA SER C 213 -18.58 -36.94 15.34
C SER C 213 -18.81 -37.32 13.88
N SER C 214 -19.99 -37.02 13.36
CA SER C 214 -20.31 -37.27 11.97
C SER C 214 -19.37 -36.59 10.99
N PHE C 215 -18.87 -35.41 11.34
CA PHE C 215 -17.95 -34.68 10.47
C PHE C 215 -16.62 -35.42 10.41
N VAL C 216 -16.19 -35.95 11.54
CA VAL C 216 -14.90 -36.64 11.63
C VAL C 216 -15.02 -37.96 10.88
N ALA C 217 -16.07 -38.71 11.18
CA ALA C 217 -16.32 -39.97 10.45
C ALA C 217 -16.38 -39.81 8.95
N CYS C 218 -17.17 -38.85 8.48
CA CYS C 218 -17.36 -38.64 7.05
C CYS C 218 -16.27 -37.81 6.39
N ASN C 219 -15.24 -37.43 7.16
CA ASN C 219 -14.02 -36.77 6.63
C ASN C 219 -14.23 -35.36 6.06
N ILE C 220 -15.22 -34.64 6.61
CA ILE C 220 -15.47 -33.25 6.27
C ILE C 220 -14.58 -32.35 7.10
N LEU C 221 -14.30 -32.71 8.36
CA LEU C 221 -13.43 -31.91 9.22
C LEU C 221 -12.15 -32.68 9.56
N ASN C 222 -11.22 -32.01 10.25
CA ASN C 222 -9.96 -32.58 10.70
C ASN C 222 -10.12 -33.90 11.46
N ASN C 223 -9.14 -34.79 11.30
CA ASN C 223 -9.22 -36.14 11.82
C ASN C 223 -8.36 -36.25 13.07
N PRO C 224 -8.99 -36.38 14.26
CA PRO C 224 -8.16 -36.43 15.46
C PRO C 224 -7.51 -37.81 15.66
N PHE C 225 -7.93 -38.82 14.87
CA PHE C 225 -7.41 -40.17 14.98
C PHE C 225 -5.95 -40.23 14.54
N LEU C 226 -5.53 -39.31 13.67
CA LEU C 226 -4.13 -39.23 13.25
C LEU C 226 -3.17 -38.83 14.39
N HIS C 227 -3.68 -38.14 15.41
CA HIS C 227 -2.85 -37.59 16.50
C HIS C 227 -3.20 -38.01 17.93
N ALA C 228 -4.48 -38.31 18.20
CA ALA C 228 -4.93 -38.51 19.59
C ALA C 228 -4.70 -39.93 20.12
N ASP C 229 -4.31 -40.02 21.39
CA ASP C 229 -4.25 -41.28 22.11
C ASP C 229 -5.62 -41.89 22.39
N VAL C 230 -6.59 -41.03 22.76
CA VAL C 230 -7.95 -41.46 23.08
C VAL C 230 -8.96 -40.54 22.37
N VAL C 231 -10.01 -41.14 21.81
CA VAL C 231 -11.14 -40.37 21.31
C VAL C 231 -12.43 -40.86 21.93
N THR C 232 -13.17 -39.99 22.63
CA THR C 232 -14.53 -40.33 23.06
C THR C 232 -15.59 -39.66 22.21
N THR C 233 -16.73 -40.30 22.12
CA THR C 233 -17.85 -39.65 21.48
C THR C 233 -19.19 -40.21 21.93
N THR C 234 -20.15 -39.31 22.11
CA THR C 234 -21.54 -39.71 22.29
C THR C 234 -22.08 -40.15 20.95
N THR C 235 -23.07 -41.03 20.96
CA THR C 235 -23.76 -41.52 19.76
C THR C 235 -25.08 -40.84 19.39
N HIS C 236 -25.53 -39.84 20.19
CA HIS C 236 -26.92 -39.24 20.08
C HIS C 236 -27.08 -37.84 19.54
N LYS C 237 -26.00 -37.12 19.35
CA LYS C 237 -26.06 -35.78 18.77
C LYS C 237 -26.01 -35.89 17.22
N ILE C 238 -25.03 -35.25 16.61
CA ILE C 238 -24.91 -35.23 15.14
C ILE C 238 -24.86 -36.65 14.53
N LEU C 239 -24.32 -37.62 15.28
CA LEU C 239 -24.27 -39.00 14.81
C LEU C 239 -25.63 -39.66 14.62
N ARG C 240 -26.60 -39.21 15.38
CA ARG C 240 -27.99 -39.62 15.24
C ARG C 240 -28.33 -41.00 15.84
N GLY C 241 -27.60 -41.40 16.88
CA GLY C 241 -27.81 -42.70 17.50
C GLY C 241 -28.68 -42.61 18.72
N PRO C 242 -28.65 -43.65 19.54
CA PRO C 242 -29.30 -43.61 20.84
C PRO C 242 -28.44 -42.85 21.79
N ARG C 243 -28.94 -42.67 23.01
CA ARG C 243 -28.14 -42.05 24.04
C ARG C 243 -27.14 -43.10 24.53
N SER C 244 -25.90 -42.99 24.09
CA SER C 244 -24.81 -43.87 24.51
C SER C 244 -23.45 -43.16 24.27
N ALA C 245 -22.34 -43.84 24.58
CA ALA C 245 -21.02 -43.33 24.23
C ALA C 245 -19.99 -44.40 23.81
N LEU C 246 -18.98 -43.96 23.05
CA LEU C 246 -17.88 -44.78 22.60
C LEU C 246 -16.57 -44.23 23.14
N ILE C 247 -15.71 -45.10 23.64
CA ILE C 247 -14.32 -44.70 23.91
C ILE C 247 -13.43 -45.42 22.89
N PHE C 248 -12.69 -44.62 22.11
CA PHE C 248 -11.62 -45.11 21.22
C PHE C 248 -10.24 -44.95 21.85
N PHE C 249 -9.38 -45.94 21.63
CA PHE C 249 -8.01 -45.90 22.17
C PHE C 249 -6.96 -46.41 21.15
N ASN C 250 -5.81 -45.77 21.14
CA ASN C 250 -4.76 -46.10 20.15
C ASN C 250 -3.76 -47.09 20.77
N LYS C 251 -3.91 -48.37 20.44
CA LYS C 251 -3.02 -49.41 20.98
C LYS C 251 -1.57 -49.21 20.55
N LYS C 252 -1.37 -48.86 19.28
CA LYS C 252 -0.02 -48.73 18.71
C LYS C 252 0.84 -47.71 19.44
N ARG C 253 0.28 -46.54 19.66
CA ARG C 253 0.98 -45.48 20.35
C ARG C 253 1.09 -45.78 21.85
N ASN C 254 0.18 -46.60 22.38
CA ASN C 254 0.13 -46.95 23.83
C ASN C 254 -0.25 -48.41 24.08
N PRO C 255 0.70 -49.35 23.88
CA PRO C 255 0.37 -50.75 24.17
C PRO C 255 0.03 -50.90 25.66
N GLY C 256 -0.92 -51.76 25.97
CA GLY C 256 -1.46 -51.89 27.32
C GLY C 256 -2.54 -50.88 27.73
N ILE C 257 -2.94 -49.97 26.82
CA ILE C 257 -4.07 -49.05 27.04
C ILE C 257 -5.40 -49.79 26.95
N GLU C 258 -5.50 -50.76 26.03
CA GLU C 258 -6.71 -51.57 25.85
C GLU C 258 -7.26 -52.15 27.13
N GLN C 259 -6.34 -52.64 27.96
CA GLN C 259 -6.74 -53.22 29.22
C GLN C 259 -7.11 -52.15 30.23
N LYS C 260 -6.34 -51.06 30.31
CA LYS C 260 -6.63 -49.93 31.24
C LYS C 260 -8.06 -49.34 31.07
N ILE C 261 -8.53 -49.29 29.82
CA ILE C 261 -9.83 -48.74 29.44
C ILE C 261 -11.00 -49.75 29.53
N ASN C 262 -10.86 -50.95 28.96
CA ASN C 262 -11.89 -51.94 29.16
C ASN C 262 -12.14 -52.16 30.68
N SER C 263 -11.08 -52.09 31.49
CA SER C 263 -11.20 -52.30 32.93
C SER C 263 -11.78 -51.07 33.64
N ALA C 264 -11.53 -49.87 33.13
CA ALA C 264 -12.11 -48.64 33.65
C ALA C 264 -13.62 -48.64 33.48
N VAL C 265 -14.09 -49.13 32.36
CA VAL C 265 -15.52 -49.18 32.12
C VAL C 265 -16.14 -50.24 33.00
N PHE C 266 -15.62 -51.46 32.93
CA PHE C 266 -16.00 -52.51 33.85
C PHE C 266 -14.76 -53.29 34.28
N PRO C 267 -14.58 -53.56 35.58
CA PRO C 267 -15.57 -53.35 36.62
C PRO C 267 -15.33 -52.11 37.51
N SER C 268 -14.43 -51.19 37.11
CA SER C 268 -14.15 -50.02 37.93
C SER C 268 -15.42 -49.13 38.14
N PHE C 269 -16.15 -48.84 37.06
CA PHE C 269 -17.25 -47.85 37.07
C PHE C 269 -18.62 -48.45 36.84
N GLN C 270 -18.79 -49.27 35.81
CA GLN C 270 -20.11 -49.81 35.48
C GLN C 270 -20.27 -51.27 35.92
N GLY C 271 -21.51 -51.75 35.87
CA GLY C 271 -21.84 -53.15 36.02
C GLY C 271 -22.33 -53.70 34.68
N GLY C 272 -23.57 -54.21 34.66
CA GLY C 272 -24.14 -54.79 33.45
C GLY C 272 -24.35 -53.78 32.34
N PRO C 273 -23.84 -54.06 31.13
CA PRO C 273 -24.10 -53.14 30.00
C PRO C 273 -25.54 -53.18 29.59
N HIS C 274 -25.96 -52.18 28.84
CA HIS C 274 -27.33 -52.10 28.38
C HIS C 274 -27.36 -52.50 26.93
N ASN C 275 -27.81 -53.72 26.68
CA ASN C 275 -27.66 -54.34 25.36
C ASN C 275 -28.60 -53.80 24.34
N ASN C 276 -29.70 -53.20 24.78
CA ASN C 276 -30.63 -52.48 23.88
C ASN C 276 -29.94 -51.25 23.31
N LYS C 277 -29.17 -50.55 24.13
CA LYS C 277 -28.30 -49.47 23.67
C LYS C 277 -27.26 -49.95 22.64
N ILE C 278 -26.59 -51.06 22.96
CA ILE C 278 -25.53 -51.59 22.11
C ILE C 278 -26.12 -51.99 20.74
N ALA C 279 -27.21 -52.73 20.74
CA ALA C 279 -27.93 -53.02 19.52
C ALA C 279 -28.27 -51.75 18.73
N ALA C 280 -28.84 -50.75 19.39
CA ALA C 280 -29.23 -49.51 18.75
C ALA C 280 -28.04 -48.79 18.13
N VAL C 281 -26.96 -48.70 18.88
CA VAL C 281 -25.76 -48.10 18.37
C VAL C 281 -25.27 -48.83 17.08
N ALA C 282 -25.38 -50.16 17.03
CA ALA C 282 -24.96 -50.96 15.85
C ALA C 282 -25.76 -50.60 14.62
N CYS C 283 -27.06 -50.45 14.81
CA CYS C 283 -27.98 -50.08 13.75
C CYS C 283 -27.59 -48.76 13.12
N GLN C 284 -27.32 -47.77 13.96
CA GLN C 284 -26.96 -46.46 13.49
C GLN C 284 -25.57 -46.41 12.89
N LEU C 285 -24.66 -47.21 13.42
CA LEU C 285 -23.31 -47.26 12.88
C LEU C 285 -23.30 -47.81 11.46
N LYS C 286 -24.24 -48.70 11.13
CA LYS C 286 -24.44 -49.13 9.74
C LYS C 286 -24.86 -47.95 8.87
N GLU C 287 -25.84 -47.17 9.33
CA GLU C 287 -26.24 -45.97 8.62
C GLU C 287 -25.08 -44.97 8.47
N VAL C 288 -24.32 -44.71 9.53
CA VAL C 288 -23.25 -43.72 9.47
C VAL C 288 -22.26 -43.99 8.31
N HIS C 289 -21.93 -45.24 8.02
CA HIS C 289 -20.90 -45.54 7.01
C HIS C 289 -21.36 -45.48 5.54
N SER C 290 -22.67 -45.32 5.30
CA SER C 290 -23.20 -45.21 3.95
C SER C 290 -22.92 -43.82 3.34
N PRO C 291 -22.98 -43.70 1.99
CA PRO C 291 -22.81 -42.38 1.38
C PRO C 291 -23.98 -41.43 1.67
N ALA C 292 -25.19 -42.00 1.82
CA ALA C 292 -26.41 -41.26 2.20
C ALA C 292 -26.32 -40.43 3.50
N PHE C 293 -25.54 -40.91 4.47
CA PHE C 293 -25.34 -40.19 5.73
C PHE C 293 -24.27 -39.10 5.56
N LYS C 294 -23.24 -39.38 4.76
CA LYS C 294 -22.28 -38.35 4.35
C LYS C 294 -23.03 -37.23 3.61
N GLU C 295 -24.01 -37.60 2.77
CA GLU C 295 -24.90 -36.62 2.12
C GLU C 295 -25.63 -35.76 3.18
N TYR C 296 -26.20 -36.42 4.18
CA TYR C 296 -26.86 -35.74 5.32
C TYR C 296 -25.91 -34.82 6.08
N THR C 297 -24.73 -35.32 6.45
CA THR C 297 -23.73 -34.55 7.24
C THR C 297 -23.23 -33.30 6.51
N GLN C 298 -23.13 -33.38 5.19
CA GLN C 298 -22.73 -32.21 4.37
C GLN C 298 -23.83 -31.15 4.46
N GLN C 299 -25.08 -31.59 4.39
CA GLN C 299 -26.22 -30.68 4.51
C GLN C 299 -26.25 -29.92 5.87
N VAL C 300 -25.88 -30.61 6.95
CA VAL C 300 -25.76 -29.98 8.28
C VAL C 300 -24.79 -28.81 8.17
N LEU C 301 -23.68 -29.04 7.47
CA LEU C 301 -22.66 -28.01 7.35
C LEU C 301 -23.15 -26.90 6.41
N LEU C 302 -23.81 -27.26 5.32
CA LEU C 302 -24.31 -26.28 4.35
C LEU C 302 -25.37 -25.41 5.02
N ASN C 303 -26.30 -26.03 5.76
CA ASN C 303 -27.34 -25.29 6.49
C ASN C 303 -26.72 -24.36 7.51
N SER C 304 -25.71 -24.84 8.22
CA SER C 304 -25.07 -24.04 9.25
C SER C 304 -24.33 -22.80 8.67
N LYS C 305 -23.74 -22.95 7.48
CA LYS C 305 -23.03 -21.86 6.80
C LYS C 305 -24.06 -20.81 6.38
N ALA C 306 -25.09 -21.30 5.68
CA ALA C 306 -26.21 -20.49 5.25
C ALA C 306 -26.91 -19.73 6.40
N LEU C 307 -27.07 -20.38 7.56
CA LEU C 307 -27.67 -19.74 8.73
C LEU C 307 -26.78 -18.66 9.33
N ALA C 308 -25.49 -18.95 9.35
CA ALA C 308 -24.51 -17.99 9.81
C ALA C 308 -24.56 -16.76 8.94
N LYS C 309 -24.62 -17.02 7.64
CA LYS C 309 -24.64 -15.99 6.61
C LYS C 309 -25.92 -15.17 6.63
N ALA C 310 -27.07 -15.83 6.77
CA ALA C 310 -28.35 -15.11 6.81
C ALA C 310 -28.42 -14.25 8.07
N LEU C 311 -27.90 -14.74 9.20
CA LEU C 311 -27.93 -13.98 10.45
C LEU C 311 -27.07 -12.73 10.39
N ILE C 312 -25.83 -12.88 9.89
CA ILE C 312 -24.94 -11.72 9.69
C ILE C 312 -25.54 -10.72 8.69
N SER C 313 -26.17 -11.20 7.63
CA SER C 313 -26.89 -10.32 6.69
C SER C 313 -28.07 -9.51 7.33
N LYS C 314 -28.61 -9.98 8.48
CA LYS C 314 -29.52 -9.20 9.37
C LYS C 314 -28.81 -8.52 10.51
N GLN C 315 -27.51 -8.32 10.37
CA GLN C 315 -26.75 -7.54 11.38
C GLN C 315 -26.62 -8.21 12.76
N ILE C 316 -26.75 -9.52 12.84
CA ILE C 316 -26.49 -10.23 14.10
C ILE C 316 -25.05 -10.79 14.09
N ASP C 317 -24.33 -10.54 15.19
CA ASP C 317 -22.98 -11.04 15.39
C ASP C 317 -22.90 -12.48 15.91
N LEU C 318 -21.94 -13.24 15.36
CA LEU C 318 -21.66 -14.62 15.73
C LEU C 318 -20.25 -14.75 16.32
N VAL C 319 -20.08 -15.53 17.39
CA VAL C 319 -18.73 -15.71 18.00
C VAL C 319 -17.79 -16.33 16.95
N THR C 320 -16.62 -15.72 16.79
CA THR C 320 -15.65 -16.04 15.70
C THR C 320 -16.13 -15.66 14.29
N ASN C 321 -17.20 -14.85 14.22
CA ASN C 321 -17.82 -14.37 12.97
C ASN C 321 -18.22 -15.42 11.95
N GLY C 322 -18.55 -16.61 12.44
CA GLY C 322 -18.88 -17.73 11.56
C GLY C 322 -18.68 -19.09 12.22
N THR C 323 -18.79 -20.10 11.38
CA THR C 323 -18.70 -21.46 11.81
C THR C 323 -18.05 -22.39 10.76
N ASP C 324 -17.28 -23.36 11.25
CA ASP C 324 -16.76 -24.44 10.38
C ASP C 324 -17.55 -25.72 10.52
N ASN C 325 -18.53 -25.74 11.42
CA ASN C 325 -19.26 -26.96 11.74
C ASN C 325 -20.79 -26.68 11.78
N HIS C 326 -21.50 -27.58 12.44
CA HIS C 326 -22.96 -27.58 12.70
C HIS C 326 -23.53 -26.48 13.61
N LEU C 327 -22.68 -25.75 14.33
CA LEU C 327 -23.16 -24.88 15.36
C LEU C 327 -22.66 -23.44 15.28
N ILE C 328 -23.52 -22.56 15.79
CA ILE C 328 -23.29 -21.12 15.80
C ILE C 328 -23.53 -20.66 17.20
N VAL C 329 -22.80 -19.64 17.60
CA VAL C 329 -23.02 -19.00 18.88
C VAL C 329 -23.25 -17.52 18.60
N VAL C 330 -24.46 -17.03 18.89
CA VAL C 330 -24.83 -15.64 18.68
C VAL C 330 -24.37 -14.83 19.88
N ASP C 331 -23.70 -13.71 19.60
CA ASP C 331 -23.34 -12.70 20.59
C ASP C 331 -24.45 -11.61 20.61
N LEU C 332 -25.15 -11.48 21.74
CA LEU C 332 -26.32 -10.58 21.87
C LEU C 332 -26.04 -9.24 22.59
N ARG C 333 -24.77 -8.90 22.83
CA ARG C 333 -24.42 -7.70 23.62
C ARG C 333 -24.82 -6.36 23.00
N LYS C 334 -24.81 -6.29 21.68
CA LYS C 334 -25.27 -5.09 20.97
C LYS C 334 -26.76 -4.79 21.17
N PHE C 335 -27.54 -5.78 21.61
CA PHE C 335 -28.97 -5.61 21.88
C PHE C 335 -29.31 -5.43 23.36
N SER C 336 -28.36 -5.71 24.25
CA SER C 336 -28.52 -5.56 25.70
C SER C 336 -29.59 -6.50 26.28
N ILE C 337 -29.70 -7.69 25.68
CA ILE C 337 -30.51 -8.77 26.18
C ILE C 337 -29.60 -9.94 26.55
N THR C 338 -29.92 -10.64 27.63
CA THR C 338 -29.16 -11.83 28.05
C THR C 338 -29.65 -13.03 27.24
N GLY C 339 -28.96 -14.15 27.36
CA GLY C 339 -29.34 -15.37 26.66
C GLY C 339 -30.64 -15.99 27.16
N SER C 340 -30.83 -15.99 28.48
CA SER C 340 -32.08 -16.50 29.10
C SER C 340 -33.33 -15.84 28.53
N LYS C 341 -33.29 -14.52 28.31
CA LYS C 341 -34.49 -13.80 27.84
C LYS C 341 -34.86 -14.29 26.46
N LEU C 342 -33.87 -14.33 25.55
CA LEU C 342 -34.11 -14.82 24.21
C LEU C 342 -34.52 -16.28 24.25
N GLN C 343 -33.93 -17.06 25.16
CA GLN C 343 -34.36 -18.46 25.31
C GLN C 343 -35.83 -18.56 25.72
N GLU C 344 -36.20 -17.75 26.70
CA GLU C 344 -37.62 -17.67 27.14
C GLU C 344 -38.53 -17.24 26.00
N THR C 345 -38.12 -16.20 25.28
CA THR C 345 -38.86 -15.73 24.12
C THR C 345 -38.99 -16.77 23.02
N CYS C 346 -37.92 -17.53 22.78
CA CYS C 346 -37.90 -18.56 21.74
C CYS C 346 -38.74 -19.77 22.17
N ASN C 347 -38.67 -20.14 23.44
CA ASN C 347 -39.55 -21.21 23.97
C ASN C 347 -41.02 -20.82 23.74
N ALA C 348 -41.35 -19.56 24.01
CA ALA C 348 -42.71 -19.03 23.82
C ALA C 348 -43.21 -19.13 22.37
N ILE C 349 -42.29 -19.15 21.40
CA ILE C 349 -42.67 -19.38 20.00
C ILE C 349 -42.30 -20.75 19.43
N ASN C 350 -42.08 -21.73 20.31
CA ASN C 350 -41.68 -23.08 19.91
C ASN C 350 -40.36 -23.15 19.11
N VAL C 351 -39.39 -22.36 19.55
CA VAL C 351 -38.03 -22.41 19.00
C VAL C 351 -37.18 -22.93 20.14
N SER C 352 -36.61 -24.11 19.93
CA SER C 352 -35.68 -24.68 20.93
C SER C 352 -34.23 -24.27 20.67
N LEU C 353 -33.65 -23.56 21.64
CA LEU C 353 -32.25 -23.15 21.61
C LEU C 353 -31.80 -22.92 23.05
N ASN C 354 -30.49 -22.89 23.30
CA ASN C 354 -30.02 -22.67 24.67
C ASN C 354 -29.16 -21.45 24.80
N LYS C 355 -29.24 -20.86 25.98
CA LYS C 355 -28.33 -19.82 26.44
C LYS C 355 -26.89 -20.35 26.54
N ASN C 356 -25.92 -19.48 26.29
CA ASN C 356 -24.53 -19.90 26.18
C ASN C 356 -23.61 -18.72 26.39
N THR C 357 -22.55 -18.93 27.16
CA THR C 357 -21.51 -17.91 27.37
C THR C 357 -20.77 -17.54 26.08
N ILE C 358 -20.13 -16.37 26.13
CA ILE C 358 -19.27 -15.86 25.07
C ILE C 358 -17.95 -15.46 25.72
N PRO C 359 -16.92 -15.12 24.91
CA PRO C 359 -15.62 -14.79 25.52
C PRO C 359 -15.65 -13.66 26.53
N SER C 360 -16.39 -12.60 26.26
CA SER C 360 -16.46 -11.46 27.18
C SER C 360 -17.09 -11.81 28.54
N ASP C 361 -17.91 -12.87 28.61
CA ASP C 361 -18.61 -13.20 29.86
C ASP C 361 -17.65 -13.56 30.98
N VAL C 362 -18.00 -13.11 32.18
CA VAL C 362 -17.13 -13.20 33.35
C VAL C 362 -17.25 -14.64 33.91
N ASP C 363 -18.49 -15.10 34.03
CA ASP C 363 -18.84 -16.39 34.65
C ASP C 363 -19.92 -17.08 33.81
N CYS C 364 -20.59 -18.09 34.38
CA CYS C 364 -21.72 -18.76 33.73
C CYS C 364 -23.14 -18.30 34.15
N VAL C 365 -23.22 -17.41 35.15
CA VAL C 365 -24.46 -16.68 35.47
C VAL C 365 -24.55 -15.51 34.49
N SER C 366 -25.74 -15.29 33.92
CA SER C 366 -25.93 -14.26 32.88
C SER C 366 -25.05 -14.45 31.61
N PRO C 367 -25.24 -15.58 30.91
CA PRO C 367 -24.58 -15.72 29.60
C PRO C 367 -25.19 -14.79 28.54
N SER C 368 -24.32 -14.15 27.76
CA SER C 368 -24.75 -13.15 26.81
C SER C 368 -24.91 -13.70 25.39
N GLY C 369 -25.06 -15.01 25.23
CA GLY C 369 -25.29 -15.56 23.91
C GLY C 369 -26.27 -16.66 23.91
N VAL C 370 -26.57 -17.13 22.72
CA VAL C 370 -27.35 -18.33 22.57
C VAL C 370 -26.66 -19.22 21.55
N ARG C 371 -26.67 -20.53 21.79
CA ARG C 371 -26.11 -21.49 20.88
C ARG C 371 -27.22 -22.12 20.06
N ILE C 372 -26.99 -22.21 18.76
CA ILE C 372 -27.91 -22.87 17.83
C ILE C 372 -27.15 -23.90 16.95
N GLY C 373 -27.85 -24.91 16.45
CA GLY C 373 -27.26 -25.86 15.52
C GLY C 373 -28.27 -26.42 14.57
N THR C 374 -27.80 -26.97 13.45
CA THR C 374 -28.66 -27.51 12.40
C THR C 374 -28.88 -29.00 12.30
N PRO C 375 -28.26 -29.84 13.16
CA PRO C 375 -28.47 -31.29 12.87
C PRO C 375 -29.95 -31.76 12.91
N ALA C 376 -30.66 -31.38 13.98
CA ALA C 376 -32.09 -31.69 14.14
C ALA C 376 -32.94 -31.31 12.91
N MET C 377 -32.88 -30.04 12.51
CA MET C 377 -33.71 -29.51 11.40
C MET C 377 -33.28 -30.05 10.05
N THR C 378 -31.99 -30.32 9.91
CA THR C 378 -31.48 -30.99 8.72
C THR C 378 -31.99 -32.40 8.59
N THR C 379 -32.10 -33.08 9.73
CA THR C 379 -32.76 -34.39 9.76
C THR C 379 -34.22 -34.28 9.29
N ARG C 380 -34.88 -33.19 9.66
CA ARG C 380 -36.28 -32.96 9.26
C ARG C 380 -36.46 -32.52 7.80
N GLY C 381 -35.37 -32.33 7.06
CA GLY C 381 -35.43 -32.10 5.62
C GLY C 381 -35.21 -30.65 5.19
N ALA C 382 -34.91 -29.76 6.14
CA ALA C 382 -34.64 -28.35 5.82
C ALA C 382 -33.38 -28.20 4.98
N LYS C 383 -33.43 -27.27 4.03
CA LYS C 383 -32.36 -26.98 3.10
C LYS C 383 -31.77 -25.57 3.35
N GLU C 384 -30.84 -25.14 2.49
CA GLU C 384 -30.22 -23.79 2.63
C GLU C 384 -31.25 -22.66 2.57
N LYS C 385 -32.22 -22.82 1.67
CA LYS C 385 -33.29 -21.82 1.42
C LYS C 385 -34.22 -21.66 2.64
N ASP C 386 -34.36 -22.73 3.42
CA ASP C 386 -35.14 -22.71 4.67
C ASP C 386 -34.50 -21.96 5.84
N MET C 387 -33.20 -21.67 5.75
CA MET C 387 -32.47 -21.02 6.83
C MET C 387 -32.74 -19.53 6.96
N GLU C 388 -33.10 -18.87 5.86
CA GLU C 388 -33.45 -17.44 5.93
C GLU C 388 -34.70 -17.28 6.83
N PHE C 389 -35.66 -18.18 6.70
CA PHE C 389 -36.81 -18.18 7.60
C PHE C 389 -36.40 -18.36 9.06
N ILE C 390 -35.53 -19.34 9.35
CA ILE C 390 -35.05 -19.51 10.72
C ILE C 390 -34.31 -18.28 11.18
N ALA C 391 -33.51 -17.69 10.28
CA ALA C 391 -32.86 -16.43 10.56
C ALA C 391 -33.87 -15.30 10.81
N ASP C 392 -34.88 -15.22 9.94
CA ASP C 392 -36.04 -14.28 10.10
C ASP C 392 -36.75 -14.45 11.46
N VAL C 393 -37.08 -15.69 11.80
CA VAL C 393 -37.76 -15.98 13.09
C VAL C 393 -36.88 -15.59 14.25
N LEU C 394 -35.58 -15.88 14.18
CA LEU C 394 -34.64 -15.49 15.26
C LEU C 394 -34.42 -13.98 15.40
N ALA C 395 -34.36 -13.27 14.27
CA ALA C 395 -34.30 -11.80 14.28
C ALA C 395 -35.58 -11.19 14.89
N ARG C 396 -36.73 -11.74 14.51
CA ARG C 396 -38.03 -11.26 15.06
C ARG C 396 -38.10 -11.48 16.56
N ALA C 397 -37.53 -12.59 17.06
CA ALA C 397 -37.55 -12.90 18.49
C ALA C 397 -36.60 -12.05 19.27
N ILE C 398 -35.47 -11.68 18.66
CA ILE C 398 -34.57 -10.75 19.30
C ILE C 398 -35.26 -9.40 19.44
N LYS C 399 -35.90 -8.94 18.37
CA LYS C 399 -36.59 -7.63 18.40
C LYS C 399 -37.68 -7.63 19.51
N ILE C 400 -38.59 -8.62 19.41
CA ILE C 400 -39.64 -8.82 20.41
C ILE C 400 -39.07 -8.84 21.81
N THR C 401 -37.96 -9.53 22.01
CA THR C 401 -37.31 -9.59 23.33
C THR C 401 -36.89 -8.21 23.80
N VAL C 402 -36.35 -7.39 22.90
CA VAL C 402 -35.89 -6.03 23.27
C VAL C 402 -37.09 -5.15 23.67
N ASP C 403 -38.19 -5.24 22.90
CA ASP C 403 -39.46 -4.53 23.19
C ASP C 403 -39.96 -4.85 24.59
N LEU C 404 -40.15 -6.14 24.86
CA LEU C 404 -40.61 -6.63 26.15
C LEU C 404 -39.73 -6.15 27.30
N GLN C 405 -38.43 -6.17 27.09
CA GLN C 405 -37.49 -5.68 28.10
C GLN C 405 -37.70 -4.19 28.47
N GLU C 406 -38.00 -3.39 27.45
CA GLU C 406 -38.28 -1.95 27.64
C GLU C 406 -39.58 -1.74 28.42
N GLN C 407 -40.60 -2.51 28.06
CA GLN C 407 -41.92 -2.43 28.69
C GLN C 407 -41.89 -2.93 30.16
N TYR C 408 -41.42 -4.15 30.38
CA TYR C 408 -41.53 -4.79 31.70
C TYR C 408 -40.27 -4.75 32.57
N GLY C 409 -39.13 -4.30 32.03
CA GLY C 409 -37.88 -4.19 32.79
C GLY C 409 -36.92 -5.35 32.54
N LYS C 410 -35.68 -5.17 33.02
CA LYS C 410 -34.57 -6.11 32.74
C LYS C 410 -34.47 -7.30 33.71
N LYS C 411 -35.05 -7.18 34.91
CA LYS C 411 -35.11 -8.29 35.85
C LYS C 411 -35.87 -9.44 35.18
N LEU C 412 -35.32 -10.66 35.25
CA LEU C 412 -35.91 -11.82 34.55
C LEU C 412 -37.34 -12.11 35.02
N VAL C 413 -37.56 -11.99 36.33
CA VAL C 413 -38.90 -12.24 36.93
C VAL C 413 -39.95 -11.35 36.25
N ASP C 414 -39.65 -10.05 36.21
CA ASP C 414 -40.47 -9.04 35.52
C ASP C 414 -40.61 -9.34 34.02
N PHE C 415 -39.48 -9.63 33.34
CA PHE C 415 -39.45 -9.84 31.89
C PHE C 415 -40.48 -10.87 31.45
N LYS C 416 -40.46 -12.04 32.09
CA LYS C 416 -41.30 -13.17 31.67
C LYS C 416 -42.80 -12.89 31.71
N LYS C 417 -43.25 -12.00 32.62
CA LYS C 417 -44.67 -11.63 32.72
C LYS C 417 -45.18 -11.01 31.43
N GLY C 418 -44.30 -10.33 30.69
CA GLY C 418 -44.66 -9.80 29.37
C GLY C 418 -44.99 -10.86 28.31
N LEU C 419 -44.47 -12.07 28.50
CA LEU C 419 -44.57 -13.16 27.52
C LEU C 419 -45.98 -13.75 27.28
N PRO C 420 -46.70 -14.13 28.36
CA PRO C 420 -47.95 -14.84 28.12
C PRO C 420 -49.02 -13.91 27.54
N GLY C 421 -49.70 -14.40 26.51
CA GLY C 421 -50.72 -13.62 25.83
C GLY C 421 -50.24 -12.58 24.82
N ASN C 422 -48.93 -12.40 24.67
CA ASN C 422 -48.39 -11.41 23.73
C ASN C 422 -48.87 -11.73 22.32
N ALA C 423 -49.53 -10.75 21.71
CA ALA C 423 -50.14 -10.89 20.38
C ALA C 423 -49.15 -11.30 19.30
N GLN C 424 -47.98 -10.68 19.29
CA GLN C 424 -46.94 -10.97 18.26
C GLN C 424 -46.33 -12.36 18.43
N LEU C 425 -46.13 -12.79 19.67
CA LEU C 425 -45.62 -14.13 19.95
C LEU C 425 -46.57 -15.22 19.50
N GLN C 426 -47.87 -15.04 19.77
CA GLN C 426 -48.89 -16.01 19.33
C GLN C 426 -48.93 -16.02 17.82
N GLN C 427 -48.77 -14.84 17.21
CA GLN C 427 -48.58 -14.70 15.77
C GLN C 427 -47.31 -15.45 15.27
N LEU C 428 -46.20 -15.28 15.97
CA LEU C 428 -44.94 -15.87 15.53
C LEU C 428 -44.91 -17.37 15.83
N LYS C 429 -45.28 -17.74 17.05
CA LYS C 429 -45.49 -19.15 17.43
C LYS C 429 -46.33 -19.88 16.37
N GLN C 430 -47.46 -19.28 16.03
CA GLN C 430 -48.36 -19.85 15.02
C GLN C 430 -47.63 -20.06 13.70
N GLU C 431 -46.77 -19.09 13.35
CA GLU C 431 -45.93 -19.15 12.16
C GLU C 431 -44.93 -20.31 12.25
N VAL C 432 -44.35 -20.48 13.43
CA VAL C 432 -43.45 -21.59 13.72
C VAL C 432 -44.17 -22.95 13.57
N VAL C 433 -45.31 -23.11 14.26
CA VAL C 433 -46.05 -24.38 14.29
C VAL C 433 -46.42 -24.85 12.89
N THR C 434 -46.75 -23.93 12.01
CA THR C 434 -47.25 -24.24 10.67
C THR C 434 -46.15 -24.75 9.73
N TRP C 435 -44.98 -24.13 9.79
CA TRP C 435 -43.84 -24.55 8.99
C TRP C 435 -43.27 -25.89 9.51
N ALA C 436 -43.02 -25.96 10.81
CA ALA C 436 -42.41 -27.13 11.47
C ALA C 436 -43.29 -28.38 11.40
N GLY C 437 -44.57 -28.22 11.73
CA GLY C 437 -45.56 -29.30 11.63
C GLY C 437 -45.62 -30.00 10.29
N ALA C 438 -45.33 -29.27 9.21
CA ALA C 438 -45.33 -29.81 7.84
C ALA C 438 -44.15 -30.72 7.52
N LEU C 439 -43.01 -30.44 8.15
CA LEU C 439 -41.77 -31.15 7.84
C LEU C 439 -41.85 -32.64 8.16
N PRO C 440 -41.14 -33.49 7.39
CA PRO C 440 -41.12 -34.90 7.73
C PRO C 440 -40.59 -35.14 9.15
N PHE C 441 -41.13 -36.17 9.78
CA PHE C 441 -40.82 -36.47 11.17
C PHE C 441 -40.52 -37.95 11.23
N PRO C 442 -39.34 -38.34 11.75
CA PRO C 442 -39.13 -39.76 11.97
C PRO C 442 -40.02 -40.27 13.09
#